data_3BOV
# 
_entry.id   3BOV 
# 
_audit_conform.dict_name       mmcif_pdbx.dic 
_audit_conform.dict_version    5.398 
_audit_conform.dict_location   http://mmcif.pdb.org/dictionaries/ascii/mmcif_pdbx.dic 
# 
loop_
_database_2.database_id 
_database_2.database_code 
_database_2.pdbx_database_accession 
_database_2.pdbx_DOI 
PDB   3BOV         pdb_00003bov 10.2210/pdb3bov/pdb 
RCSB  RCSB045783   ?            ?                   
WWPDB D_1000045783 ?            ?                   
# 
loop_
_pdbx_audit_revision_history.ordinal 
_pdbx_audit_revision_history.data_content_type 
_pdbx_audit_revision_history.major_revision 
_pdbx_audit_revision_history.minor_revision 
_pdbx_audit_revision_history.revision_date 
1 'Structure model' 1 0 2008-07-15 
2 'Structure model' 1 1 2011-07-13 
3 'Structure model' 1 2 2017-10-25 
4 'Structure model' 1 3 2024-04-03 
5 'Structure model' 1 4 2024-11-13 
# 
_pdbx_audit_revision_details.ordinal             1 
_pdbx_audit_revision_details.revision_ordinal    1 
_pdbx_audit_revision_details.data_content_type   'Structure model' 
_pdbx_audit_revision_details.provider            repository 
_pdbx_audit_revision_details.type                'Initial release' 
_pdbx_audit_revision_details.description         ? 
_pdbx_audit_revision_details.details             ? 
# 
loop_
_pdbx_audit_revision_group.ordinal 
_pdbx_audit_revision_group.revision_ordinal 
_pdbx_audit_revision_group.data_content_type 
_pdbx_audit_revision_group.group 
1 2 'Structure model' 'Version format compliance' 
2 3 'Structure model' 'Refinement description'    
3 4 'Structure model' 'Data collection'           
4 4 'Structure model' 'Database references'       
5 4 'Structure model' 'Derived calculations'      
6 4 'Structure model' 'Refinement description'    
7 5 'Structure model' 'Structure summary'         
# 
loop_
_pdbx_audit_revision_category.ordinal 
_pdbx_audit_revision_category.revision_ordinal 
_pdbx_audit_revision_category.data_content_type 
_pdbx_audit_revision_category.category 
1  3 'Structure model' software                      
2  4 'Structure model' chem_comp_atom                
3  4 'Structure model' chem_comp_bond                
4  4 'Structure model' database_2                    
5  4 'Structure model' pdbx_initial_refinement_model 
6  4 'Structure model' struct_conn                   
7  4 'Structure model' struct_ref_seq_dif            
8  4 'Structure model' struct_site                   
9  5 'Structure model' pdbx_entry_details            
10 5 'Structure model' pdbx_modification_feature     
# 
loop_
_pdbx_audit_revision_item.ordinal 
_pdbx_audit_revision_item.revision_ordinal 
_pdbx_audit_revision_item.data_content_type 
_pdbx_audit_revision_item.item 
1  3 'Structure model' '_software.classification'                     
2  3 'Structure model' '_software.contact_author'                     
3  3 'Structure model' '_software.contact_author_email'               
4  3 'Structure model' '_software.date'                               
5  3 'Structure model' '_software.language'                           
6  3 'Structure model' '_software.location'                           
7  3 'Structure model' '_software.name'                               
8  3 'Structure model' '_software.type'                               
9  3 'Structure model' '_software.version'                            
10 4 'Structure model' '_database_2.pdbx_DOI'                         
11 4 'Structure model' '_database_2.pdbx_database_accession'          
12 4 'Structure model' '_struct_conn.ptnr1_auth_comp_id'              
13 4 'Structure model' '_struct_conn.ptnr1_auth_seq_id'               
14 4 'Structure model' '_struct_conn.ptnr1_label_asym_id'             
15 4 'Structure model' '_struct_conn.ptnr1_label_atom_id'             
16 4 'Structure model' '_struct_conn.ptnr1_label_comp_id'             
17 4 'Structure model' '_struct_conn.ptnr1_label_seq_id'              
18 4 'Structure model' '_struct_conn.ptnr2_auth_comp_id'              
19 4 'Structure model' '_struct_conn.ptnr2_auth_seq_id'               
20 4 'Structure model' '_struct_conn.ptnr2_label_asym_id'             
21 4 'Structure model' '_struct_conn.ptnr2_label_atom_id'             
22 4 'Structure model' '_struct_conn.ptnr2_label_comp_id'             
23 4 'Structure model' '_struct_conn.ptnr2_label_seq_id'              
24 4 'Structure model' '_struct_ref_seq_dif.details'                  
25 4 'Structure model' '_struct_site.pdbx_auth_asym_id'               
26 4 'Structure model' '_struct_site.pdbx_auth_comp_id'               
27 4 'Structure model' '_struct_site.pdbx_auth_seq_id'                
28 5 'Structure model' '_pdbx_entry_details.has_protein_modification' 
# 
_pdbx_database_status.entry_id                        3BOV 
_pdbx_database_status.deposit_site                    RCSB 
_pdbx_database_status.process_site                    RCSB 
_pdbx_database_status.recvd_initial_deposition_date   2007-12-17 
_pdbx_database_status.status_code                     REL 
_pdbx_database_status.status_code_sf                  REL 
_pdbx_database_status.status_code_mr                  ? 
_pdbx_database_status.SG_entry                        ? 
_pdbx_database_status.pdb_format_compatible           Y 
_pdbx_database_status.status_code_cs                  ? 
_pdbx_database_status.methods_development_category    ? 
_pdbx_database_status.status_code_nmr_data            ? 
# 
loop_
_audit_author.name 
_audit_author.pdbx_ordinal 
'Lazar-Molnar, E.' 1 
'Ramagopal, U.'    2 
'Cao, E.'          3 
'Toro, R.'         4 
'Nathenson, S.G.'  5 
'Almo, S.C.'       6 
# 
_citation.id                        primary 
_citation.title                     'Crystal structure of the complex between programmed death-1 (PD-1) and its ligand PD-L2.' 
_citation.journal_abbrev            Proc.Natl.Acad.Sci.USA 
_citation.journal_volume            105 
_citation.page_first                10483 
_citation.page_last                 10488 
_citation.year                      2008 
_citation.journal_id_ASTM           PNASA6 
_citation.country                   US 
_citation.journal_id_ISSN           0027-8424 
_citation.journal_id_CSD            0040 
_citation.book_publisher            ? 
_citation.pdbx_database_id_PubMed   18641123 
_citation.pdbx_database_id_DOI      10.1073/pnas.0804453105 
# 
loop_
_citation_author.citation_id 
_citation_author.name 
_citation_author.ordinal 
_citation_author.identifier_ORCID 
primary 'Lazar-Molnar, E.' 1 ? 
primary 'Yan, Q.'          2 ? 
primary 'Cao, E.'          3 ? 
primary 'Ramagopal, U.'    4 ? 
primary 'Nathenson, S.G.'  5 ? 
primary 'Almo, S.C.'       6 ? 
# 
loop_
_entity.id 
_entity.type 
_entity.src_method 
_entity.pdbx_description 
_entity.formula_weight 
_entity.pdbx_number_of_molecules 
_entity.pdbx_ec 
_entity.pdbx_mutation 
_entity.pdbx_fragment 
_entity.details 
1 polymer     man 'Programmed cell death 1 ligand 2' 11822.449 1  ? ? 'Immunoglobulin-like V-type: residues 20-123' ? 
2 non-polymer syn 'SODIUM ION'                       22.990    1  ? ? ?                                             ? 
3 non-polymer syn 'FORMIC ACID'                      46.025    1  ? ? ?                                             ? 
4 water       nat water                              18.015    81 ? ? ?                                             ? 
# 
_entity_name_com.entity_id   1 
_entity_name_com.name        
'Programmed death ligand 2, PD-L2, PD-1-ligand 2, PDCD1 ligand 2, Butyrophilin B7-DC, B7-DC, CD273 antigen' 
# 
_entity_poly.entity_id                      1 
_entity_poly.type                           'polypeptide(L)' 
_entity_poly.nstd_linkage                   no 
_entity_poly.nstd_monomer                   no 
_entity_poly.pdbx_seq_one_letter_code       
;MLFTVTAPKEVYTVDVGSSVSLECDFDRRECTELEGIRASLQKVENDTSLQSERATLLEEQLPLGKALFHIPSVQVRDSG
QYRCLVICGAAWDYKYLTVKVKASY
;
_entity_poly.pdbx_seq_one_letter_code_can   
;MLFTVTAPKEVYTVDVGSSVSLECDFDRRECTELEGIRASLQKVENDTSLQSERATLLEEQLPLGKALFHIPSVQVRDSG
QYRCLVICGAAWDYKYLTVKVKASY
;
_entity_poly.pdbx_strand_id                 A 
_entity_poly.pdbx_target_identifier         ? 
# 
loop_
_pdbx_entity_nonpoly.entity_id 
_pdbx_entity_nonpoly.name 
_pdbx_entity_nonpoly.comp_id 
2 'SODIUM ION'  NA  
3 'FORMIC ACID' FMT 
4 water         HOH 
# 
loop_
_entity_poly_seq.entity_id 
_entity_poly_seq.num 
_entity_poly_seq.mon_id 
_entity_poly_seq.hetero 
1 1   MET n 
1 2   LEU n 
1 3   PHE n 
1 4   THR n 
1 5   VAL n 
1 6   THR n 
1 7   ALA n 
1 8   PRO n 
1 9   LYS n 
1 10  GLU n 
1 11  VAL n 
1 12  TYR n 
1 13  THR n 
1 14  VAL n 
1 15  ASP n 
1 16  VAL n 
1 17  GLY n 
1 18  SER n 
1 19  SER n 
1 20  VAL n 
1 21  SER n 
1 22  LEU n 
1 23  GLU n 
1 24  CYS n 
1 25  ASP n 
1 26  PHE n 
1 27  ASP n 
1 28  ARG n 
1 29  ARG n 
1 30  GLU n 
1 31  CYS n 
1 32  THR n 
1 33  GLU n 
1 34  LEU n 
1 35  GLU n 
1 36  GLY n 
1 37  ILE n 
1 38  ARG n 
1 39  ALA n 
1 40  SER n 
1 41  LEU n 
1 42  GLN n 
1 43  LYS n 
1 44  VAL n 
1 45  GLU n 
1 46  ASN n 
1 47  ASP n 
1 48  THR n 
1 49  SER n 
1 50  LEU n 
1 51  GLN n 
1 52  SER n 
1 53  GLU n 
1 54  ARG n 
1 55  ALA n 
1 56  THR n 
1 57  LEU n 
1 58  LEU n 
1 59  GLU n 
1 60  GLU n 
1 61  GLN n 
1 62  LEU n 
1 63  PRO n 
1 64  LEU n 
1 65  GLY n 
1 66  LYS n 
1 67  ALA n 
1 68  LEU n 
1 69  PHE n 
1 70  HIS n 
1 71  ILE n 
1 72  PRO n 
1 73  SER n 
1 74  VAL n 
1 75  GLN n 
1 76  VAL n 
1 77  ARG n 
1 78  ASP n 
1 79  SER n 
1 80  GLY n 
1 81  GLN n 
1 82  TYR n 
1 83  ARG n 
1 84  CYS n 
1 85  LEU n 
1 86  VAL n 
1 87  ILE n 
1 88  CYS n 
1 89  GLY n 
1 90  ALA n 
1 91  ALA n 
1 92  TRP n 
1 93  ASP n 
1 94  TYR n 
1 95  LYS n 
1 96  TYR n 
1 97  LEU n 
1 98  THR n 
1 99  VAL n 
1 100 LYS n 
1 101 VAL n 
1 102 LYS n 
1 103 ALA n 
1 104 SER n 
1 105 TYR n 
# 
_entity_src_gen.entity_id                          1 
_entity_src_gen.pdbx_src_id                        1 
_entity_src_gen.pdbx_alt_source_flag               sample 
_entity_src_gen.pdbx_seq_type                      ? 
_entity_src_gen.pdbx_beg_seq_num                   ? 
_entity_src_gen.pdbx_end_seq_num                   ? 
_entity_src_gen.gene_src_common_name               Mouse 
_entity_src_gen.gene_src_genus                     ? 
_entity_src_gen.pdbx_gene_src_gene                 'Pdcd1lg2, B7dc, Btdc, Cd273, Pdl2' 
_entity_src_gen.gene_src_species                   ? 
_entity_src_gen.gene_src_strain                    ? 
_entity_src_gen.gene_src_tissue                    ? 
_entity_src_gen.gene_src_tissue_fraction           ? 
_entity_src_gen.gene_src_details                   ? 
_entity_src_gen.pdbx_gene_src_fragment             ? 
_entity_src_gen.pdbx_gene_src_scientific_name      'Mus musculus' 
_entity_src_gen.pdbx_gene_src_ncbi_taxonomy_id     ? 
_entity_src_gen.pdbx_gene_src_variant              ? 
_entity_src_gen.pdbx_gene_src_cell_line            ? 
_entity_src_gen.pdbx_gene_src_atcc                 ? 
_entity_src_gen.pdbx_gene_src_organ                ? 
_entity_src_gen.pdbx_gene_src_organelle            ? 
_entity_src_gen.pdbx_gene_src_cell                 ? 
_entity_src_gen.pdbx_gene_src_cellular_location    ? 
_entity_src_gen.host_org_common_name               ? 
_entity_src_gen.pdbx_host_org_scientific_name      'Escherichia coli' 
_entity_src_gen.pdbx_host_org_ncbi_taxonomy_id     ? 
_entity_src_gen.host_org_genus                     ? 
_entity_src_gen.pdbx_host_org_gene                 ? 
_entity_src_gen.pdbx_host_org_organ                ? 
_entity_src_gen.host_org_species                   ? 
_entity_src_gen.pdbx_host_org_tissue               ? 
_entity_src_gen.pdbx_host_org_tissue_fraction      ? 
_entity_src_gen.pdbx_host_org_strain               'Rosetta(DE3)pLysS' 
_entity_src_gen.pdbx_host_org_variant              ? 
_entity_src_gen.pdbx_host_org_cell_line            ? 
_entity_src_gen.pdbx_host_org_atcc                 ? 
_entity_src_gen.pdbx_host_org_culture_collection   ? 
_entity_src_gen.pdbx_host_org_cell                 ? 
_entity_src_gen.pdbx_host_org_organelle            ? 
_entity_src_gen.pdbx_host_org_cellular_location    ? 
_entity_src_gen.pdbx_host_org_vector_type          Plasmid 
_entity_src_gen.pdbx_host_org_vector               ? 
_entity_src_gen.host_org_details                   ? 
_entity_src_gen.expression_system_id               ? 
_entity_src_gen.plasmid_name                       pET3a 
_entity_src_gen.plasmid_details                    ? 
_entity_src_gen.pdbx_description                   ? 
# 
loop_
_chem_comp.id 
_chem_comp.type 
_chem_comp.mon_nstd_flag 
_chem_comp.name 
_chem_comp.pdbx_synonyms 
_chem_comp.formula 
_chem_comp.formula_weight 
ALA 'L-peptide linking' y ALANINE         ? 'C3 H7 N O2'     89.093  
ARG 'L-peptide linking' y ARGININE        ? 'C6 H15 N4 O2 1' 175.209 
ASN 'L-peptide linking' y ASPARAGINE      ? 'C4 H8 N2 O3'    132.118 
ASP 'L-peptide linking' y 'ASPARTIC ACID' ? 'C4 H7 N O4'     133.103 
CYS 'L-peptide linking' y CYSTEINE        ? 'C3 H7 N O2 S'   121.158 
FMT non-polymer         . 'FORMIC ACID'   ? 'C H2 O2'        46.025  
GLN 'L-peptide linking' y GLUTAMINE       ? 'C5 H10 N2 O3'   146.144 
GLU 'L-peptide linking' y 'GLUTAMIC ACID' ? 'C5 H9 N O4'     147.129 
GLY 'peptide linking'   y GLYCINE         ? 'C2 H5 N O2'     75.067  
HIS 'L-peptide linking' y HISTIDINE       ? 'C6 H10 N3 O2 1' 156.162 
HOH non-polymer         . WATER           ? 'H2 O'           18.015  
ILE 'L-peptide linking' y ISOLEUCINE      ? 'C6 H13 N O2'    131.173 
LEU 'L-peptide linking' y LEUCINE         ? 'C6 H13 N O2'    131.173 
LYS 'L-peptide linking' y LYSINE          ? 'C6 H15 N2 O2 1' 147.195 
MET 'L-peptide linking' y METHIONINE      ? 'C5 H11 N O2 S'  149.211 
NA  non-polymer         . 'SODIUM ION'    ? 'Na 1'           22.990  
PHE 'L-peptide linking' y PHENYLALANINE   ? 'C9 H11 N O2'    165.189 
PRO 'L-peptide linking' y PROLINE         ? 'C5 H9 N O2'     115.130 
SER 'L-peptide linking' y SERINE          ? 'C3 H7 N O3'     105.093 
THR 'L-peptide linking' y THREONINE       ? 'C4 H9 N O3'     119.119 
TRP 'L-peptide linking' y TRYPTOPHAN      ? 'C11 H12 N2 O2'  204.225 
TYR 'L-peptide linking' y TYROSINE        ? 'C9 H11 N O3'    181.189 
VAL 'L-peptide linking' y VALINE          ? 'C5 H11 N O2'    117.146 
# 
loop_
_pdbx_poly_seq_scheme.asym_id 
_pdbx_poly_seq_scheme.entity_id 
_pdbx_poly_seq_scheme.seq_id 
_pdbx_poly_seq_scheme.mon_id 
_pdbx_poly_seq_scheme.ndb_seq_num 
_pdbx_poly_seq_scheme.pdb_seq_num 
_pdbx_poly_seq_scheme.auth_seq_num 
_pdbx_poly_seq_scheme.pdb_mon_id 
_pdbx_poly_seq_scheme.auth_mon_id 
_pdbx_poly_seq_scheme.pdb_strand_id 
_pdbx_poly_seq_scheme.pdb_ins_code 
_pdbx_poly_seq_scheme.hetero 
A 1 1   MET 1   19  ?   ?   ?   A . n 
A 1 2   LEU 2   20  20  LEU LEU A . n 
A 1 3   PHE 3   21  21  PHE PHE A . n 
A 1 4   THR 4   22  22  THR THR A . n 
A 1 5   VAL 5   23  23  VAL VAL A . n 
A 1 6   THR 6   24  24  THR THR A . n 
A 1 7   ALA 7   25  25  ALA ALA A . n 
A 1 8   PRO 8   26  26  PRO PRO A . n 
A 1 9   LYS 9   27  27  LYS LYS A . n 
A 1 10  GLU 10  28  28  GLU GLU A . n 
A 1 11  VAL 11  29  29  VAL VAL A . n 
A 1 12  TYR 12  30  30  TYR TYR A . n 
A 1 13  THR 13  31  31  THR THR A . n 
A 1 14  VAL 14  32  32  VAL VAL A . n 
A 1 15  ASP 15  33  33  ASP ASP A . n 
A 1 16  VAL 16  34  34  VAL VAL A . n 
A 1 17  GLY 17  35  35  GLY GLY A . n 
A 1 18  SER 18  36  36  SER SER A . n 
A 1 19  SER 19  37  37  SER SER A . n 
A 1 20  VAL 20  38  38  VAL VAL A . n 
A 1 21  SER 21  39  39  SER SER A . n 
A 1 22  LEU 22  40  40  LEU LEU A . n 
A 1 23  GLU 23  41  41  GLU GLU A . n 
A 1 24  CYS 24  42  42  CYS CYS A . n 
A 1 25  ASP 25  43  43  ASP ASP A . n 
A 1 26  PHE 26  44  44  PHE PHE A . n 
A 1 27  ASP 27  45  45  ASP ASP A . n 
A 1 28  ARG 28  46  46  ARG ARG A . n 
A 1 29  ARG 29  47  47  ARG ARG A . n 
A 1 30  GLU 30  48  48  GLU GLU A . n 
A 1 31  CYS 31  49  49  CYS CYS A . n 
A 1 32  THR 32  50  50  THR THR A . n 
A 1 33  GLU 33  51  51  GLU GLU A . n 
A 1 34  LEU 34  52  52  LEU LEU A . n 
A 1 35  GLU 35  53  53  GLU GLU A . n 
A 1 36  GLY 36  54  54  GLY GLY A . n 
A 1 37  ILE 37  55  55  ILE ILE A . n 
A 1 38  ARG 38  56  56  ARG ARG A . n 
A 1 39  ALA 39  57  57  ALA ALA A . n 
A 1 40  SER 40  58  58  SER SER A . n 
A 1 41  LEU 41  59  59  LEU LEU A . n 
A 1 42  GLN 42  60  60  GLN GLN A . n 
A 1 43  LYS 43  61  61  LYS LYS A . n 
A 1 44  VAL 44  62  62  VAL VAL A . n 
A 1 45  GLU 45  63  63  GLU GLU A . n 
A 1 46  ASN 46  64  64  ASN ASN A . n 
A 1 47  ASP 47  65  65  ASP ASP A . n 
A 1 48  THR 48  66  66  THR THR A . n 
A 1 49  SER 49  67  67  SER SER A . n 
A 1 50  LEU 50  68  68  LEU LEU A . n 
A 1 51  GLN 51  69  69  GLN GLN A . n 
A 1 52  SER 52  70  70  SER SER A . n 
A 1 53  GLU 53  71  71  GLU GLU A . n 
A 1 54  ARG 54  72  72  ARG ARG A . n 
A 1 55  ALA 55  73  73  ALA ALA A . n 
A 1 56  THR 56  74  74  THR THR A . n 
A 1 57  LEU 57  75  75  LEU LEU A . n 
A 1 58  LEU 58  76  76  LEU LEU A . n 
A 1 59  GLU 59  77  77  GLU GLU A . n 
A 1 60  GLU 60  78  78  GLU GLU A . n 
A 1 61  GLN 61  79  79  GLN GLN A . n 
A 1 62  LEU 62  80  80  LEU LEU A . n 
A 1 63  PRO 63  81  81  PRO PRO A . n 
A 1 64  LEU 64  82  82  LEU LEU A . n 
A 1 65  GLY 65  83  83  GLY GLY A . n 
A 1 66  LYS 66  84  84  LYS LYS A . n 
A 1 67  ALA 67  85  85  ALA ALA A . n 
A 1 68  LEU 68  86  86  LEU LEU A . n 
A 1 69  PHE 69  87  87  PHE PHE A . n 
A 1 70  HIS 70  88  88  HIS HIS A . n 
A 1 71  ILE 71  89  89  ILE ILE A . n 
A 1 72  PRO 72  90  90  PRO PRO A . n 
A 1 73  SER 73  91  91  SER SER A . n 
A 1 74  VAL 74  92  92  VAL VAL A . n 
A 1 75  GLN 75  93  93  GLN GLN A . n 
A 1 76  VAL 76  94  94  VAL VAL A . n 
A 1 77  ARG 77  95  95  ARG ARG A . n 
A 1 78  ASP 78  96  96  ASP ASP A . n 
A 1 79  SER 79  97  97  SER SER A . n 
A 1 80  GLY 80  98  98  GLY GLY A . n 
A 1 81  GLN 81  99  99  GLN GLN A . n 
A 1 82  TYR 82  100 100 TYR TYR A . n 
A 1 83  ARG 83  101 101 ARG ARG A . n 
A 1 84  CYS 84  102 102 CYS CYS A . n 
A 1 85  LEU 85  103 103 LEU LEU A . n 
A 1 86  VAL 86  104 104 VAL VAL A . n 
A 1 87  ILE 87  105 105 ILE ILE A . n 
A 1 88  CYS 88  106 106 CYS CYS A . n 
A 1 89  GLY 89  107 107 GLY GLY A . n 
A 1 90  ALA 90  108 108 ALA ALA A . n 
A 1 91  ALA 91  109 109 ALA ALA A . n 
A 1 92  TRP 92  110 110 TRP TRP A . n 
A 1 93  ASP 93  111 111 ASP ASP A . n 
A 1 94  TYR 94  112 112 TYR TYR A . n 
A 1 95  LYS 95  113 113 LYS LYS A . n 
A 1 96  TYR 96  114 114 TYR TYR A . n 
A 1 97  LEU 97  115 115 LEU LEU A . n 
A 1 98  THR 98  116 116 THR THR A . n 
A 1 99  VAL 99  117 117 VAL VAL A . n 
A 1 100 LYS 100 118 118 LYS LYS A . n 
A 1 101 VAL 101 119 119 VAL VAL A . n 
A 1 102 LYS 102 120 120 LYS LYS A . n 
A 1 103 ALA 103 121 121 ALA ALA A . n 
A 1 104 SER 104 122 122 SER SER A . n 
A 1 105 TYR 105 123 123 TYR TYR A . n 
# 
loop_
_pdbx_nonpoly_scheme.asym_id 
_pdbx_nonpoly_scheme.entity_id 
_pdbx_nonpoly_scheme.mon_id 
_pdbx_nonpoly_scheme.ndb_seq_num 
_pdbx_nonpoly_scheme.pdb_seq_num 
_pdbx_nonpoly_scheme.auth_seq_num 
_pdbx_nonpoly_scheme.pdb_mon_id 
_pdbx_nonpoly_scheme.auth_mon_id 
_pdbx_nonpoly_scheme.pdb_strand_id 
_pdbx_nonpoly_scheme.pdb_ins_code 
B 2 NA  1  1   1   NA  NA  A . 
C 3 FMT 1  124 124 FMT FMT A . 
D 4 HOH 1  125 125 HOH HOH A . 
D 4 HOH 2  126 126 HOH HOH A . 
D 4 HOH 3  127 127 HOH HOH A . 
D 4 HOH 4  128 128 HOH HOH A . 
D 4 HOH 5  129 129 HOH HOH A . 
D 4 HOH 6  130 130 HOH HOH A . 
D 4 HOH 7  131 131 HOH HOH A . 
D 4 HOH 8  132 132 HOH HOH A . 
D 4 HOH 9  133 133 HOH HOH A . 
D 4 HOH 10 134 134 HOH HOH A . 
D 4 HOH 11 135 135 HOH HOH A . 
D 4 HOH 12 136 136 HOH HOH A . 
D 4 HOH 13 137 137 HOH HOH A . 
D 4 HOH 14 138 138 HOH HOH A . 
D 4 HOH 15 139 139 HOH HOH A . 
D 4 HOH 16 140 140 HOH HOH A . 
D 4 HOH 17 141 141 HOH HOH A . 
D 4 HOH 18 142 142 HOH HOH A . 
D 4 HOH 19 143 143 HOH HOH A . 
D 4 HOH 20 144 144 HOH HOH A . 
D 4 HOH 21 145 145 HOH HOH A . 
D 4 HOH 22 146 146 HOH HOH A . 
D 4 HOH 23 147 147 HOH HOH A . 
D 4 HOH 24 148 148 HOH HOH A . 
D 4 HOH 25 149 149 HOH HOH A . 
D 4 HOH 26 150 150 HOH HOH A . 
D 4 HOH 27 151 151 HOH HOH A . 
D 4 HOH 28 152 152 HOH HOH A . 
D 4 HOH 29 153 153 HOH HOH A . 
D 4 HOH 30 154 154 HOH HOH A . 
D 4 HOH 31 155 155 HOH HOH A . 
D 4 HOH 32 156 156 HOH HOH A . 
D 4 HOH 33 157 157 HOH HOH A . 
D 4 HOH 34 158 158 HOH HOH A . 
D 4 HOH 35 159 159 HOH HOH A . 
D 4 HOH 36 160 160 HOH HOH A . 
D 4 HOH 37 161 161 HOH HOH A . 
D 4 HOH 38 162 162 HOH HOH A . 
D 4 HOH 39 163 163 HOH HOH A . 
D 4 HOH 40 164 164 HOH HOH A . 
D 4 HOH 41 165 165 HOH HOH A . 
D 4 HOH 42 166 166 HOH HOH A . 
D 4 HOH 43 167 167 HOH HOH A . 
D 4 HOH 44 168 168 HOH HOH A . 
D 4 HOH 45 169 169 HOH HOH A . 
D 4 HOH 46 170 170 HOH HOH A . 
D 4 HOH 47 171 171 HOH HOH A . 
D 4 HOH 48 172 172 HOH HOH A . 
D 4 HOH 49 173 173 HOH HOH A . 
D 4 HOH 50 174 174 HOH HOH A . 
D 4 HOH 51 175 175 HOH HOH A . 
D 4 HOH 52 176 176 HOH HOH A . 
D 4 HOH 53 177 177 HOH HOH A . 
D 4 HOH 54 178 178 HOH HOH A . 
D 4 HOH 55 179 179 HOH HOH A . 
D 4 HOH 56 180 180 HOH HOH A . 
D 4 HOH 57 181 181 HOH HOH A . 
D 4 HOH 58 182 182 HOH HOH A . 
D 4 HOH 59 183 183 HOH HOH A . 
D 4 HOH 60 184 184 HOH HOH A . 
D 4 HOH 61 185 185 HOH HOH A . 
D 4 HOH 62 186 186 HOH HOH A . 
D 4 HOH 63 187 187 HOH HOH A . 
D 4 HOH 64 188 188 HOH HOH A . 
D 4 HOH 65 189 189 HOH HOH A . 
D 4 HOH 66 190 190 HOH HOH A . 
D 4 HOH 67 191 191 HOH HOH A . 
D 4 HOH 68 192 192 HOH HOH A . 
D 4 HOH 69 193 193 HOH HOH A . 
D 4 HOH 70 194 194 HOH HOH A . 
D 4 HOH 71 195 195 HOH HOH A . 
D 4 HOH 72 196 196 HOH HOH A . 
D 4 HOH 73 197 197 HOH HOH A . 
D 4 HOH 74 198 198 HOH HOH A . 
D 4 HOH 75 199 199 HOH HOH A . 
D 4 HOH 76 200 200 HOH HOH A . 
D 4 HOH 77 201 201 HOH HOH A . 
D 4 HOH 78 202 202 HOH HOH A . 
D 4 HOH 79 203 203 HOH HOH A . 
D 4 HOH 80 204 204 HOH HOH A . 
D 4 HOH 81 205 205 HOH HOH A . 
# 
loop_
_software.name 
_software.version 
_software.date 
_software.type 
_software.contact_author 
_software.contact_author_email 
_software.classification 
_software.location 
_software.language 
_software.citation_id 
_software.pdbx_ordinal 
DENZO       .     ?                    package 'Zbyszek Otwinowski' zbyszek@mix.swmed.edu    'data reduction'  
http://www.lnls.br/infra/linhasluz/denzo-hkl.htm ?          ? 1 
SCALEPACK   .     ?                    package 'Zbyszek Otwinowski' zbyszek@mix.swmed.edu    'data scaling'    
http://www.lnls.br/infra/linhasluz/denzo-hkl.htm ?          ? 2 
REFMAC      .     ?                    program 'Murshudov, G.N.'    ccp4@dl.ac.uk            refinement        
http://www.ccp4.ac.uk/main.html                  Fortran_77 ? 3 
PDB_EXTRACT 3.004 'September 10, 2007' package PDB                  sw-help@rcsb.rutgers.edu 'data extraction' 
http://pdb.rutgers.edu/software/                 C++        ? 4 
CBASS       .     ?                    ?       ?                    ?                        'data collection' ? ?          ? 5 
HKL-2000    .     ?                    ?       ?                    ?                        'data reduction'  ? ?          ? 6 
MOLREP      .     ?                    ?       ?                    ?                        phasing           ? ?          ? 7 
# 
_cell.entry_id           3BOV 
_cell.length_a           45.173 
_cell.length_b           116.637 
_cell.length_c           45.108 
_cell.angle_alpha        90.00 
_cell.angle_beta         90.00 
_cell.angle_gamma        90.00 
_cell.Z_PDB              8 
_cell.pdbx_unique_axis   ? 
_cell.length_a_esd       ? 
_cell.length_b_esd       ? 
_cell.length_c_esd       ? 
_cell.angle_alpha_esd    ? 
_cell.angle_beta_esd     ? 
_cell.angle_gamma_esd    ? 
# 
_symmetry.entry_id                         3BOV 
_symmetry.space_group_name_H-M             'C 2 2 2' 
_symmetry.pdbx_full_space_group_name_H-M   ? 
_symmetry.cell_setting                     ? 
_symmetry.Int_Tables_number                21 
_symmetry.space_group_name_Hall            ? 
# 
_exptl.crystals_number   1 
_exptl.entry_id          3BOV 
_exptl.method            'X-RAY DIFFRACTION' 
# 
_exptl_crystal.id                    1 
_exptl_crystal.density_Matthews      2.51 
_exptl_crystal.density_meas          ? 
_exptl_crystal.density_percent_sol   51.05 
_exptl_crystal.description           ? 
_exptl_crystal.F_000                 ? 
_exptl_crystal.preparation           ? 
# 
_exptl_crystal_grow.crystal_id      1 
_exptl_crystal_grow.method          'VAPOR DIFFUSION, SITTING DROP' 
_exptl_crystal_grow.pH              8.5 
_exptl_crystal_grow.temp            277 
_exptl_crystal_grow.pdbx_details    
'0.4 M Magnesium Formate, 0.1 M Tris-HCl pH 8.5, Vapor diffusion, Sitting drop, temperature 277K, VAPOR DIFFUSION, SITTING DROP' 
_exptl_crystal_grow.temp_details    ? 
_exptl_crystal_grow.pdbx_pH_range   . 
# 
_diffrn.id                     1 
_diffrn.ambient_temp           100 
_diffrn.ambient_temp_details   ? 
_diffrn.crystal_id             1 
# 
_diffrn_detector.diffrn_id              1 
_diffrn_detector.detector               CCD 
_diffrn_detector.type                   'ADSC QUANTUM 315' 
_diffrn_detector.pdbx_collection_date   2007-09-21 
_diffrn_detector.details                ? 
# 
_diffrn_radiation.diffrn_id                        1 
_diffrn_radiation.pdbx_diffrn_protocol             'SINGLE WAVELENGTH' 
_diffrn_radiation.monochromator                    ? 
_diffrn_radiation.wavelength_id                    1 
_diffrn_radiation.pdbx_monochromatic_or_laue_m_l   M 
_diffrn_radiation.pdbx_scattering_type             x-ray 
# 
_diffrn_radiation_wavelength.id           1 
_diffrn_radiation_wavelength.wavelength   1.071 
_diffrn_radiation_wavelength.wt           1.0 
# 
_diffrn_source.diffrn_id                   1 
_diffrn_source.source                      SYNCHROTRON 
_diffrn_source.type                        'NSLS BEAMLINE X29A' 
_diffrn_source.pdbx_wavelength_list        1.071 
_diffrn_source.pdbx_wavelength             ? 
_diffrn_source.pdbx_synchrotron_site       NSLS 
_diffrn_source.pdbx_synchrotron_beamline   X29A 
# 
_reflns.entry_id                     3BOV 
_reflns.d_resolution_high            1.770 
_reflns.d_resolution_low             50.000 
_reflns.number_obs                   11706 
_reflns.pdbx_Rmerge_I_obs            0.067 
_reflns.pdbx_netI_over_sigmaI        17.500 
_reflns.pdbx_chi_squared             1.074 
_reflns.pdbx_redundancy              7.300 
_reflns.percent_possible_obs         98.400 
_reflns.observed_criterion_sigma_F   0 
_reflns.observed_criterion_sigma_I   0 
_reflns.number_all                   11706 
_reflns.pdbx_Rsym_value              0.058 
_reflns.B_iso_Wilson_estimate        ? 
_reflns.R_free_details               ? 
_reflns.limit_h_max                  ? 
_reflns.limit_h_min                  ? 
_reflns.limit_k_max                  ? 
_reflns.limit_k_min                  ? 
_reflns.limit_l_max                  ? 
_reflns.limit_l_min                  ? 
_reflns.observed_criterion_F_max     ? 
_reflns.observed_criterion_F_min     ? 
_reflns.pdbx_scaling_rejects         ? 
_reflns.pdbx_diffrn_id               1 
_reflns.pdbx_ordinal                 1 
# 
_reflns_shell.d_res_high             1.77 
_reflns_shell.d_res_low              1.83 
_reflns_shell.number_measured_obs    ? 
_reflns_shell.number_measured_all    ? 
_reflns_shell.number_unique_obs      ? 
_reflns_shell.Rmerge_I_obs           0.279 
_reflns_shell.meanI_over_sigI_obs    5.2 
_reflns_shell.pdbx_Rsym_value        0.25 
_reflns_shell.pdbx_chi_squared       1.058 
_reflns_shell.pdbx_redundancy        5.50 
_reflns_shell.percent_possible_obs   ? 
_reflns_shell.number_unique_all      1007 
_reflns_shell.percent_possible_all   86.30 
_reflns_shell.pdbx_diffrn_id         ? 
_reflns_shell.pdbx_ordinal           1 
# 
_refine.entry_id                                 3BOV 
_refine.ls_d_res_high                            1.770 
_refine.ls_d_res_low                             45.13 
_refine.pdbx_ls_sigma_F                          0.00 
_refine.ls_percent_reflns_obs                    98.110 
_refine.ls_number_reflns_obs                     11705 
_refine.pdbx_ls_cross_valid_method               THROUGHOUT 
_refine.pdbx_R_Free_selection_details            RANDOM 
_refine.details                                  'HYDROGENS HAVE BEEN ADDED IN THE RIDING POSITIONS' 
_refine.ls_R_factor_obs                          0.192 
_refine.ls_R_factor_R_work                       0.190 
_refine.ls_R_factor_R_free                       0.223 
_refine.ls_percent_reflns_R_free                 4.800 
_refine.ls_number_reflns_R_free                  557 
_refine.B_iso_mean                               25.938 
_refine.aniso_B[1][1]                            1.000 
_refine.aniso_B[2][2]                            -0.600 
_refine.aniso_B[3][3]                            -0.390 
_refine.aniso_B[1][2]                            0.000 
_refine.aniso_B[1][3]                            0.000 
_refine.aniso_B[2][3]                            0.000 
_refine.correlation_coeff_Fo_to_Fc               0.953 
_refine.correlation_coeff_Fo_to_Fc_free          0.934 
_refine.pdbx_overall_ESU_R                       0.123 
_refine.pdbx_overall_ESU_R_Free                  0.118 
_refine.overall_SU_ML                            0.071 
_refine.overall_SU_B                             2.172 
_refine.solvent_model_details                    MASK 
_refine.pdbx_solvent_vdw_probe_radii             1.200 
_refine.pdbx_solvent_ion_probe_radii             0.800 
_refine.pdbx_solvent_shrinkage_radii             0.800 
_refine.pdbx_method_to_determine_struct          'MOLECULAR REPLACEMENT' 
_refine.pdbx_stereochemistry_target_values       'MAXIMUM LIKELIHOOD' 
_refine.pdbx_ls_sigma_I                          0 
_refine.ls_number_reflns_all                     11705 
_refine.ls_R_factor_all                          0.192 
_refine.ls_redundancy_reflns_obs                 ? 
_refine.pdbx_data_cutoff_high_absF               ? 
_refine.pdbx_data_cutoff_low_absF                ? 
_refine.ls_number_parameters                     ? 
_refine.ls_number_restraints                     ? 
_refine.ls_R_factor_R_free_error                 ? 
_refine.ls_R_factor_R_free_error_details         ? 
_refine.pdbx_starting_model                      'Structure of the model used has to be submitted.' 
_refine.pdbx_stereochem_target_val_spec_case     ? 
_refine.solvent_model_param_bsol                 ? 
_refine.solvent_model_param_ksol                 ? 
_refine.occupancy_max                            ? 
_refine.occupancy_min                            ? 
_refine.pdbx_isotropic_thermal_model             ? 
_refine.B_iso_min                                ? 
_refine.B_iso_max                                ? 
_refine.overall_SU_R_Cruickshank_DPI             ? 
_refine.overall_SU_R_free                        ? 
_refine.pdbx_data_cutoff_high_rms_absF           ? 
_refine.ls_wR_factor_R_free                      ? 
_refine.ls_wR_factor_R_work                      ? 
_refine.overall_FOM_free_R_set                   ? 
_refine.overall_FOM_work_R_set                   ? 
_refine.pdbx_overall_phase_error                 ? 
_refine.pdbx_refine_id                           'X-RAY DIFFRACTION' 
_refine.pdbx_diffrn_id                           1 
_refine.pdbx_TLS_residual_ADP_flag               ? 
_refine.pdbx_overall_SU_R_free_Cruickshank_DPI   ? 
_refine.pdbx_overall_SU_R_Blow_DPI               ? 
_refine.pdbx_overall_SU_R_free_Blow_DPI          ? 
# 
_refine_hist.pdbx_refine_id                   'X-RAY DIFFRACTION' 
_refine_hist.cycle_id                         LAST 
_refine_hist.pdbx_number_atoms_protein        856 
_refine_hist.pdbx_number_atoms_nucleic_acid   0 
_refine_hist.pdbx_number_atoms_ligand         1 
_refine_hist.number_atoms_solvent             87 
_refine_hist.number_atoms_total               944 
_refine_hist.d_res_high                       1.770 
_refine_hist.d_res_low                        45.13 
# 
loop_
_refine_ls_restr.type 
_refine_ls_restr.number 
_refine_ls_restr.dev_ideal 
_refine_ls_restr.dev_ideal_target 
_refine_ls_restr.weight 
_refine_ls_restr.pdbx_refine_id 
_refine_ls_restr.pdbx_restraint_function 
r_bond_refined_d         881  0.011  0.022  ? 'X-RAY DIFFRACTION' ? 
r_angle_refined_deg      1201 1.440  1.983  ? 'X-RAY DIFFRACTION' ? 
r_dihedral_angle_1_deg   115  5.967  5.000  ? 'X-RAY DIFFRACTION' ? 
r_dihedral_angle_2_deg   38   31.059 24.211 ? 'X-RAY DIFFRACTION' ? 
r_dihedral_angle_3_deg   159  12.349 15.000 ? 'X-RAY DIFFRACTION' ? 
r_dihedral_angle_4_deg   6    22.377 15.000 ? 'X-RAY DIFFRACTION' ? 
r_chiral_restr           140  0.102  0.200  ? 'X-RAY DIFFRACTION' ? 
r_gen_planes_refined     659  0.006  0.020  ? 'X-RAY DIFFRACTION' ? 
r_nbd_refined            322  0.213  0.300  ? 'X-RAY DIFFRACTION' ? 
r_nbtor_refined          608  0.315  0.500  ? 'X-RAY DIFFRACTION' ? 
r_xyhbond_nbd_refined    126  0.192  0.500  ? 'X-RAY DIFFRACTION' ? 
r_symmetry_vdw_refined   53   0.178  0.300  ? 'X-RAY DIFFRACTION' ? 
r_symmetry_hbond_refined 26   0.267  0.500  ? 'X-RAY DIFFRACTION' ? 
r_mcbond_it              557  3.110  2.000  ? 'X-RAY DIFFRACTION' ? 
r_mcangle_it             891  4.420  3.000  ? 'X-RAY DIFFRACTION' ? 
r_scbond_it              358  3.953  2.000  ? 'X-RAY DIFFRACTION' ? 
r_scangle_it             307  5.392  3.000  ? 'X-RAY DIFFRACTION' ? 
# 
_refine_ls_shell.d_res_high                       1.77 
_refine_ls_shell.d_res_low                        1.821 
_refine_ls_shell.pdbx_total_number_of_bins_used   20 
_refine_ls_shell.percent_reflns_obs               80.970 
_refine_ls_shell.number_reflns_R_work             671 
_refine_ls_shell.R_factor_all                     ? 
_refine_ls_shell.R_factor_R_work                  0.220 
_refine_ls_shell.R_factor_R_free                  0.314 
_refine_ls_shell.percent_reflns_R_free            ? 
_refine_ls_shell.number_reflns_R_free             31 
_refine_ls_shell.R_factor_R_free_error            ? 
_refine_ls_shell.number_reflns_all                702 
_refine_ls_shell.number_reflns_obs                ? 
_refine_ls_shell.redundancy_reflns_obs            ? 
_refine_ls_shell.pdbx_refine_id                   'X-RAY DIFFRACTION' 
# 
_struct.entry_id                  3BOV 
_struct.title                     'Crystal structure of the receptor binding domain of mouse PD-L2' 
_struct.pdbx_model_details        ? 
_struct.pdbx_CASP_flag            ? 
_struct.pdbx_model_type_details   ? 
# 
_struct_keywords.entry_id        3BOV 
_struct_keywords.text            
'PD-L2; B7-DC, Programmed death-1 Ligand2, Glycoprotein, Immunoglobulin domain, Membrane, Receptor, Transmembrane, IMMUNE SYSTEM' 
_struct_keywords.pdbx_keywords   'IMMUNE SYSTEM' 
# 
loop_
_struct_asym.id 
_struct_asym.pdbx_blank_PDB_chainid_flag 
_struct_asym.pdbx_modified 
_struct_asym.entity_id 
_struct_asym.details 
A N N 1 ? 
B N N 2 ? 
C N N 3 ? 
D N N 4 ? 
# 
_struct_ref.id                         1 
_struct_ref.db_name                    UNP 
_struct_ref.db_code                    PD1L2_MOUSE 
_struct_ref.pdbx_db_accession          Q9WUL5 
_struct_ref.entity_id                  1 
_struct_ref.pdbx_seq_one_letter_code   
;LFTVTAPKEVYTVDVGSSVSLECDFDRRECTELEGIRASLQKVENDTSLQSERATLLEEQLPLGKALFHIPSVQVRDSGQ
YRCLVICGAAWDYKYLTVKVKASY
;
_struct_ref.pdbx_align_begin           20 
_struct_ref.pdbx_db_isoform            ? 
# 
_struct_ref_seq.align_id                      1 
_struct_ref_seq.ref_id                        1 
_struct_ref_seq.pdbx_PDB_id_code              3BOV 
_struct_ref_seq.pdbx_strand_id                A 
_struct_ref_seq.seq_align_beg                 2 
_struct_ref_seq.pdbx_seq_align_beg_ins_code   ? 
_struct_ref_seq.seq_align_end                 105 
_struct_ref_seq.pdbx_seq_align_end_ins_code   ? 
_struct_ref_seq.pdbx_db_accession             Q9WUL5 
_struct_ref_seq.db_align_beg                  20 
_struct_ref_seq.pdbx_db_align_beg_ins_code    ? 
_struct_ref_seq.db_align_end                  123 
_struct_ref_seq.pdbx_db_align_end_ins_code    ? 
_struct_ref_seq.pdbx_auth_seq_align_beg       20 
_struct_ref_seq.pdbx_auth_seq_align_end       123 
# 
_struct_ref_seq_dif.align_id                     1 
_struct_ref_seq_dif.pdbx_pdb_id_code             3BOV 
_struct_ref_seq_dif.mon_id                       MET 
_struct_ref_seq_dif.pdbx_pdb_strand_id           A 
_struct_ref_seq_dif.seq_num                      1 
_struct_ref_seq_dif.pdbx_pdb_ins_code            ? 
_struct_ref_seq_dif.pdbx_seq_db_name             UNP 
_struct_ref_seq_dif.pdbx_seq_db_accession_code   Q9WUL5 
_struct_ref_seq_dif.db_mon_id                    ? 
_struct_ref_seq_dif.pdbx_seq_db_seq_num          ? 
_struct_ref_seq_dif.details                      'initiating methionine' 
_struct_ref_seq_dif.pdbx_auth_seq_num            19 
_struct_ref_seq_dif.pdbx_ordinal                 1 
# 
_pdbx_struct_assembly.id                   1 
_pdbx_struct_assembly.details              author_and_software_defined_assembly 
_pdbx_struct_assembly.method_details       PISA 
_pdbx_struct_assembly.oligomeric_details   monomeric 
_pdbx_struct_assembly.oligomeric_count     1 
# 
_pdbx_struct_assembly_gen.assembly_id       1 
_pdbx_struct_assembly_gen.oper_expression   1 
_pdbx_struct_assembly_gen.asym_id_list      A,B,C,D 
# 
_pdbx_struct_oper_list.id                   1 
_pdbx_struct_oper_list.type                 'identity operation' 
_pdbx_struct_oper_list.name                 1_555 
_pdbx_struct_oper_list.symmetry_operation   x,y,z 
_pdbx_struct_oper_list.matrix[1][1]         1.0000000000 
_pdbx_struct_oper_list.matrix[1][2]         0.0000000000 
_pdbx_struct_oper_list.matrix[1][3]         0.0000000000 
_pdbx_struct_oper_list.vector[1]            0.0000000000 
_pdbx_struct_oper_list.matrix[2][1]         0.0000000000 
_pdbx_struct_oper_list.matrix[2][2]         1.0000000000 
_pdbx_struct_oper_list.matrix[2][3]         0.0000000000 
_pdbx_struct_oper_list.vector[2]            0.0000000000 
_pdbx_struct_oper_list.matrix[3][1]         0.0000000000 
_pdbx_struct_oper_list.matrix[3][2]         0.0000000000 
_pdbx_struct_oper_list.matrix[3][3]         1.0000000000 
_pdbx_struct_oper_list.vector[3]            0.0000000000 
# 
_struct_biol.id        1 
_struct_biol.details   ? 
# 
loop_
_struct_conf.conf_type_id 
_struct_conf.id 
_struct_conf.pdbx_PDB_helix_id 
_struct_conf.beg_label_comp_id 
_struct_conf.beg_label_asym_id 
_struct_conf.beg_label_seq_id 
_struct_conf.pdbx_beg_PDB_ins_code 
_struct_conf.end_label_comp_id 
_struct_conf.end_label_asym_id 
_struct_conf.end_label_seq_id 
_struct_conf.pdbx_end_PDB_ins_code 
_struct_conf.beg_auth_comp_id 
_struct_conf.beg_auth_asym_id 
_struct_conf.beg_auth_seq_id 
_struct_conf.end_auth_comp_id 
_struct_conf.end_auth_asym_id 
_struct_conf.end_auth_seq_id 
_struct_conf.pdbx_PDB_helix_class 
_struct_conf.details 
_struct_conf.pdbx_PDB_helix_length 
HELX_P HELX_P1 1 ARG A 28 ? CYS A 31 ? ARG A 46 CYS A 49 5 ? 4 
HELX_P HELX_P2 2 GLU A 59 ? LEU A 64 ? GLU A 77 LEU A 82 5 ? 6 
HELX_P HELX_P3 3 GLN A 75 ? SER A 79 ? GLN A 93 SER A 97 5 ? 5 
# 
_struct_conf_type.id          HELX_P 
_struct_conf_type.criteria    ? 
_struct_conf_type.reference   ? 
# 
loop_
_struct_conn.id 
_struct_conn.conn_type_id 
_struct_conn.pdbx_leaving_atom_flag 
_struct_conn.pdbx_PDB_id 
_struct_conn.ptnr1_label_asym_id 
_struct_conn.ptnr1_label_comp_id 
_struct_conn.ptnr1_label_seq_id 
_struct_conn.ptnr1_label_atom_id 
_struct_conn.pdbx_ptnr1_label_alt_id 
_struct_conn.pdbx_ptnr1_PDB_ins_code 
_struct_conn.pdbx_ptnr1_standard_comp_id 
_struct_conn.ptnr1_symmetry 
_struct_conn.ptnr2_label_asym_id 
_struct_conn.ptnr2_label_comp_id 
_struct_conn.ptnr2_label_seq_id 
_struct_conn.ptnr2_label_atom_id 
_struct_conn.pdbx_ptnr2_label_alt_id 
_struct_conn.pdbx_ptnr2_PDB_ins_code 
_struct_conn.ptnr1_auth_asym_id 
_struct_conn.ptnr1_auth_comp_id 
_struct_conn.ptnr1_auth_seq_id 
_struct_conn.ptnr2_auth_asym_id 
_struct_conn.ptnr2_auth_comp_id 
_struct_conn.ptnr2_auth_seq_id 
_struct_conn.ptnr2_symmetry 
_struct_conn.pdbx_ptnr3_label_atom_id 
_struct_conn.pdbx_ptnr3_label_seq_id 
_struct_conn.pdbx_ptnr3_label_comp_id 
_struct_conn.pdbx_ptnr3_label_asym_id 
_struct_conn.pdbx_ptnr3_label_alt_id 
_struct_conn.pdbx_ptnr3_PDB_ins_code 
_struct_conn.details 
_struct_conn.pdbx_dist_value 
_struct_conn.pdbx_value_order 
_struct_conn.pdbx_role 
disulf1 disulf ? ? A CYS 24 SG ? ? ? 1_555 A CYS 84 SG ? ? A CYS 42 A CYS 102 1_555 ? ? ? ? ? ? ? 2.023 ? ? 
disulf2 disulf ? ? A CYS 31 SG ? ? ? 1_555 A CYS 88 SG ? ? A CYS 49 A CYS 106 1_555 ? ? ? ? ? ? ? 2.019 ? ? 
metalc1 metalc ? ? B NA  .  NA ? ? ? 1_555 A SER 79 O  ? ? A NA  1  A SER 97  1_555 ? ? ? ? ? ? ? 2.455 ? ? 
metalc2 metalc ? ? B NA  .  NA ? ? ? 1_555 A SER 79 OG ? ? A NA  1  A SER 97  1_555 ? ? ? ? ? ? ? 2.420 ? ? 
metalc3 metalc ? ? B NA  .  NA ? ? ? 1_555 D HOH .  O  ? ? A NA  1  A HOH 158 1_555 ? ? ? ? ? ? ? 2.310 ? ? 
metalc4 metalc ? ? B NA  .  NA ? ? ? 1_555 D HOH .  O  ? ? A NA  1  A HOH 161 1_555 ? ? ? ? ? ? ? 2.646 ? ? 
metalc5 metalc ? ? B NA  .  NA ? ? ? 1_555 D HOH .  O  ? ? A NA  1  A HOH 201 1_555 ? ? ? ? ? ? ? 2.271 ? ? 
# 
loop_
_struct_conn_type.id 
_struct_conn_type.criteria 
_struct_conn_type.reference 
disulf ? ? 
metalc ? ? 
# 
loop_
_pdbx_struct_conn_angle.id 
_pdbx_struct_conn_angle.ptnr1_label_atom_id 
_pdbx_struct_conn_angle.ptnr1_label_alt_id 
_pdbx_struct_conn_angle.ptnr1_label_asym_id 
_pdbx_struct_conn_angle.ptnr1_label_comp_id 
_pdbx_struct_conn_angle.ptnr1_label_seq_id 
_pdbx_struct_conn_angle.ptnr1_auth_atom_id 
_pdbx_struct_conn_angle.ptnr1_auth_asym_id 
_pdbx_struct_conn_angle.ptnr1_auth_comp_id 
_pdbx_struct_conn_angle.ptnr1_auth_seq_id 
_pdbx_struct_conn_angle.ptnr1_PDB_ins_code 
_pdbx_struct_conn_angle.ptnr1_symmetry 
_pdbx_struct_conn_angle.ptnr2_label_atom_id 
_pdbx_struct_conn_angle.ptnr2_label_alt_id 
_pdbx_struct_conn_angle.ptnr2_label_asym_id 
_pdbx_struct_conn_angle.ptnr2_label_comp_id 
_pdbx_struct_conn_angle.ptnr2_label_seq_id 
_pdbx_struct_conn_angle.ptnr2_auth_atom_id 
_pdbx_struct_conn_angle.ptnr2_auth_asym_id 
_pdbx_struct_conn_angle.ptnr2_auth_comp_id 
_pdbx_struct_conn_angle.ptnr2_auth_seq_id 
_pdbx_struct_conn_angle.ptnr2_PDB_ins_code 
_pdbx_struct_conn_angle.ptnr2_symmetry 
_pdbx_struct_conn_angle.ptnr3_label_atom_id 
_pdbx_struct_conn_angle.ptnr3_label_alt_id 
_pdbx_struct_conn_angle.ptnr3_label_asym_id 
_pdbx_struct_conn_angle.ptnr3_label_comp_id 
_pdbx_struct_conn_angle.ptnr3_label_seq_id 
_pdbx_struct_conn_angle.ptnr3_auth_atom_id 
_pdbx_struct_conn_angle.ptnr3_auth_asym_id 
_pdbx_struct_conn_angle.ptnr3_auth_comp_id 
_pdbx_struct_conn_angle.ptnr3_auth_seq_id 
_pdbx_struct_conn_angle.ptnr3_PDB_ins_code 
_pdbx_struct_conn_angle.ptnr3_symmetry 
_pdbx_struct_conn_angle.value 
_pdbx_struct_conn_angle.value_esd 
1  O  ? A SER 79 ? A SER 97  ? 1_555 NA ? B NA . ? A NA 1 ? 1_555 OG ? A SER 79 ? A SER 97  ? 1_555 75.7  ? 
2  O  ? A SER 79 ? A SER 97  ? 1_555 NA ? B NA . ? A NA 1 ? 1_555 O  ? D HOH .  ? A HOH 158 ? 1_555 84.4  ? 
3  OG ? A SER 79 ? A SER 97  ? 1_555 NA ? B NA . ? A NA 1 ? 1_555 O  ? D HOH .  ? A HOH 158 ? 1_555 97.2  ? 
4  O  ? A SER 79 ? A SER 97  ? 1_555 NA ? B NA . ? A NA 1 ? 1_555 O  ? D HOH .  ? A HOH 161 ? 1_555 90.5  ? 
5  OG ? A SER 79 ? A SER 97  ? 1_555 NA ? B NA . ? A NA 1 ? 1_555 O  ? D HOH .  ? A HOH 161 ? 1_555 165.9 ? 
6  O  ? D HOH .  ? A HOH 158 ? 1_555 NA ? B NA . ? A NA 1 ? 1_555 O  ? D HOH .  ? A HOH 161 ? 1_555 78.0  ? 
7  O  ? A SER 79 ? A SER 97  ? 1_555 NA ? B NA . ? A NA 1 ? 1_555 O  ? D HOH .  ? A HOH 201 ? 1_555 97.0  ? 
8  OG ? A SER 79 ? A SER 97  ? 1_555 NA ? B NA . ? A NA 1 ? 1_555 O  ? D HOH .  ? A HOH 201 ? 1_555 82.6  ? 
9  O  ? D HOH .  ? A HOH 158 ? 1_555 NA ? B NA . ? A NA 1 ? 1_555 O  ? D HOH .  ? A HOH 201 ? 1_555 178.5 ? 
10 O  ? D HOH .  ? A HOH 161 ? 1_555 NA ? B NA . ? A NA 1 ? 1_555 O  ? D HOH .  ? A HOH 201 ? 1_555 102.5 ? 
# 
loop_
_pdbx_modification_feature.ordinal 
_pdbx_modification_feature.label_comp_id 
_pdbx_modification_feature.label_asym_id 
_pdbx_modification_feature.label_seq_id 
_pdbx_modification_feature.label_alt_id 
_pdbx_modification_feature.modified_residue_label_comp_id 
_pdbx_modification_feature.modified_residue_label_asym_id 
_pdbx_modification_feature.modified_residue_label_seq_id 
_pdbx_modification_feature.modified_residue_label_alt_id 
_pdbx_modification_feature.auth_comp_id 
_pdbx_modification_feature.auth_asym_id 
_pdbx_modification_feature.auth_seq_id 
_pdbx_modification_feature.PDB_ins_code 
_pdbx_modification_feature.symmetry 
_pdbx_modification_feature.modified_residue_auth_comp_id 
_pdbx_modification_feature.modified_residue_auth_asym_id 
_pdbx_modification_feature.modified_residue_auth_seq_id 
_pdbx_modification_feature.modified_residue_PDB_ins_code 
_pdbx_modification_feature.modified_residue_symmetry 
_pdbx_modification_feature.comp_id_linking_atom 
_pdbx_modification_feature.modified_residue_id_linking_atom 
_pdbx_modification_feature.modified_residue_id 
_pdbx_modification_feature.ref_pcm_id 
_pdbx_modification_feature.ref_comp_id 
_pdbx_modification_feature.type 
_pdbx_modification_feature.category 
1 CYS A 24 ? CYS A 84 ? CYS A 42 ? 1_555 CYS A 102 ? 1_555 SG SG . . . None 'Disulfide bridge' 
2 CYS A 31 ? CYS A 88 ? CYS A 49 ? 1_555 CYS A 106 ? 1_555 SG SG . . . None 'Disulfide bridge' 
# 
loop_
_struct_sheet.id 
_struct_sheet.type 
_struct_sheet.number_strands 
_struct_sheet.details 
A ? 4 ? 
B ? 4 ? 
# 
loop_
_struct_sheet_order.sheet_id 
_struct_sheet_order.range_id_1 
_struct_sheet_order.range_id_2 
_struct_sheet_order.offset 
_struct_sheet_order.sense 
A 1 2 ? anti-parallel 
A 2 3 ? anti-parallel 
A 3 4 ? anti-parallel 
B 1 2 ? parallel      
B 2 3 ? anti-parallel 
B 3 4 ? anti-parallel 
# 
loop_
_struct_sheet_range.sheet_id 
_struct_sheet_range.id 
_struct_sheet_range.beg_label_comp_id 
_struct_sheet_range.beg_label_asym_id 
_struct_sheet_range.beg_label_seq_id 
_struct_sheet_range.pdbx_beg_PDB_ins_code 
_struct_sheet_range.end_label_comp_id 
_struct_sheet_range.end_label_asym_id 
_struct_sheet_range.end_label_seq_id 
_struct_sheet_range.pdbx_end_PDB_ins_code 
_struct_sheet_range.beg_auth_comp_id 
_struct_sheet_range.beg_auth_asym_id 
_struct_sheet_range.beg_auth_seq_id 
_struct_sheet_range.end_auth_comp_id 
_struct_sheet_range.end_auth_asym_id 
_struct_sheet_range.end_auth_seq_id 
A 1 VAL A 5  ? THR A 6   ? VAL A 23  THR A 24  
A 2 VAL A 20 ? PHE A 26  ? VAL A 38  PHE A 44  
A 3 LYS A 66 ? ILE A 71  ? LYS A 84  ILE A 89  
A 4 THR A 56 ? LEU A 57  ? THR A 74  LEU A 75  
B 1 VAL A 11 ? ASP A 15  ? VAL A 29  ASP A 33  
B 2 ALA A 91 ? LYS A 102 ? ALA A 109 LYS A 120 
B 3 GLY A 80 ? CYS A 88  ? GLY A 98  CYS A 106 
B 4 ILE A 37 ? LYS A 43  ? ILE A 55  LYS A 61  
# 
loop_
_pdbx_struct_sheet_hbond.sheet_id 
_pdbx_struct_sheet_hbond.range_id_1 
_pdbx_struct_sheet_hbond.range_id_2 
_pdbx_struct_sheet_hbond.range_1_label_atom_id 
_pdbx_struct_sheet_hbond.range_1_label_comp_id 
_pdbx_struct_sheet_hbond.range_1_label_asym_id 
_pdbx_struct_sheet_hbond.range_1_label_seq_id 
_pdbx_struct_sheet_hbond.range_1_PDB_ins_code 
_pdbx_struct_sheet_hbond.range_1_auth_atom_id 
_pdbx_struct_sheet_hbond.range_1_auth_comp_id 
_pdbx_struct_sheet_hbond.range_1_auth_asym_id 
_pdbx_struct_sheet_hbond.range_1_auth_seq_id 
_pdbx_struct_sheet_hbond.range_2_label_atom_id 
_pdbx_struct_sheet_hbond.range_2_label_comp_id 
_pdbx_struct_sheet_hbond.range_2_label_asym_id 
_pdbx_struct_sheet_hbond.range_2_label_seq_id 
_pdbx_struct_sheet_hbond.range_2_PDB_ins_code 
_pdbx_struct_sheet_hbond.range_2_auth_atom_id 
_pdbx_struct_sheet_hbond.range_2_auth_comp_id 
_pdbx_struct_sheet_hbond.range_2_auth_asym_id 
_pdbx_struct_sheet_hbond.range_2_auth_seq_id 
A 1 2 N THR A 6  ? N THR A 24  O ASP A 25  ? O ASP A 43  
A 2 3 N LEU A 22 ? N LEU A 40  O PHE A 69  ? O PHE A 87  
A 3 4 O HIS A 70 ? O HIS A 88  N THR A 56  ? N THR A 74  
B 1 2 N TYR A 12 ? N TYR A 30  O LYS A 100 ? O LYS A 118 
B 2 3 O ALA A 91 ? O ALA A 109 N CYS A 88  ? N CYS A 106 
B 3 4 O ARG A 83 ? O ARG A 101 N GLN A 42  ? N GLN A 60  
# 
loop_
_struct_site.id 
_struct_site.pdbx_evidence_code 
_struct_site.pdbx_auth_asym_id 
_struct_site.pdbx_auth_comp_id 
_struct_site.pdbx_auth_seq_id 
_struct_site.pdbx_auth_ins_code 
_struct_site.pdbx_num_residues 
_struct_site.details 
AC1 Software A NA  1   ? 4 'BINDING SITE FOR RESIDUE NA A 1'    
AC2 Software A FMT 124 ? 9 'BINDING SITE FOR RESIDUE FMT A 124' 
# 
loop_
_struct_site_gen.id 
_struct_site_gen.site_id 
_struct_site_gen.pdbx_num_res 
_struct_site_gen.label_comp_id 
_struct_site_gen.label_asym_id 
_struct_site_gen.label_seq_id 
_struct_site_gen.pdbx_auth_ins_code 
_struct_site_gen.auth_comp_id 
_struct_site_gen.auth_asym_id 
_struct_site_gen.auth_seq_id 
_struct_site_gen.label_atom_id 
_struct_site_gen.label_alt_id 
_struct_site_gen.symmetry 
_struct_site_gen.details 
1  AC1 4 SER A 79 ? SER A 97  . ? 1_555 ? 
2  AC1 4 HOH D .  ? HOH A 158 . ? 1_555 ? 
3  AC1 4 HOH D .  ? HOH A 161 . ? 1_555 ? 
4  AC1 4 HOH D .  ? HOH A 201 . ? 1_555 ? 
5  AC2 9 ALA A 39 ? ALA A 57  . ? 3_555 ? 
6  AC2 9 SER A 40 ? SER A 58  . ? 3_555 ? 
7  AC2 9 LEU A 41 ? LEU A 59  . ? 3_555 ? 
8  AC2 9 SER A 49 ? SER A 67  . ? 1_555 ? 
9  AC2 9 GLN A 51 ? GLN A 69  . ? 3_555 ? 
10 AC2 9 GLU A 53 ? GLU A 71  . ? 1_555 ? 
11 AC2 9 ALA A 55 ? ALA A 73  . ? 3_555 ? 
12 AC2 9 LEU A 57 ? LEU A 75  . ? 3_555 ? 
13 AC2 9 PHE A 69 ? PHE A 87  . ? 3_555 ? 
# 
_pdbx_entry_details.nonpolymer_details         
;ASSIGNMENT OF NA-ION IS
COMPLETELY BASED ON THE PRESENCE OF NA ION IN THE PROTEIN SAMPLE.
;
_pdbx_entry_details.entry_id                   3BOV 
_pdbx_entry_details.compound_details           ? 
_pdbx_entry_details.source_details             ? 
_pdbx_entry_details.sequence_details           ? 
_pdbx_entry_details.has_ligand_of_interest     ? 
_pdbx_entry_details.has_protein_modification   Y 
# 
_pdbx_validate_symm_contact.id                1 
_pdbx_validate_symm_contact.PDB_model_num     1 
_pdbx_validate_symm_contact.auth_atom_id_1    O 
_pdbx_validate_symm_contact.auth_asym_id_1    A 
_pdbx_validate_symm_contact.auth_comp_id_1    HOH 
_pdbx_validate_symm_contact.auth_seq_id_1     157 
_pdbx_validate_symm_contact.PDB_ins_code_1    ? 
_pdbx_validate_symm_contact.label_alt_id_1    ? 
_pdbx_validate_symm_contact.site_symmetry_1   1_555 
_pdbx_validate_symm_contact.auth_atom_id_2    O 
_pdbx_validate_symm_contact.auth_asym_id_2    A 
_pdbx_validate_symm_contact.auth_comp_id_2    HOH 
_pdbx_validate_symm_contact.auth_seq_id_2     194 
_pdbx_validate_symm_contact.PDB_ins_code_2    ? 
_pdbx_validate_symm_contact.label_alt_id_2    ? 
_pdbx_validate_symm_contact.site_symmetry_2   2_565 
_pdbx_validate_symm_contact.dist              2.18 
# 
loop_
_pdbx_struct_special_symmetry.id 
_pdbx_struct_special_symmetry.PDB_model_num 
_pdbx_struct_special_symmetry.auth_asym_id 
_pdbx_struct_special_symmetry.auth_comp_id 
_pdbx_struct_special_symmetry.auth_seq_id 
_pdbx_struct_special_symmetry.PDB_ins_code 
_pdbx_struct_special_symmetry.label_asym_id 
_pdbx_struct_special_symmetry.label_comp_id 
_pdbx_struct_special_symmetry.label_seq_id 
1 1 A HOH 130 ? D HOH . 
2 1 A HOH 135 ? D HOH . 
3 1 A HOH 153 ? D HOH . 
# 
_pdbx_unobs_or_zero_occ_residues.id               1 
_pdbx_unobs_or_zero_occ_residues.PDB_model_num    1 
_pdbx_unobs_or_zero_occ_residues.polymer_flag     Y 
_pdbx_unobs_or_zero_occ_residues.occupancy_flag   1 
_pdbx_unobs_or_zero_occ_residues.auth_asym_id     A 
_pdbx_unobs_or_zero_occ_residues.auth_comp_id     MET 
_pdbx_unobs_or_zero_occ_residues.auth_seq_id      19 
_pdbx_unobs_or_zero_occ_residues.PDB_ins_code     ? 
_pdbx_unobs_or_zero_occ_residues.label_asym_id    A 
_pdbx_unobs_or_zero_occ_residues.label_comp_id    MET 
_pdbx_unobs_or_zero_occ_residues.label_seq_id     1 
# 
loop_
_chem_comp_atom.comp_id 
_chem_comp_atom.atom_id 
_chem_comp_atom.type_symbol 
_chem_comp_atom.pdbx_aromatic_flag 
_chem_comp_atom.pdbx_stereo_config 
_chem_comp_atom.pdbx_ordinal 
ALA N    N  N N 1   
ALA CA   C  N S 2   
ALA C    C  N N 3   
ALA O    O  N N 4   
ALA CB   C  N N 5   
ALA OXT  O  N N 6   
ALA H    H  N N 7   
ALA H2   H  N N 8   
ALA HA   H  N N 9   
ALA HB1  H  N N 10  
ALA HB2  H  N N 11  
ALA HB3  H  N N 12  
ALA HXT  H  N N 13  
ARG N    N  N N 14  
ARG CA   C  N S 15  
ARG C    C  N N 16  
ARG O    O  N N 17  
ARG CB   C  N N 18  
ARG CG   C  N N 19  
ARG CD   C  N N 20  
ARG NE   N  N N 21  
ARG CZ   C  N N 22  
ARG NH1  N  N N 23  
ARG NH2  N  N N 24  
ARG OXT  O  N N 25  
ARG H    H  N N 26  
ARG H2   H  N N 27  
ARG HA   H  N N 28  
ARG HB2  H  N N 29  
ARG HB3  H  N N 30  
ARG HG2  H  N N 31  
ARG HG3  H  N N 32  
ARG HD2  H  N N 33  
ARG HD3  H  N N 34  
ARG HE   H  N N 35  
ARG HH11 H  N N 36  
ARG HH12 H  N N 37  
ARG HH21 H  N N 38  
ARG HH22 H  N N 39  
ARG HXT  H  N N 40  
ASN N    N  N N 41  
ASN CA   C  N S 42  
ASN C    C  N N 43  
ASN O    O  N N 44  
ASN CB   C  N N 45  
ASN CG   C  N N 46  
ASN OD1  O  N N 47  
ASN ND2  N  N N 48  
ASN OXT  O  N N 49  
ASN H    H  N N 50  
ASN H2   H  N N 51  
ASN HA   H  N N 52  
ASN HB2  H  N N 53  
ASN HB3  H  N N 54  
ASN HD21 H  N N 55  
ASN HD22 H  N N 56  
ASN HXT  H  N N 57  
ASP N    N  N N 58  
ASP CA   C  N S 59  
ASP C    C  N N 60  
ASP O    O  N N 61  
ASP CB   C  N N 62  
ASP CG   C  N N 63  
ASP OD1  O  N N 64  
ASP OD2  O  N N 65  
ASP OXT  O  N N 66  
ASP H    H  N N 67  
ASP H2   H  N N 68  
ASP HA   H  N N 69  
ASP HB2  H  N N 70  
ASP HB3  H  N N 71  
ASP HD2  H  N N 72  
ASP HXT  H  N N 73  
CYS N    N  N N 74  
CYS CA   C  N R 75  
CYS C    C  N N 76  
CYS O    O  N N 77  
CYS CB   C  N N 78  
CYS SG   S  N N 79  
CYS OXT  O  N N 80  
CYS H    H  N N 81  
CYS H2   H  N N 82  
CYS HA   H  N N 83  
CYS HB2  H  N N 84  
CYS HB3  H  N N 85  
CYS HG   H  N N 86  
CYS HXT  H  N N 87  
FMT C    C  N N 88  
FMT O1   O  N N 89  
FMT O2   O  N N 90  
FMT H    H  N N 91  
FMT HO2  H  N N 92  
GLN N    N  N N 93  
GLN CA   C  N S 94  
GLN C    C  N N 95  
GLN O    O  N N 96  
GLN CB   C  N N 97  
GLN CG   C  N N 98  
GLN CD   C  N N 99  
GLN OE1  O  N N 100 
GLN NE2  N  N N 101 
GLN OXT  O  N N 102 
GLN H    H  N N 103 
GLN H2   H  N N 104 
GLN HA   H  N N 105 
GLN HB2  H  N N 106 
GLN HB3  H  N N 107 
GLN HG2  H  N N 108 
GLN HG3  H  N N 109 
GLN HE21 H  N N 110 
GLN HE22 H  N N 111 
GLN HXT  H  N N 112 
GLU N    N  N N 113 
GLU CA   C  N S 114 
GLU C    C  N N 115 
GLU O    O  N N 116 
GLU CB   C  N N 117 
GLU CG   C  N N 118 
GLU CD   C  N N 119 
GLU OE1  O  N N 120 
GLU OE2  O  N N 121 
GLU OXT  O  N N 122 
GLU H    H  N N 123 
GLU H2   H  N N 124 
GLU HA   H  N N 125 
GLU HB2  H  N N 126 
GLU HB3  H  N N 127 
GLU HG2  H  N N 128 
GLU HG3  H  N N 129 
GLU HE2  H  N N 130 
GLU HXT  H  N N 131 
GLY N    N  N N 132 
GLY CA   C  N N 133 
GLY C    C  N N 134 
GLY O    O  N N 135 
GLY OXT  O  N N 136 
GLY H    H  N N 137 
GLY H2   H  N N 138 
GLY HA2  H  N N 139 
GLY HA3  H  N N 140 
GLY HXT  H  N N 141 
HIS N    N  N N 142 
HIS CA   C  N S 143 
HIS C    C  N N 144 
HIS O    O  N N 145 
HIS CB   C  N N 146 
HIS CG   C  Y N 147 
HIS ND1  N  Y N 148 
HIS CD2  C  Y N 149 
HIS CE1  C  Y N 150 
HIS NE2  N  Y N 151 
HIS OXT  O  N N 152 
HIS H    H  N N 153 
HIS H2   H  N N 154 
HIS HA   H  N N 155 
HIS HB2  H  N N 156 
HIS HB3  H  N N 157 
HIS HD1  H  N N 158 
HIS HD2  H  N N 159 
HIS HE1  H  N N 160 
HIS HE2  H  N N 161 
HIS HXT  H  N N 162 
HOH O    O  N N 163 
HOH H1   H  N N 164 
HOH H2   H  N N 165 
ILE N    N  N N 166 
ILE CA   C  N S 167 
ILE C    C  N N 168 
ILE O    O  N N 169 
ILE CB   C  N S 170 
ILE CG1  C  N N 171 
ILE CG2  C  N N 172 
ILE CD1  C  N N 173 
ILE OXT  O  N N 174 
ILE H    H  N N 175 
ILE H2   H  N N 176 
ILE HA   H  N N 177 
ILE HB   H  N N 178 
ILE HG12 H  N N 179 
ILE HG13 H  N N 180 
ILE HG21 H  N N 181 
ILE HG22 H  N N 182 
ILE HG23 H  N N 183 
ILE HD11 H  N N 184 
ILE HD12 H  N N 185 
ILE HD13 H  N N 186 
ILE HXT  H  N N 187 
LEU N    N  N N 188 
LEU CA   C  N S 189 
LEU C    C  N N 190 
LEU O    O  N N 191 
LEU CB   C  N N 192 
LEU CG   C  N N 193 
LEU CD1  C  N N 194 
LEU CD2  C  N N 195 
LEU OXT  O  N N 196 
LEU H    H  N N 197 
LEU H2   H  N N 198 
LEU HA   H  N N 199 
LEU HB2  H  N N 200 
LEU HB3  H  N N 201 
LEU HG   H  N N 202 
LEU HD11 H  N N 203 
LEU HD12 H  N N 204 
LEU HD13 H  N N 205 
LEU HD21 H  N N 206 
LEU HD22 H  N N 207 
LEU HD23 H  N N 208 
LEU HXT  H  N N 209 
LYS N    N  N N 210 
LYS CA   C  N S 211 
LYS C    C  N N 212 
LYS O    O  N N 213 
LYS CB   C  N N 214 
LYS CG   C  N N 215 
LYS CD   C  N N 216 
LYS CE   C  N N 217 
LYS NZ   N  N N 218 
LYS OXT  O  N N 219 
LYS H    H  N N 220 
LYS H2   H  N N 221 
LYS HA   H  N N 222 
LYS HB2  H  N N 223 
LYS HB3  H  N N 224 
LYS HG2  H  N N 225 
LYS HG3  H  N N 226 
LYS HD2  H  N N 227 
LYS HD3  H  N N 228 
LYS HE2  H  N N 229 
LYS HE3  H  N N 230 
LYS HZ1  H  N N 231 
LYS HZ2  H  N N 232 
LYS HZ3  H  N N 233 
LYS HXT  H  N N 234 
MET N    N  N N 235 
MET CA   C  N S 236 
MET C    C  N N 237 
MET O    O  N N 238 
MET CB   C  N N 239 
MET CG   C  N N 240 
MET SD   S  N N 241 
MET CE   C  N N 242 
MET OXT  O  N N 243 
MET H    H  N N 244 
MET H2   H  N N 245 
MET HA   H  N N 246 
MET HB2  H  N N 247 
MET HB3  H  N N 248 
MET HG2  H  N N 249 
MET HG3  H  N N 250 
MET HE1  H  N N 251 
MET HE2  H  N N 252 
MET HE3  H  N N 253 
MET HXT  H  N N 254 
NA  NA   NA N N 255 
PHE N    N  N N 256 
PHE CA   C  N S 257 
PHE C    C  N N 258 
PHE O    O  N N 259 
PHE CB   C  N N 260 
PHE CG   C  Y N 261 
PHE CD1  C  Y N 262 
PHE CD2  C  Y N 263 
PHE CE1  C  Y N 264 
PHE CE2  C  Y N 265 
PHE CZ   C  Y N 266 
PHE OXT  O  N N 267 
PHE H    H  N N 268 
PHE H2   H  N N 269 
PHE HA   H  N N 270 
PHE HB2  H  N N 271 
PHE HB3  H  N N 272 
PHE HD1  H  N N 273 
PHE HD2  H  N N 274 
PHE HE1  H  N N 275 
PHE HE2  H  N N 276 
PHE HZ   H  N N 277 
PHE HXT  H  N N 278 
PRO N    N  N N 279 
PRO CA   C  N S 280 
PRO C    C  N N 281 
PRO O    O  N N 282 
PRO CB   C  N N 283 
PRO CG   C  N N 284 
PRO CD   C  N N 285 
PRO OXT  O  N N 286 
PRO H    H  N N 287 
PRO HA   H  N N 288 
PRO HB2  H  N N 289 
PRO HB3  H  N N 290 
PRO HG2  H  N N 291 
PRO HG3  H  N N 292 
PRO HD2  H  N N 293 
PRO HD3  H  N N 294 
PRO HXT  H  N N 295 
SER N    N  N N 296 
SER CA   C  N S 297 
SER C    C  N N 298 
SER O    O  N N 299 
SER CB   C  N N 300 
SER OG   O  N N 301 
SER OXT  O  N N 302 
SER H    H  N N 303 
SER H2   H  N N 304 
SER HA   H  N N 305 
SER HB2  H  N N 306 
SER HB3  H  N N 307 
SER HG   H  N N 308 
SER HXT  H  N N 309 
THR N    N  N N 310 
THR CA   C  N S 311 
THR C    C  N N 312 
THR O    O  N N 313 
THR CB   C  N R 314 
THR OG1  O  N N 315 
THR CG2  C  N N 316 
THR OXT  O  N N 317 
THR H    H  N N 318 
THR H2   H  N N 319 
THR HA   H  N N 320 
THR HB   H  N N 321 
THR HG1  H  N N 322 
THR HG21 H  N N 323 
THR HG22 H  N N 324 
THR HG23 H  N N 325 
THR HXT  H  N N 326 
TRP N    N  N N 327 
TRP CA   C  N S 328 
TRP C    C  N N 329 
TRP O    O  N N 330 
TRP CB   C  N N 331 
TRP CG   C  Y N 332 
TRP CD1  C  Y N 333 
TRP CD2  C  Y N 334 
TRP NE1  N  Y N 335 
TRP CE2  C  Y N 336 
TRP CE3  C  Y N 337 
TRP CZ2  C  Y N 338 
TRP CZ3  C  Y N 339 
TRP CH2  C  Y N 340 
TRP OXT  O  N N 341 
TRP H    H  N N 342 
TRP H2   H  N N 343 
TRP HA   H  N N 344 
TRP HB2  H  N N 345 
TRP HB3  H  N N 346 
TRP HD1  H  N N 347 
TRP HE1  H  N N 348 
TRP HE3  H  N N 349 
TRP HZ2  H  N N 350 
TRP HZ3  H  N N 351 
TRP HH2  H  N N 352 
TRP HXT  H  N N 353 
TYR N    N  N N 354 
TYR CA   C  N S 355 
TYR C    C  N N 356 
TYR O    O  N N 357 
TYR CB   C  N N 358 
TYR CG   C  Y N 359 
TYR CD1  C  Y N 360 
TYR CD2  C  Y N 361 
TYR CE1  C  Y N 362 
TYR CE2  C  Y N 363 
TYR CZ   C  Y N 364 
TYR OH   O  N N 365 
TYR OXT  O  N N 366 
TYR H    H  N N 367 
TYR H2   H  N N 368 
TYR HA   H  N N 369 
TYR HB2  H  N N 370 
TYR HB3  H  N N 371 
TYR HD1  H  N N 372 
TYR HD2  H  N N 373 
TYR HE1  H  N N 374 
TYR HE2  H  N N 375 
TYR HH   H  N N 376 
TYR HXT  H  N N 377 
VAL N    N  N N 378 
VAL CA   C  N S 379 
VAL C    C  N N 380 
VAL O    O  N N 381 
VAL CB   C  N N 382 
VAL CG1  C  N N 383 
VAL CG2  C  N N 384 
VAL OXT  O  N N 385 
VAL H    H  N N 386 
VAL H2   H  N N 387 
VAL HA   H  N N 388 
VAL HB   H  N N 389 
VAL HG11 H  N N 390 
VAL HG12 H  N N 391 
VAL HG13 H  N N 392 
VAL HG21 H  N N 393 
VAL HG22 H  N N 394 
VAL HG23 H  N N 395 
VAL HXT  H  N N 396 
# 
loop_
_chem_comp_bond.comp_id 
_chem_comp_bond.atom_id_1 
_chem_comp_bond.atom_id_2 
_chem_comp_bond.value_order 
_chem_comp_bond.pdbx_aromatic_flag 
_chem_comp_bond.pdbx_stereo_config 
_chem_comp_bond.pdbx_ordinal 
ALA N   CA   sing N N 1   
ALA N   H    sing N N 2   
ALA N   H2   sing N N 3   
ALA CA  C    sing N N 4   
ALA CA  CB   sing N N 5   
ALA CA  HA   sing N N 6   
ALA C   O    doub N N 7   
ALA C   OXT  sing N N 8   
ALA CB  HB1  sing N N 9   
ALA CB  HB2  sing N N 10  
ALA CB  HB3  sing N N 11  
ALA OXT HXT  sing N N 12  
ARG N   CA   sing N N 13  
ARG N   H    sing N N 14  
ARG N   H2   sing N N 15  
ARG CA  C    sing N N 16  
ARG CA  CB   sing N N 17  
ARG CA  HA   sing N N 18  
ARG C   O    doub N N 19  
ARG C   OXT  sing N N 20  
ARG CB  CG   sing N N 21  
ARG CB  HB2  sing N N 22  
ARG CB  HB3  sing N N 23  
ARG CG  CD   sing N N 24  
ARG CG  HG2  sing N N 25  
ARG CG  HG3  sing N N 26  
ARG CD  NE   sing N N 27  
ARG CD  HD2  sing N N 28  
ARG CD  HD3  sing N N 29  
ARG NE  CZ   sing N N 30  
ARG NE  HE   sing N N 31  
ARG CZ  NH1  sing N N 32  
ARG CZ  NH2  doub N N 33  
ARG NH1 HH11 sing N N 34  
ARG NH1 HH12 sing N N 35  
ARG NH2 HH21 sing N N 36  
ARG NH2 HH22 sing N N 37  
ARG OXT HXT  sing N N 38  
ASN N   CA   sing N N 39  
ASN N   H    sing N N 40  
ASN N   H2   sing N N 41  
ASN CA  C    sing N N 42  
ASN CA  CB   sing N N 43  
ASN CA  HA   sing N N 44  
ASN C   O    doub N N 45  
ASN C   OXT  sing N N 46  
ASN CB  CG   sing N N 47  
ASN CB  HB2  sing N N 48  
ASN CB  HB3  sing N N 49  
ASN CG  OD1  doub N N 50  
ASN CG  ND2  sing N N 51  
ASN ND2 HD21 sing N N 52  
ASN ND2 HD22 sing N N 53  
ASN OXT HXT  sing N N 54  
ASP N   CA   sing N N 55  
ASP N   H    sing N N 56  
ASP N   H2   sing N N 57  
ASP CA  C    sing N N 58  
ASP CA  CB   sing N N 59  
ASP CA  HA   sing N N 60  
ASP C   O    doub N N 61  
ASP C   OXT  sing N N 62  
ASP CB  CG   sing N N 63  
ASP CB  HB2  sing N N 64  
ASP CB  HB3  sing N N 65  
ASP CG  OD1  doub N N 66  
ASP CG  OD2  sing N N 67  
ASP OD2 HD2  sing N N 68  
ASP OXT HXT  sing N N 69  
CYS N   CA   sing N N 70  
CYS N   H    sing N N 71  
CYS N   H2   sing N N 72  
CYS CA  C    sing N N 73  
CYS CA  CB   sing N N 74  
CYS CA  HA   sing N N 75  
CYS C   O    doub N N 76  
CYS C   OXT  sing N N 77  
CYS CB  SG   sing N N 78  
CYS CB  HB2  sing N N 79  
CYS CB  HB3  sing N N 80  
CYS SG  HG   sing N N 81  
CYS OXT HXT  sing N N 82  
FMT C   O1   doub N N 83  
FMT C   O2   sing N N 84  
FMT C   H    sing N N 85  
FMT O2  HO2  sing N N 86  
GLN N   CA   sing N N 87  
GLN N   H    sing N N 88  
GLN N   H2   sing N N 89  
GLN CA  C    sing N N 90  
GLN CA  CB   sing N N 91  
GLN CA  HA   sing N N 92  
GLN C   O    doub N N 93  
GLN C   OXT  sing N N 94  
GLN CB  CG   sing N N 95  
GLN CB  HB2  sing N N 96  
GLN CB  HB3  sing N N 97  
GLN CG  CD   sing N N 98  
GLN CG  HG2  sing N N 99  
GLN CG  HG3  sing N N 100 
GLN CD  OE1  doub N N 101 
GLN CD  NE2  sing N N 102 
GLN NE2 HE21 sing N N 103 
GLN NE2 HE22 sing N N 104 
GLN OXT HXT  sing N N 105 
GLU N   CA   sing N N 106 
GLU N   H    sing N N 107 
GLU N   H2   sing N N 108 
GLU CA  C    sing N N 109 
GLU CA  CB   sing N N 110 
GLU CA  HA   sing N N 111 
GLU C   O    doub N N 112 
GLU C   OXT  sing N N 113 
GLU CB  CG   sing N N 114 
GLU CB  HB2  sing N N 115 
GLU CB  HB3  sing N N 116 
GLU CG  CD   sing N N 117 
GLU CG  HG2  sing N N 118 
GLU CG  HG3  sing N N 119 
GLU CD  OE1  doub N N 120 
GLU CD  OE2  sing N N 121 
GLU OE2 HE2  sing N N 122 
GLU OXT HXT  sing N N 123 
GLY N   CA   sing N N 124 
GLY N   H    sing N N 125 
GLY N   H2   sing N N 126 
GLY CA  C    sing N N 127 
GLY CA  HA2  sing N N 128 
GLY CA  HA3  sing N N 129 
GLY C   O    doub N N 130 
GLY C   OXT  sing N N 131 
GLY OXT HXT  sing N N 132 
HIS N   CA   sing N N 133 
HIS N   H    sing N N 134 
HIS N   H2   sing N N 135 
HIS CA  C    sing N N 136 
HIS CA  CB   sing N N 137 
HIS CA  HA   sing N N 138 
HIS C   O    doub N N 139 
HIS C   OXT  sing N N 140 
HIS CB  CG   sing N N 141 
HIS CB  HB2  sing N N 142 
HIS CB  HB3  sing N N 143 
HIS CG  ND1  sing Y N 144 
HIS CG  CD2  doub Y N 145 
HIS ND1 CE1  doub Y N 146 
HIS ND1 HD1  sing N N 147 
HIS CD2 NE2  sing Y N 148 
HIS CD2 HD2  sing N N 149 
HIS CE1 NE2  sing Y N 150 
HIS CE1 HE1  sing N N 151 
HIS NE2 HE2  sing N N 152 
HIS OXT HXT  sing N N 153 
HOH O   H1   sing N N 154 
HOH O   H2   sing N N 155 
ILE N   CA   sing N N 156 
ILE N   H    sing N N 157 
ILE N   H2   sing N N 158 
ILE CA  C    sing N N 159 
ILE CA  CB   sing N N 160 
ILE CA  HA   sing N N 161 
ILE C   O    doub N N 162 
ILE C   OXT  sing N N 163 
ILE CB  CG1  sing N N 164 
ILE CB  CG2  sing N N 165 
ILE CB  HB   sing N N 166 
ILE CG1 CD1  sing N N 167 
ILE CG1 HG12 sing N N 168 
ILE CG1 HG13 sing N N 169 
ILE CG2 HG21 sing N N 170 
ILE CG2 HG22 sing N N 171 
ILE CG2 HG23 sing N N 172 
ILE CD1 HD11 sing N N 173 
ILE CD1 HD12 sing N N 174 
ILE CD1 HD13 sing N N 175 
ILE OXT HXT  sing N N 176 
LEU N   CA   sing N N 177 
LEU N   H    sing N N 178 
LEU N   H2   sing N N 179 
LEU CA  C    sing N N 180 
LEU CA  CB   sing N N 181 
LEU CA  HA   sing N N 182 
LEU C   O    doub N N 183 
LEU C   OXT  sing N N 184 
LEU CB  CG   sing N N 185 
LEU CB  HB2  sing N N 186 
LEU CB  HB3  sing N N 187 
LEU CG  CD1  sing N N 188 
LEU CG  CD2  sing N N 189 
LEU CG  HG   sing N N 190 
LEU CD1 HD11 sing N N 191 
LEU CD1 HD12 sing N N 192 
LEU CD1 HD13 sing N N 193 
LEU CD2 HD21 sing N N 194 
LEU CD2 HD22 sing N N 195 
LEU CD2 HD23 sing N N 196 
LEU OXT HXT  sing N N 197 
LYS N   CA   sing N N 198 
LYS N   H    sing N N 199 
LYS N   H2   sing N N 200 
LYS CA  C    sing N N 201 
LYS CA  CB   sing N N 202 
LYS CA  HA   sing N N 203 
LYS C   O    doub N N 204 
LYS C   OXT  sing N N 205 
LYS CB  CG   sing N N 206 
LYS CB  HB2  sing N N 207 
LYS CB  HB3  sing N N 208 
LYS CG  CD   sing N N 209 
LYS CG  HG2  sing N N 210 
LYS CG  HG3  sing N N 211 
LYS CD  CE   sing N N 212 
LYS CD  HD2  sing N N 213 
LYS CD  HD3  sing N N 214 
LYS CE  NZ   sing N N 215 
LYS CE  HE2  sing N N 216 
LYS CE  HE3  sing N N 217 
LYS NZ  HZ1  sing N N 218 
LYS NZ  HZ2  sing N N 219 
LYS NZ  HZ3  sing N N 220 
LYS OXT HXT  sing N N 221 
MET N   CA   sing N N 222 
MET N   H    sing N N 223 
MET N   H2   sing N N 224 
MET CA  C    sing N N 225 
MET CA  CB   sing N N 226 
MET CA  HA   sing N N 227 
MET C   O    doub N N 228 
MET C   OXT  sing N N 229 
MET CB  CG   sing N N 230 
MET CB  HB2  sing N N 231 
MET CB  HB3  sing N N 232 
MET CG  SD   sing N N 233 
MET CG  HG2  sing N N 234 
MET CG  HG3  sing N N 235 
MET SD  CE   sing N N 236 
MET CE  HE1  sing N N 237 
MET CE  HE2  sing N N 238 
MET CE  HE3  sing N N 239 
MET OXT HXT  sing N N 240 
PHE N   CA   sing N N 241 
PHE N   H    sing N N 242 
PHE N   H2   sing N N 243 
PHE CA  C    sing N N 244 
PHE CA  CB   sing N N 245 
PHE CA  HA   sing N N 246 
PHE C   O    doub N N 247 
PHE C   OXT  sing N N 248 
PHE CB  CG   sing N N 249 
PHE CB  HB2  sing N N 250 
PHE CB  HB3  sing N N 251 
PHE CG  CD1  doub Y N 252 
PHE CG  CD2  sing Y N 253 
PHE CD1 CE1  sing Y N 254 
PHE CD1 HD1  sing N N 255 
PHE CD2 CE2  doub Y N 256 
PHE CD2 HD2  sing N N 257 
PHE CE1 CZ   doub Y N 258 
PHE CE1 HE1  sing N N 259 
PHE CE2 CZ   sing Y N 260 
PHE CE2 HE2  sing N N 261 
PHE CZ  HZ   sing N N 262 
PHE OXT HXT  sing N N 263 
PRO N   CA   sing N N 264 
PRO N   CD   sing N N 265 
PRO N   H    sing N N 266 
PRO CA  C    sing N N 267 
PRO CA  CB   sing N N 268 
PRO CA  HA   sing N N 269 
PRO C   O    doub N N 270 
PRO C   OXT  sing N N 271 
PRO CB  CG   sing N N 272 
PRO CB  HB2  sing N N 273 
PRO CB  HB3  sing N N 274 
PRO CG  CD   sing N N 275 
PRO CG  HG2  sing N N 276 
PRO CG  HG3  sing N N 277 
PRO CD  HD2  sing N N 278 
PRO CD  HD3  sing N N 279 
PRO OXT HXT  sing N N 280 
SER N   CA   sing N N 281 
SER N   H    sing N N 282 
SER N   H2   sing N N 283 
SER CA  C    sing N N 284 
SER CA  CB   sing N N 285 
SER CA  HA   sing N N 286 
SER C   O    doub N N 287 
SER C   OXT  sing N N 288 
SER CB  OG   sing N N 289 
SER CB  HB2  sing N N 290 
SER CB  HB3  sing N N 291 
SER OG  HG   sing N N 292 
SER OXT HXT  sing N N 293 
THR N   CA   sing N N 294 
THR N   H    sing N N 295 
THR N   H2   sing N N 296 
THR CA  C    sing N N 297 
THR CA  CB   sing N N 298 
THR CA  HA   sing N N 299 
THR C   O    doub N N 300 
THR C   OXT  sing N N 301 
THR CB  OG1  sing N N 302 
THR CB  CG2  sing N N 303 
THR CB  HB   sing N N 304 
THR OG1 HG1  sing N N 305 
THR CG2 HG21 sing N N 306 
THR CG2 HG22 sing N N 307 
THR CG2 HG23 sing N N 308 
THR OXT HXT  sing N N 309 
TRP N   CA   sing N N 310 
TRP N   H    sing N N 311 
TRP N   H2   sing N N 312 
TRP CA  C    sing N N 313 
TRP CA  CB   sing N N 314 
TRP CA  HA   sing N N 315 
TRP C   O    doub N N 316 
TRP C   OXT  sing N N 317 
TRP CB  CG   sing N N 318 
TRP CB  HB2  sing N N 319 
TRP CB  HB3  sing N N 320 
TRP CG  CD1  doub Y N 321 
TRP CG  CD2  sing Y N 322 
TRP CD1 NE1  sing Y N 323 
TRP CD1 HD1  sing N N 324 
TRP CD2 CE2  doub Y N 325 
TRP CD2 CE3  sing Y N 326 
TRP NE1 CE2  sing Y N 327 
TRP NE1 HE1  sing N N 328 
TRP CE2 CZ2  sing Y N 329 
TRP CE3 CZ3  doub Y N 330 
TRP CE3 HE3  sing N N 331 
TRP CZ2 CH2  doub Y N 332 
TRP CZ2 HZ2  sing N N 333 
TRP CZ3 CH2  sing Y N 334 
TRP CZ3 HZ3  sing N N 335 
TRP CH2 HH2  sing N N 336 
TRP OXT HXT  sing N N 337 
TYR N   CA   sing N N 338 
TYR N   H    sing N N 339 
TYR N   H2   sing N N 340 
TYR CA  C    sing N N 341 
TYR CA  CB   sing N N 342 
TYR CA  HA   sing N N 343 
TYR C   O    doub N N 344 
TYR C   OXT  sing N N 345 
TYR CB  CG   sing N N 346 
TYR CB  HB2  sing N N 347 
TYR CB  HB3  sing N N 348 
TYR CG  CD1  doub Y N 349 
TYR CG  CD2  sing Y N 350 
TYR CD1 CE1  sing Y N 351 
TYR CD1 HD1  sing N N 352 
TYR CD2 CE2  doub Y N 353 
TYR CD2 HD2  sing N N 354 
TYR CE1 CZ   doub Y N 355 
TYR CE1 HE1  sing N N 356 
TYR CE2 CZ   sing Y N 357 
TYR CE2 HE2  sing N N 358 
TYR CZ  OH   sing N N 359 
TYR OH  HH   sing N N 360 
TYR OXT HXT  sing N N 361 
VAL N   CA   sing N N 362 
VAL N   H    sing N N 363 
VAL N   H2   sing N N 364 
VAL CA  C    sing N N 365 
VAL CA  CB   sing N N 366 
VAL CA  HA   sing N N 367 
VAL C   O    doub N N 368 
VAL C   OXT  sing N N 369 
VAL CB  CG1  sing N N 370 
VAL CB  CG2  sing N N 371 
VAL CB  HB   sing N N 372 
VAL CG1 HG11 sing N N 373 
VAL CG1 HG12 sing N N 374 
VAL CG1 HG13 sing N N 375 
VAL CG2 HG21 sing N N 376 
VAL CG2 HG22 sing N N 377 
VAL CG2 HG23 sing N N 378 
VAL OXT HXT  sing N N 379 
# 
_pdbx_initial_refinement_model.accession_code   3BP5 
_pdbx_initial_refinement_model.id               1 
_pdbx_initial_refinement_model.entity_id_list   ? 
_pdbx_initial_refinement_model.type             'experimental model' 
_pdbx_initial_refinement_model.source_name      PDB 
_pdbx_initial_refinement_model.details          'Structure of the model used has to be submitted.' 
# 
_atom_sites.entry_id                    3BOV 
_atom_sites.fract_transf_matrix[1][1]   -0.00244237 
_atom_sites.fract_transf_matrix[1][2]   0.00465409 
_atom_sites.fract_transf_matrix[1][3]   -0.02150398 
_atom_sites.fract_transf_matrix[2][1]   -0.00421572 
_atom_sites.fract_transf_matrix[2][2]   0.00718372 
_atom_sites.fract_transf_matrix[2][3]   0.00203358 
_atom_sites.fract_transf_matrix[3][1]   0.01914857 
_atom_sites.fract_transf_matrix[3][2]   0.01116861 
_atom_sites.fract_transf_matrix[3][3]   0.00024237 
_atom_sites.fract_transf_vector[1]      0.227545 
_atom_sites.fract_transf_vector[2]      0.391469 
_atom_sites.fract_transf_vector[3]      0.074220 
# 
loop_
_atom_type.symbol 
C  
N  
NA 
O  
S  
# 
loop_
_atom_site.group_PDB 
_atom_site.id 
_atom_site.type_symbol 
_atom_site.label_atom_id 
_atom_site.label_alt_id 
_atom_site.label_comp_id 
_atom_site.label_asym_id 
_atom_site.label_entity_id 
_atom_site.label_seq_id 
_atom_site.pdbx_PDB_ins_code 
_atom_site.Cartn_x 
_atom_site.Cartn_y 
_atom_site.Cartn_z 
_atom_site.occupancy 
_atom_site.B_iso_or_equiv 
_atom_site.pdbx_formal_charge 
_atom_site.auth_seq_id 
_atom_site.auth_comp_id 
_atom_site.auth_asym_id 
_atom_site.auth_atom_id 
_atom_site.pdbx_PDB_model_num 
ATOM   1   N  N   . LEU A 1 2   ? 0.195   -16.162 -13.405 1.00 29.88 ? 20  LEU A N   1 
ATOM   2   C  CA  . LEU A 1 2   ? 0.878   -16.180 -12.066 1.00 27.83 ? 20  LEU A CA  1 
ATOM   3   C  C   . LEU A 1 2   ? 0.465   -14.932 -11.298 1.00 24.62 ? 20  LEU A C   1 
ATOM   4   O  O   . LEU A 1 2   ? 0.381   -13.853 -11.869 1.00 30.15 ? 20  LEU A O   1 
ATOM   5   C  CB  . LEU A 1 2   ? 2.398   -16.187 -12.194 1.00 28.69 ? 20  LEU A CB  1 
ATOM   6   C  CG  . LEU A 1 2   ? 3.022   -17.459 -12.779 1.00 32.91 ? 20  LEU A CG  1 
ATOM   7   C  CD1 . LEU A 1 2   ? 4.531   -17.405 -12.595 1.00 30.97 ? 20  LEU A CD1 1 
ATOM   8   C  CD2 . LEU A 1 2   ? 2.428   -18.690 -12.127 1.00 28.88 ? 20  LEU A CD2 1 
ATOM   9   N  N   . PHE A 1 3   ? 0.246   -15.089 -10.009 1.00 23.01 ? 21  PHE A N   1 
ATOM   10  C  CA  . PHE A 1 3   ? -0.183  -13.956 -9.205  1.00 22.35 ? 21  PHE A CA  1 
ATOM   11  C  C   . PHE A 1 3   ? 0.971   -12.963 -9.012  1.00 20.62 ? 21  PHE A C   1 
ATOM   12  O  O   . PHE A 1 3   ? 2.025   -13.322 -8.481  1.00 20.25 ? 21  PHE A O   1 
ATOM   13  C  CB  . PHE A 1 3   ? -0.728  -14.455 -7.882  1.00 23.17 ? 21  PHE A CB  1 
ATOM   14  C  CG  . PHE A 1 3   ? -1.288  -13.370 -7.048  1.00 21.65 ? 21  PHE A CG  1 
ATOM   15  C  CD1 . PHE A 1 3   ? -2.568  -12.900 -7.290  1.00 23.72 ? 21  PHE A CD1 1 
ATOM   16  C  CD2 . PHE A 1 3   ? -0.523  -12.783 -6.061  1.00 21.88 ? 21  PHE A CD2 1 
ATOM   17  C  CE1 . PHE A 1 3   ? -3.084  -11.865 -6.541  1.00 25.73 ? 21  PHE A CE1 1 
ATOM   18  C  CE2 . PHE A 1 3   ? -1.039  -11.754 -5.319  1.00 26.24 ? 21  PHE A CE2 1 
ATOM   19  C  CZ  . PHE A 1 3   ? -2.318  -11.306 -5.562  1.00 23.58 ? 21  PHE A CZ  1 
ATOM   20  N  N   . THR A 1 4   ? 0.799   -11.709 -9.453  1.00 20.87 ? 22  THR A N   1 
ATOM   21  C  CA  . THR A 1 4   ? 1.836   -10.713 -9.196  1.00 16.88 ? 22  THR A CA  1 
ATOM   22  C  C   . THR A 1 4   ? 1.242   -9.409  -8.693  1.00 18.32 ? 22  THR A C   1 
ATOM   23  O  O   . THR A 1 4   ? 0.080   -9.092  -8.974  1.00 19.89 ? 22  THR A O   1 
ATOM   24  C  CB  . THR A 1 4   ? 2.685   -10.380 -10.430 1.00 24.26 ? 22  THR A CB  1 
ATOM   25  O  OG1 . THR A 1 4   ? 1.843   -9.973  -11.505 1.00 29.78 ? 22  THR A OG1 1 
ATOM   26  C  CG2 . THR A 1 4   ? 3.533   -11.595 -10.863 1.00 25.33 ? 22  THR A CG2 1 
ATOM   27  N  N   . VAL A 1 5   ? 2.069   -8.675  -7.981  1.00 19.62 ? 23  VAL A N   1 
ATOM   28  C  CA  . VAL A 1 5   ? 1.745   -7.311  -7.536  1.00 16.89 ? 23  VAL A CA  1 
ATOM   29  C  C   . VAL A 1 5   ? 2.668   -6.372  -8.310  1.00 20.38 ? 23  VAL A C   1 
ATOM   30  O  O   . VAL A 1 5   ? 3.847   -6.685  -8.573  1.00 20.69 ? 23  VAL A O   1 
ATOM   31  C  CB  . VAL A 1 5   ? 1.937   -7.200  -6.022  1.00 18.82 ? 23  VAL A CB  1 
ATOM   32  C  CG1 . VAL A 1 5   ? 1.879   -5.755  -5.575  1.00 20.22 ? 23  VAL A CG1 1 
ATOM   33  C  CG2 . VAL A 1 5   ? 0.867   -8.013  -5.316  1.00 19.39 ? 23  VAL A CG2 1 
ATOM   34  N  N   . THR A 1 6   ? 2.133   -5.227  -8.722  1.00 19.76 ? 24  THR A N   1 
ATOM   35  C  CA  A THR A 1 6   ? 2.967   -4.242  -9.374  0.70 21.38 ? 24  THR A CA  1 
ATOM   36  C  CA  B THR A 1 6   ? 2.870   -4.218  -9.475  0.30 18.46 ? 24  THR A CA  1 
ATOM   37  C  C   . THR A 1 6   ? 2.668   -2.872  -8.776  1.00 23.02 ? 24  THR A C   1 
ATOM   38  O  O   . THR A 1 6   ? 1.582   -2.620  -8.251  1.00 21.83 ? 24  THR A O   1 
ATOM   39  C  CB  A THR A 1 6   ? 2.785   -4.248  -10.910 0.70 25.75 ? 24  THR A CB  1 
ATOM   40  C  CB  B THR A 1 6   ? 2.294   -4.090  -10.907 0.30 16.37 ? 24  THR A CB  1 
ATOM   41  O  OG1 A THR A 1 6   ? 1.396   -4.226  -11.236 0.70 27.24 ? 24  THR A OG1 1 
ATOM   42  O  OG1 B THR A 1 6   ? 2.457   -5.324  -11.621 0.30 12.08 ? 24  THR A OG1 1 
ATOM   43  C  CG2 A THR A 1 6   ? 3.405   -5.503  -11.538 0.70 29.16 ? 24  THR A CG2 1 
ATOM   44  C  CG2 B THR A 1 6   ? 2.972   -2.958  -11.681 0.30 16.39 ? 24  THR A CG2 1 
ATOM   45  N  N   . ALA A 1 7   ? 3.678   -2.012  -8.787  1.00 21.72 ? 25  ALA A N   1 
ATOM   46  C  CA  . ALA A 1 7   ? 3.507   -0.649  -8.269  1.00 17.50 ? 25  ALA A CA  1 
ATOM   47  C  C   . ALA A 1 7   ? 3.599   0.308   -9.437  1.00 22.23 ? 25  ALA A C   1 
ATOM   48  O  O   . ALA A 1 7   ? 4.646   0.420   -10.068 1.00 26.72 ? 25  ALA A O   1 
ATOM   49  C  CB  . ALA A 1 7   ? 4.552   -0.338  -7.211  1.00 22.94 ? 25  ALA A CB  1 
ATOM   50  N  N   . PRO A 1 8   ? 2.491   0.991   -9.756  1.00 20.88 ? 26  PRO A N   1 
ATOM   51  C  CA  . PRO A 1 8   ? 2.470   1.943   -10.873 1.00 24.00 ? 26  PRO A CA  1 
ATOM   52  C  C   . PRO A 1 8   ? 3.473   3.083   -10.669 1.00 25.78 ? 26  PRO A C   1 
ATOM   53  O  O   . PRO A 1 8   ? 4.058   3.585   -11.643 1.00 24.15 ? 26  PRO A O   1 
ATOM   54  C  CB  . PRO A 1 8   ? 1.021   2.462   -10.892 1.00 27.92 ? 26  PRO A CB  1 
ATOM   55  C  CG  . PRO A 1 8   ? 0.366   1.946   -9.655  1.00 27.95 ? 26  PRO A CG  1 
ATOM   56  C  CD  . PRO A 1 8   ? 1.184   0.850   -9.082  1.00 22.94 ? 26  PRO A CD  1 
ATOM   57  N  N   . LYS A 1 9   ? 3.695   3.441   -9.405  1.00 24.09 ? 27  LYS A N   1 
ATOM   58  C  CA  . LYS A 1 9   ? 4.650   4.476   -9.011  1.00 24.92 ? 27  LYS A CA  1 
ATOM   59  C  C   . LYS A 1 9   ? 5.503   3.957   -7.865  1.00 23.43 ? 27  LYS A C   1 
ATOM   60  O  O   . LYS A 1 9   ? 4.986   3.409   -6.894  1.00 22.32 ? 27  LYS A O   1 
ATOM   61  C  CB  . LYS A 1 9   ? 3.901   5.730   -8.544  1.00 28.88 ? 27  LYS A CB  1 
ATOM   62  C  CG  . LYS A 1 9   ? 4.736   6.977   -8.564  1.00 35.43 ? 27  LYS A CG  1 
ATOM   63  C  CD  . LYS A 1 9   ? 3.874   8.192   -8.742  1.00 37.03 ? 27  LYS A CD  1 
ATOM   64  C  CE  . LYS A 1 9   ? 3.276   8.632   -7.442  1.00 33.79 ? 27  LYS A CE  1 
ATOM   65  N  NZ  . LYS A 1 9   ? 2.687   9.993   -7.594  1.00 39.40 ? 27  LYS A NZ  1 
ATOM   66  N  N   . GLU A 1 10  ? 6.805   4.181   -7.942  1.00 20.38 ? 28  GLU A N   1 
ATOM   67  C  CA  . GLU A 1 10  ? 7.678   3.763   -6.856  1.00 25.28 ? 28  GLU A CA  1 
ATOM   68  C  C   . GLU A 1 10  ? 7.941   4.854   -5.817  1.00 22.74 ? 28  GLU A C   1 
ATOM   69  O  O   . GLU A 1 10  ? 8.187   4.548   -4.654  1.00 25.08 ? 28  GLU A O   1 
ATOM   70  C  CB  . GLU A 1 10  ? 8.984   3.199   -7.416  1.00 34.49 ? 28  GLU A CB  1 
ATOM   71  C  CG  . GLU A 1 10  ? 8.726   1.986   -8.300  1.00 43.99 ? 28  GLU A CG  1 
ATOM   72  C  CD  . GLU A 1 10  ? 9.975   1.195   -8.616  1.00 49.57 ? 28  GLU A CD  1 
ATOM   73  O  OE1 . GLU A 1 10  ? 11.075  1.797   -8.636  1.00 54.13 ? 28  GLU A OE1 1 
ATOM   74  O  OE2 . GLU A 1 10  ? 9.847   -0.029  -8.847  1.00 51.85 ? 28  GLU A OE2 1 
ATOM   75  N  N   . VAL A 1 11  ? 7.885   6.121   -6.229  1.00 21.37 ? 29  VAL A N   1 
ATOM   76  C  CA  . VAL A 1 11  ? 8.117   7.211   -5.283  1.00 22.13 ? 29  VAL A CA  1 
ATOM   77  C  C   . VAL A 1 11  ? 6.967   8.212   -5.292  1.00 20.54 ? 29  VAL A C   1 
ATOM   78  O  O   . VAL A 1 11  ? 6.577   8.705   -6.351  1.00 24.21 ? 29  VAL A O   1 
ATOM   79  C  CB  . VAL A 1 11  ? 9.436   7.975   -5.588  1.00 26.68 ? 29  VAL A CB  1 
ATOM   80  C  CG1 . VAL A 1 11  ? 9.619   9.104   -4.592  1.00 24.08 ? 29  VAL A CG1 1 
ATOM   81  C  CG2 . VAL A 1 11  ? 10.616  7.019   -5.528  1.00 22.65 ? 29  VAL A CG2 1 
ATOM   82  N  N   . TYR A 1 12  ? 6.416   8.466   -4.110  1.00 16.67 ? 30  TYR A N   1 
ATOM   83  C  CA  . TYR A 1 12  ? 5.326   9.430   -3.919  1.00 17.97 ? 30  TYR A CA  1 
ATOM   84  C  C   . TYR A 1 12  ? 5.879   10.606  -3.147  1.00 20.91 ? 30  TYR A C   1 
ATOM   85  O  O   . TYR A 1 12  ? 6.397   10.447  -2.048  1.00 23.37 ? 30  TYR A O   1 
ATOM   86  C  CB  . TYR A 1 12  ? 4.191   8.829   -3.074  1.00 19.23 ? 30  TYR A CB  1 
ATOM   87  C  CG  . TYR A 1 12  ? 3.370   7.796   -3.807  1.00 17.02 ? 30  TYR A CG  1 
ATOM   88  C  CD1 . TYR A 1 12  ? 2.083   8.078   -4.227  1.00 20.07 ? 30  TYR A CD1 1 
ATOM   89  C  CD2 . TYR A 1 12  ? 3.874   6.512   -4.034  1.00 20.36 ? 30  TYR A CD2 1 
ATOM   90  C  CE1 . TYR A 1 12  ? 1.317   7.148   -4.879  1.00 19.01 ? 30  TYR A CE1 1 
ATOM   91  C  CE2 . TYR A 1 12  ? 3.118   5.564   -4.728  1.00 17.18 ? 30  TYR A CE2 1 
ATOM   92  C  CZ  . TYR A 1 12  ? 1.827   5.893   -5.131  1.00 18.70 ? 30  TYR A CZ  1 
ATOM   93  O  OH  . TYR A 1 12  ? 1.034   4.977   -5.798  1.00 20.25 ? 30  TYR A OH  1 
ATOM   94  N  N   . THR A 1 13  ? 5.744   11.793  -3.710  1.00 25.34 ? 31  THR A N   1 
ATOM   95  C  CA  . THR A 1 13  ? 6.174   12.989  -2.975  1.00 25.64 ? 31  THR A CA  1 
ATOM   96  C  C   . THR A 1 13  ? 4.919   13.690  -2.488  1.00 24.37 ? 31  THR A C   1 
ATOM   97  O  O   . THR A 1 13  ? 4.017   13.982  -3.279  1.00 27.43 ? 31  THR A O   1 
ATOM   98  C  CB  . THR A 1 13  ? 7.063   13.901  -3.846  1.00 31.43 ? 31  THR A CB  1 
ATOM   99  O  OG1 . THR A 1 13  ? 6.293   14.400  -4.939  1.00 41.68 ? 31  THR A OG1 1 
ATOM   100 C  CG2 . THR A 1 13  ? 8.254   13.119  -4.390  1.00 27.27 ? 31  THR A CG2 1 
ATOM   101 N  N   . VAL A 1 14  ? 4.835   13.898  -1.174  1.00 19.72 ? 32  VAL A N   1 
ATOM   102 C  CA  . VAL A 1 14  ? 3.650   14.435  -0.526  1.00 22.69 ? 32  VAL A CA  1 
ATOM   103 C  C   . VAL A 1 14  ? 3.976   15.621  0.396   1.00 22.60 ? 32  VAL A C   1 
ATOM   104 O  O   . VAL A 1 14  ? 4.884   15.525  1.207   1.00 21.67 ? 32  VAL A O   1 
ATOM   105 C  CB  . VAL A 1 14  ? 2.998   13.353  0.361   1.00 25.18 ? 32  VAL A CB  1 
ATOM   106 C  CG1 . VAL A 1 14  ? 1.640   13.829  0.877   1.00 25.14 ? 32  VAL A CG1 1 
ATOM   107 C  CG2 . VAL A 1 14  ? 2.869   12.032  -0.408  1.00 32.81 ? 32  VAL A CG2 1 
ATOM   108 N  N   . ASP A 1 15  ? 3.219   16.718  0.311   1.00 26.11 ? 33  ASP A N   1 
ATOM   109 C  CA  . ASP A 1 15  ? 3.388   17.786  1.302   1.00 25.40 ? 33  ASP A CA  1 
ATOM   110 C  C   . ASP A 1 15  ? 2.877   17.359  2.667   1.00 22.95 ? 33  ASP A C   1 
ATOM   111 O  O   . ASP A 1 15  ? 1.809   16.753  2.783   1.00 24.19 ? 33  ASP A O   1 
ATOM   112 C  CB  . ASP A 1 15  ? 2.630   19.063  0.886   1.00 29.32 ? 33  ASP A CB  1 
ATOM   113 C  CG  . ASP A 1 15  ? 3.097   19.613  -0.439  1.00 34.09 ? 33  ASP A CG  1 
ATOM   114 O  OD1 . ASP A 1 15  ? 4.313   19.541  -0.730  1.00 34.41 ? 33  ASP A OD1 1 
ATOM   115 O  OD2 . ASP A 1 15  ? 2.237   20.122  -1.189  1.00 37.80 ? 33  ASP A OD2 1 
ATOM   116 N  N   . VAL A 1 16  ? 3.606   17.722  3.722   1.00 16.58 ? 34  VAL A N   1 
ATOM   117 C  CA  . VAL A 1 16  ? 3.136   17.499  5.059   1.00 18.86 ? 34  VAL A CA  1 
ATOM   118 C  C   . VAL A 1 16  ? 1.724   18.023  5.208   1.00 25.99 ? 34  VAL A C   1 
ATOM   119 O  O   . VAL A 1 16  ? 1.421   19.145  4.785   1.00 25.16 ? 34  VAL A O   1 
ATOM   120 C  CB  . VAL A 1 16  ? 4.036   18.188  6.108   1.00 23.52 ? 34  VAL A CB  1 
ATOM   121 C  CG1 . VAL A 1 16  ? 3.443   18.025  7.488   1.00 30.62 ? 34  VAL A CG1 1 
ATOM   122 C  CG2 . VAL A 1 16  ? 5.413   17.582  6.087   1.00 27.42 ? 34  VAL A CG2 1 
ATOM   123 N  N   . GLY A 1 17  ? 0.870   17.208  5.813   1.00 20.68 ? 35  GLY A N   1 
ATOM   124 C  CA  . GLY A 1 17  ? -0.517  17.562  6.055   1.00 24.50 ? 35  GLY A CA  1 
ATOM   125 C  C   . GLY A 1 17  ? -1.520  17.217  4.955   1.00 24.77 ? 35  GLY A C   1 
ATOM   126 O  O   . GLY A 1 17  ? -2.733  17.300  5.181   1.00 28.60 ? 35  GLY A O   1 
ATOM   127 N  N   A SER A 1 18  ? -1.049  16.852  3.769   0.50 22.29 ? 36  SER A N   1 
ATOM   128 N  N   B SER A 1 18  ? -1.022  16.805  3.797   0.50 22.17 ? 36  SER A N   1 
ATOM   129 C  CA  A SER A 1 18  ? -1.976  16.478  2.710   0.50 22.19 ? 36  SER A CA  1 
ATOM   130 C  CA  B SER A 1 18  ? -1.878  16.463  2.675   0.50 21.62 ? 36  SER A CA  1 
ATOM   131 C  C   A SER A 1 18  ? -2.285  14.980  2.733   0.50 17.35 ? 36  SER A C   1 
ATOM   132 C  C   B SER A 1 18  ? -2.064  14.941  2.518   0.50 17.12 ? 36  SER A C   1 
ATOM   133 O  O   A SER A 1 18  ? -1.802  14.257  3.585   0.50 14.04 ? 36  SER A O   1 
ATOM   134 O  O   B SER A 1 18  ? -1.290  14.165  3.051   0.50 14.74 ? 36  SER A O   1 
ATOM   135 C  CB  A SER A 1 18  ? -1.461  16.889  1.330   0.50 23.53 ? 36  SER A CB  1 
ATOM   136 C  CB  B SER A 1 18  ? -1.334  17.092  1.398   0.50 24.73 ? 36  SER A CB  1 
ATOM   137 O  OG  A SER A 1 18  ? -0.374  16.088  0.913   0.50 29.72 ? 36  SER A OG  1 
ATOM   138 O  OG  B SER A 1 18  ? -1.260  18.510  1.546   0.50 25.30 ? 36  SER A OG  1 
ATOM   139 N  N   . SER A 1 19  ? -3.092  14.532  1.783   1.00 21.17 ? 37  SER A N   1 
ATOM   140 C  CA  . SER A 1 19  ? -3.442  13.092  1.698   1.00 17.95 ? 37  SER A CA  1 
ATOM   141 C  C   . SER A 1 19  ? -2.648  12.414  0.607   1.00 20.69 ? 37  SER A C   1 
ATOM   142 O  O   . SER A 1 19  ? -2.161  13.060  -0.325  1.00 22.07 ? 37  SER A O   1 
ATOM   143 C  CB  . SER A 1 19  ? -4.944  12.915  1.428   1.00 19.60 ? 37  SER A CB  1 
ATOM   144 O  OG  . SER A 1 19  ? -5.267  13.359  0.130   1.00 23.36 ? 37  SER A OG  1 
ATOM   145 N  N   . VAL A 1 20  ? -2.538  11.087  0.693   1.00 17.25 ? 38  VAL A N   1 
ATOM   146 C  CA  . VAL A 1 20  ? -1.912  10.358  -0.371  1.00 19.56 ? 38  VAL A CA  1 
ATOM   147 C  C   . VAL A 1 20  ? -2.605  9.005   -0.437  1.00 12.67 ? 38  VAL A C   1 
ATOM   148 O  O   . VAL A 1 20  ? -3.039  8.507   0.609   1.00 14.78 ? 38  VAL A O   1 
ATOM   149 C  CB  . VAL A 1 20  ? -0.388  10.192  -0.142  1.00 22.37 ? 38  VAL A CB  1 
ATOM   150 C  CG1 . VAL A 1 20  ? -0.106  9.282   1.027   1.00 18.34 ? 38  VAL A CG1 1 
ATOM   151 C  CG2 . VAL A 1 20  ? 0.270   9.656   -1.406  1.00 25.65 ? 38  VAL A CG2 1 
ATOM   152 N  N   . SER A 1 21  ? -2.749  8.481   -1.663  1.00 16.78 ? 39  SER A N   1 
ATOM   153 C  CA  . SER A 1 21  ? -3.300  7.133   -1.909  1.00 16.67 ? 39  SER A CA  1 
ATOM   154 C  C   . SER A 1 21  ? -2.205  6.329   -2.574  1.00 17.35 ? 39  SER A C   1 
ATOM   155 O  O   . SER A 1 21  ? -1.809  6.616   -3.719  1.00 20.92 ? 39  SER A O   1 
ATOM   156 C  CB  . SER A 1 21  ? -4.499  7.179   -2.850  1.00 23.03 ? 39  SER A CB  1 
ATOM   157 O  OG  . SER A 1 21  ? -5.560  7.910   -2.260  1.00 27.10 ? 39  SER A OG  1 
ATOM   158 N  N   . LEU A 1 22  ? -1.653  5.402   -1.809  1.00 18.42 ? 40  LEU A N   1 
ATOM   159 C  CA  . LEU A 1 22  ? -0.546  4.582   -2.269  1.00 17.11 ? 40  LEU A CA  1 
ATOM   160 C  C   . LEU A 1 22  ? -1.134  3.366   -2.960  1.00 19.30 ? 40  LEU A C   1 
ATOM   161 O  O   . LEU A 1 22  ? -1.942  2.660   -2.355  1.00 16.28 ? 40  LEU A O   1 
ATOM   162 C  CB  . LEU A 1 22  ? 0.315   4.170   -1.080  1.00 18.59 ? 40  LEU A CB  1 
ATOM   163 C  CG  . LEU A 1 22  ? 0.797   5.379   -0.252  1.00 18.63 ? 40  LEU A CG  1 
ATOM   164 C  CD1 . LEU A 1 22  ? 1.387   4.928   1.098   1.00 23.37 ? 40  LEU A CD1 1 
ATOM   165 C  CD2 . LEU A 1 22  ? 1.819   6.186   -1.069  1.00 18.76 ? 40  LEU A CD2 1 
ATOM   166 N  N   . GLU A 1 23  ? -0.718  3.106   -4.203  1.00 17.34 ? 41  GLU A N   1 
ATOM   167 C  CA  . GLU A 1 23  ? -1.387  2.091   -5.025  1.00 16.65 ? 41  GLU A CA  1 
ATOM   168 C  C   . GLU A 1 23  ? -0.461  0.921   -5.349  1.00 19.30 ? 41  GLU A C   1 
ATOM   169 O  O   . GLU A 1 23  ? 0.699   1.118   -5.708  1.00 18.44 ? 41  GLU A O   1 
ATOM   170 C  CB  . GLU A 1 23  ? -1.875  2.694   -6.349  1.00 20.33 ? 41  GLU A CB  1 
ATOM   171 C  CG  . GLU A 1 23  ? -2.518  1.624   -7.270  1.00 22.55 ? 41  GLU A CG  1 
ATOM   172 C  CD  . GLU A 1 23  ? -3.202  2.197   -8.505  1.00 26.82 ? 41  GLU A CD  1 
ATOM   173 O  OE1 . GLU A 1 23  ? -3.276  3.430   -8.637  1.00 25.75 ? 41  GLU A OE1 1 
ATOM   174 O  OE2 . GLU A 1 23  ? -3.655  1.411   -9.367  1.00 24.18 ? 41  GLU A OE2 1 
ATOM   175 N  N   . CYS A 1 24  ? -0.983  -0.292  -5.216  1.00 14.70 ? 42  CYS A N   1 
ATOM   176 C  CA  . CYS A 1 24  ? -0.319  -1.464  -5.764  1.00 17.83 ? 42  CYS A CA  1 
ATOM   177 C  C   . CYS A 1 24  ? -1.384  -2.283  -6.429  1.00 21.20 ? 42  CYS A C   1 
ATOM   178 O  O   . CYS A 1 24  ? -2.442  -2.510  -5.846  1.00 20.37 ? 42  CYS A O   1 
ATOM   179 C  CB  . CYS A 1 24  ? 0.333   -2.271  -4.669  1.00 21.19 ? 42  CYS A CB  1 
ATOM   180 S  SG  . CYS A 1 24  ? 1.862   -1.442  -4.144  1.00 24.65 ? 42  CYS A SG  1 
ATOM   181 N  N   . ASP A 1 25  ? -1.092  -2.733  -7.638  1.00 16.89 ? 43  ASP A N   1 
ATOM   182 C  CA  . ASP A 1 25  ? -2.082  -3.469  -8.402  1.00 19.86 ? 43  ASP A CA  1 
ATOM   183 C  C   . ASP A 1 25  ? -1.778  -4.961  -8.323  1.00 23.05 ? 43  ASP A C   1 
ATOM   184 O  O   . ASP A 1 25  ? -0.637  -5.346  -8.094  1.00 22.74 ? 43  ASP A O   1 
ATOM   185 C  CB  . ASP A 1 25  ? -2.093  -2.952  -9.839  1.00 21.91 ? 43  ASP A CB  1 
ATOM   186 C  CG  . ASP A 1 25  ? -2.423  -1.465  -9.914  1.00 28.12 ? 43  ASP A CG  1 
ATOM   187 O  OD1 . ASP A 1 25  ? -3.186  -0.989  -9.055  1.00 24.41 ? 43  ASP A OD1 1 
ATOM   188 O  OD2 . ASP A 1 25  ? -1.935  -0.783  -10.830 1.00 31.94 ? 43  ASP A OD2 1 
ATOM   189 N  N   . PHE A 1 26  ? -2.809  -5.793  -8.459  1.00 21.28 ? 44  PHE A N   1 
ATOM   190 C  CA  . PHE A 1 26  ? -2.640  -7.251  -8.300  1.00 22.39 ? 44  PHE A CA  1 
ATOM   191 C  C   . PHE A 1 26  ? -3.623  -7.954  -9.228  1.00 24.74 ? 44  PHE A C   1 
ATOM   192 O  O   . PHE A 1 26  ? -4.566  -7.340  -9.728  1.00 22.45 ? 44  PHE A O   1 
ATOM   193 C  CB  . PHE A 1 26  ? -2.836  -7.694  -6.849  1.00 22.20 ? 44  PHE A CB  1 
ATOM   194 C  CG  . PHE A 1 26  ? -4.237  -7.479  -6.312  1.00 21.29 ? 44  PHE A CG  1 
ATOM   195 C  CD1 . PHE A 1 26  ? -5.199  -8.482  -6.418  1.00 22.89 ? 44  PHE A CD1 1 
ATOM   196 C  CD2 . PHE A 1 26  ? -4.597  -6.267  -5.723  1.00 18.72 ? 44  PHE A CD2 1 
ATOM   197 C  CE1 . PHE A 1 26  ? -6.478  -8.291  -5.925  1.00 19.96 ? 44  PHE A CE1 1 
ATOM   198 C  CE2 . PHE A 1 26  ? -5.867  -6.077  -5.222  1.00 19.51 ? 44  PHE A CE2 1 
ATOM   199 C  CZ  . PHE A 1 26  ? -6.811  -7.066  -5.322  1.00 20.92 ? 44  PHE A CZ  1 
ATOM   200 N  N   . ASP A 1 27  ? -3.397  -9.240  -9.470  1.00 23.72 ? 45  ASP A N   1 
ATOM   201 C  CA  . ASP A 1 27  ? -4.217  -9.986  -10.407 1.00 29.31 ? 45  ASP A CA  1 
ATOM   202 C  C   . ASP A 1 27  ? -5.479  -10.504 -9.717  1.00 31.36 ? 45  ASP A C   1 
ATOM   203 O  O   . ASP A 1 27  ? -5.512  -11.623 -9.198  1.00 27.82 ? 45  ASP A O   1 
ATOM   204 C  CB  . ASP A 1 27  ? -3.369  -11.125 -10.971 1.00 29.82 ? 45  ASP A CB  1 
ATOM   205 C  CG  . ASP A 1 27  ? -2.106  -10.613 -11.607 1.00 32.20 ? 45  ASP A CG  1 
ATOM   206 O  OD1 . ASP A 1 27  ? -2.198  -9.802  -12.547 1.00 37.81 ? 45  ASP A OD1 1 
ATOM   207 O  OD2 . ASP A 1 27  ? -1.015  -10.977 -11.151 1.00 33.70 ? 45  ASP A OD2 1 
ATOM   208 N  N   . ARG A 1 28  ? -6.507  -9.656  -9.684  1.00 29.06 ? 46  ARG A N   1 
ATOM   209 C  CA  . ARG A 1 28  ? -7.742  -9.976  -8.992  1.00 29.92 ? 46  ARG A CA  1 
ATOM   210 C  C   . ARG A 1 28  ? -8.392  -11.236 -9.565  1.00 30.73 ? 46  ARG A C   1 
ATOM   211 O  O   . ARG A 1 28  ? -9.039  -11.991 -8.837  1.00 30.31 ? 46  ARG A O   1 
ATOM   212 C  CB  . ARG A 1 28  ? -8.716  -8.795  -9.062  1.00 34.72 ? 46  ARG A CB  1 
ATOM   213 C  CG  . ARG A 1 28  ? -10.090 -9.068  -8.428  1.00 36.35 ? 46  ARG A CG  1 
ATOM   214 C  CD  . ARG A 1 28  ? -10.004 -9.235  -6.907  1.00 42.66 ? 46  ARG A CD  1 
ATOM   215 N  NE  . ARG A 1 28  ? -11.304 -9.554  -6.315  1.00 47.87 ? 46  ARG A NE  1 
ATOM   216 C  CZ  . ARG A 1 28  ? -11.841 -10.772 -6.324  1.00 52.58 ? 46  ARG A CZ  1 
ATOM   217 N  NH1 . ARG A 1 28  ? -11.187 -11.782 -6.893  1.00 50.01 ? 46  ARG A NH1 1 
ATOM   218 N  NH2 . ARG A 1 28  ? -13.032 -10.988 -5.769  1.00 51.86 ? 46  ARG A NH2 1 
ATOM   219 N  N   . ARG A 1 29  ? -8.212  -11.467 -10.857 1.00 29.89 ? 47  ARG A N   1 
ATOM   220 C  CA  . ARG A 1 29  ? -8.791  -12.667 -11.481 1.00 37.27 ? 47  ARG A CA  1 
ATOM   221 C  C   . ARG A 1 29  ? -8.371  -13.981 -10.803 1.00 38.37 ? 47  ARG A C   1 
ATOM   222 O  O   . ARG A 1 29  ? -9.037  -15.006 -10.967 1.00 36.37 ? 47  ARG A O   1 
ATOM   223 C  CB  . ARG A 1 29  ? -8.514  -12.691 -12.986 1.00 39.39 ? 47  ARG A CB  1 
ATOM   224 C  CG  . ARG A 1 29  ? -9.495  -11.820 -13.760 1.00 43.95 ? 47  ARG A CG  1 
ATOM   225 C  CD  . ARG A 1 29  ? -8.999  -11.465 -15.155 1.00 47.25 ? 47  ARG A CD  1 
ATOM   226 N  NE  . ARG A 1 29  ? -9.790  -10.373 -15.727 1.00 50.81 ? 47  ARG A NE  1 
ATOM   227 C  CZ  . ARG A 1 29  ? -9.519  -9.079  -15.560 1.00 51.33 ? 47  ARG A CZ  1 
ATOM   228 N  NH1 . ARG A 1 29  ? -8.467  -8.696  -14.840 1.00 50.87 ? 47  ARG A NH1 1 
ATOM   229 N  NH2 . ARG A 1 29  ? -10.300 -8.160  -16.117 1.00 48.01 ? 47  ARG A NH2 1 
ATOM   230 N  N   A GLU A 1 30  ? -7.285  -13.932 -10.030 0.50 34.35 ? 48  GLU A N   1 
ATOM   231 N  N   B GLU A 1 30  ? -7.281  -13.950 -10.038 0.50 37.74 ? 48  GLU A N   1 
ATOM   232 C  CA  A GLU A 1 30  ? -6.761  -15.113 -9.352  0.50 33.73 ? 48  GLU A CA  1 
ATOM   233 C  CA  B GLU A 1 30  ? -6.803  -15.151 -9.357  0.50 39.33 ? 48  GLU A CA  1 
ATOM   234 C  C   A GLU A 1 30  ? -7.115  -15.148 -7.868  0.50 37.81 ? 48  GLU A C   1 
ATOM   235 C  C   B GLU A 1 30  ? -7.387  -15.307 -7.958  0.50 41.16 ? 48  GLU A C   1 
ATOM   236 O  O   A GLU A 1 30  ? -6.602  -15.984 -7.123  0.50 39.73 ? 48  GLU A O   1 
ATOM   237 O  O   B GLU A 1 30  ? -7.304  -16.381 -7.362  0.50 42.97 ? 48  GLU A O   1 
ATOM   238 C  CB  A GLU A 1 30  ? -5.245  -15.200 -9.533  0.50 31.36 ? 48  GLU A CB  1 
ATOM   239 C  CB  B GLU A 1 30  ? -5.274  -15.161 -9.292  0.50 40.90 ? 48  GLU A CB  1 
ATOM   240 C  CG  A GLU A 1 30  ? -4.792  -15.096 -10.978 0.50 24.83 ? 48  GLU A CG  1 
ATOM   241 C  CG  B GLU A 1 30  ? -4.592  -15.527 -10.601 0.50 41.80 ? 48  GLU A CG  1 
ATOM   242 C  CD  A GLU A 1 30  ? -5.109  -16.346 -11.780 0.50 29.40 ? 48  GLU A CD  1 
ATOM   243 C  CD  B GLU A 1 30  ? -4.511  -14.374 -11.579 0.50 43.82 ? 48  GLU A CD  1 
ATOM   244 O  OE1 A GLU A 1 30  ? -5.494  -17.369 -11.170 0.50 27.57 ? 48  GLU A OE1 1 
ATOM   245 O  OE1 B GLU A 1 30  ? -5.563  -13.778 -11.901 0.50 45.42 ? 48  GLU A OE1 1 
ATOM   246 O  OE2 A GLU A 1 30  ? -4.967  -16.303 -13.019 0.50 31.09 ? 48  GLU A OE2 1 
ATOM   247 O  OE2 B GLU A 1 30  ? -3.389  -14.072 -12.042 0.50 44.93 ? 48  GLU A OE2 1 
ATOM   248 N  N   . CYS A 1 31  ? -7.988  -14.240 -7.443  1.00 40.33 ? 49  CYS A N   1 
ATOM   249 C  CA  . CYS A 1 31  ? -8.477  -14.222 -6.066  1.00 44.10 ? 49  CYS A CA  1 
ATOM   250 C  C   . CYS A 1 31  ? -9.961  -14.538 -5.968  1.00 48.89 ? 49  CYS A C   1 
ATOM   251 O  O   . CYS A 1 31  ? -10.724 -14.287 -6.895  1.00 50.62 ? 49  CYS A O   1 
ATOM   252 C  CB  . CYS A 1 31  ? -8.253  -12.849 -5.438  1.00 41.95 ? 49  CYS A CB  1 
ATOM   253 S  SG  . CYS A 1 31  ? -6.606  -12.235 -5.692  1.00 38.92 ? 49  CYS A SG  1 
ATOM   254 N  N   . THR A 1 32  ? -10.363 -15.063 -4.820  1.00 53.31 ? 50  THR A N   1 
ATOM   255 C  CA  . THR A 1 32  ? -11.769 -15.284 -4.537  1.00 59.05 ? 50  THR A CA  1 
ATOM   256 C  C   . THR A 1 32  ? -12.050 -14.842 -3.111  1.00 61.88 ? 50  THR A C   1 
ATOM   257 O  O   . THR A 1 32  ? -11.299 -15.178 -2.195  1.00 60.72 ? 50  THR A O   1 
ATOM   258 C  CB  . THR A 1 32  ? -12.149 -16.773 -4.683  1.00 60.98 ? 50  THR A CB  1 
ATOM   259 O  OG1 . THR A 1 32  ? -11.341 -17.563 -3.799  1.00 62.04 ? 50  THR A OG1 1 
ATOM   260 C  CG2 . THR A 1 32  ? -11.941 -17.254 -6.121  1.00 61.28 ? 50  THR A CG2 1 
ATOM   261 N  N   . GLU A 1 33  ? -13.122 -14.081 -2.918  1.00 67.14 ? 51  GLU A N   1 
ATOM   262 C  CA  . GLU A 1 33  ? -13.568 -13.773 -1.564  1.00 70.84 ? 51  GLU A CA  1 
ATOM   263 C  C   . GLU A 1 33  ? -14.033 -15.073 -0.912  1.00 71.88 ? 51  GLU A C   1 
ATOM   264 O  O   . GLU A 1 33  ? -14.415 -15.096 0.258   1.00 73.43 ? 51  GLU A O   1 
ATOM   265 C  CB  . GLU A 1 33  ? -14.678 -12.717 -1.550  1.00 72.44 ? 51  GLU A CB  1 
ATOM   266 C  CG  . GLU A 1 33  ? -14.775 -11.939 -0.229  1.00 72.80 ? 51  GLU A CG  1 
ATOM   267 C  CD  . GLU A 1 33  ? -13.524 -11.116 0.071   1.00 72.78 ? 51  GLU A CD  1 
ATOM   268 O  OE1 . GLU A 1 33  ? -13.050 -10.397 -0.836  1.00 72.66 ? 51  GLU A OE1 1 
ATOM   269 O  OE2 . GLU A 1 33  ? -13.017 -11.184 1.212   1.00 72.24 ? 51  GLU A OE2 1 
ATOM   270 N  N   . LEU A 1 34  ? -13.991 -16.154 -1.687  1.00 71.86 ? 52  LEU A N   1 
ATOM   271 C  CA  . LEU A 1 34  ? -14.175 -17.491 -1.143  1.00 72.95 ? 52  LEU A CA  1 
ATOM   272 C  C   . LEU A 1 34  ? -12.930 -17.879 -0.343  1.00 71.77 ? 52  LEU A C   1 
ATOM   273 O  O   . LEU A 1 34  ? -13.012 -18.115 0.864   1.00 72.55 ? 52  LEU A O   1 
ATOM   274 C  CB  . LEU A 1 34  ? -14.437 -18.504 -2.266  1.00 74.91 ? 52  LEU A CB  1 
ATOM   275 C  CG  . LEU A 1 34  ? -14.868 -19.922 -1.874  1.00 76.59 ? 52  LEU A CG  1 
ATOM   276 C  CD1 . LEU A 1 34  ? -13.681 -20.785 -1.430  1.00 76.76 ? 52  LEU A CD1 1 
ATOM   277 C  CD2 . LEU A 1 34  ? -15.959 -19.890 -0.802  1.00 76.52 ? 52  LEU A CD2 1 
ATOM   278 N  N   . GLU A 1 35  ? -11.783 -17.933 -1.020  1.00 67.87 ? 53  GLU A N   1 
ATOM   279 C  CA  . GLU A 1 35  ? -10.507 -18.256 -0.371  1.00 66.22 ? 53  GLU A CA  1 
ATOM   280 C  C   . GLU A 1 35  ? -9.976  -17.127 0.500   1.00 62.09 ? 53  GLU A C   1 
ATOM   281 O  O   . GLU A 1 35  ? -9.283  -17.366 1.492   1.00 63.47 ? 53  GLU A O   1 
ATOM   282 C  CB  . GLU A 1 35  ? -9.445  -18.621 -1.403  1.00 68.61 ? 53  GLU A CB  1 
ATOM   283 C  CG  . GLU A 1 35  ? -8.955  -20.047 -1.295  1.00 72.21 ? 53  GLU A CG  1 
ATOM   284 C  CD  . GLU A 1 35  ? -7.698  -20.277 -2.101  1.00 74.45 ? 53  GLU A CD  1 
ATOM   285 O  OE1 . GLU A 1 35  ? -7.517  -19.576 -3.123  1.00 75.74 ? 53  GLU A OE1 1 
ATOM   286 O  OE2 . GLU A 1 35  ? -6.896  -21.154 -1.713  1.00 74.71 ? 53  GLU A OE2 1 
ATOM   287 N  N   . GLY A 1 36  ? -10.285 -15.896 0.111   1.00 55.66 ? 54  GLY A N   1 
ATOM   288 C  CA  . GLY A 1 36  ? -9.872  -14.743 0.884   1.00 47.87 ? 54  GLY A CA  1 
ATOM   289 C  C   . GLY A 1 36  ? -8.783  -13.935 0.204   1.00 41.92 ? 54  GLY A C   1 
ATOM   290 O  O   . GLY A 1 36  ? -7.935  -14.465 -0.518  1.00 40.94 ? 54  GLY A O   1 
ATOM   291 N  N   . ILE A 1 37  ? -8.832  -12.635 0.429   1.00 32.51 ? 55  ILE A N   1 
ATOM   292 C  CA  . ILE A 1 37  ? -7.788  -11.734 -0.028  1.00 29.39 ? 55  ILE A CA  1 
ATOM   293 C  C   . ILE A 1 37  ? -7.329  -10.982 1.215   1.00 26.35 ? 55  ILE A C   1 
ATOM   294 O  O   . ILE A 1 37  ? -8.126  -10.736 2.116   1.00 22.42 ? 55  ILE A O   1 
ATOM   295 C  CB  . ILE A 1 37  ? -8.341  -10.767 -1.077  1.00 30.61 ? 55  ILE A CB  1 
ATOM   296 C  CG1 . ILE A 1 37  ? -7.268  -9.794  -1.552  1.00 33.87 ? 55  ILE A CG1 1 
ATOM   297 C  CG2 . ILE A 1 37  ? -9.520  -9.971  -0.504  1.00 37.91 ? 55  ILE A CG2 1 
ATOM   298 C  CD1 . ILE A 1 37  ? -7.583  -9.199  -2.895  1.00 40.22 ? 55  ILE A CD1 1 
ATOM   299 N  N   . ARG A 1 38  ? -6.042  -10.668 1.306   1.00 17.72 ? 56  ARG A N   1 
ATOM   300 C  CA  . ARG A 1 38  ? -5.560  -9.762  2.363   1.00 19.59 ? 56  ARG A CA  1 
ATOM   301 C  C   . ARG A 1 38  ? -4.580  -8.839  1.663   1.00 20.86 ? 56  ARG A C   1 
ATOM   302 O  O   . ARG A 1 38  ? -3.779  -9.300  0.859   1.00 20.91 ? 56  ARG A O   1 
ATOM   303 C  CB  . ARG A 1 38  ? -4.812  -10.491 3.477   1.00 19.07 ? 56  ARG A CB  1 
ATOM   304 C  CG  . ARG A 1 38  ? -5.655  -11.463 4.289   1.00 22.55 ? 56  ARG A CG  1 
ATOM   305 C  CD  . ARG A 1 38  ? -6.562  -10.734 5.260   1.00 21.97 ? 56  ARG A CD  1 
ATOM   306 N  NE  . ARG A 1 38  ? -7.414  -11.703 5.940   1.00 25.03 ? 56  ARG A NE  1 
ATOM   307 C  CZ  . ARG A 1 38  ? -7.736  -11.644 7.217   1.00 26.64 ? 56  ARG A CZ  1 
ATOM   308 N  NH1 . ARG A 1 38  ? -7.279  -10.647 7.964   1.00 26.21 ? 56  ARG A NH1 1 
ATOM   309 N  NH2 . ARG A 1 38  ? -8.516  -12.596 7.742   1.00 27.37 ? 56  ARG A NH2 1 
ATOM   310 N  N   . ALA A 1 39  ? -4.662  -7.543  1.944   1.00 12.85 ? 57  ALA A N   1 
ATOM   311 C  CA  . ALA A 1 39  ? -3.617  -6.624  1.494   1.00 15.13 ? 57  ALA A CA  1 
ATOM   312 C  C   . ALA A 1 39  ? -2.994  -5.948  2.706   1.00 15.12 ? 57  ALA A C   1 
ATOM   313 O  O   . ALA A 1 39  ? -3.615  -5.844  3.786   1.00 14.40 ? 57  ALA A O   1 
ATOM   314 C  CB  . ALA A 1 39  ? -4.178  -5.598  0.511   1.00 17.07 ? 57  ALA A CB  1 
ATOM   315 N  N   . SER A 1 40  ? -1.740  -5.518  2.569   1.00 12.18 ? 58  SER A N   1 
ATOM   316 C  CA  . SER A 1 40  ? -1.055  -4.970  3.741   1.00 14.67 ? 58  SER A CA  1 
ATOM   317 C  C   . SER A 1 40  ? 0.050   -4.028  3.267   1.00 14.15 ? 58  SER A C   1 
ATOM   318 O  O   . SER A 1 40  ? 0.876   -4.395  2.441   1.00 16.83 ? 58  SER A O   1 
ATOM   319 C  CB  . SER A 1 40  ? -0.447  -6.094  4.585   1.00 15.90 ? 58  SER A CB  1 
ATOM   320 O  OG  . SER A 1 40  ? -0.048  -5.621  5.881   1.00 18.79 ? 58  SER A OG  1 
ATOM   321 N  N   . LEU A 1 41  ? 0.059   -2.819  3.809   1.00 14.93 ? 59  LEU A N   1 
ATOM   322 C  CA  . LEU A 1 41  ? 1.149   -1.886  3.562   1.00 13.25 ? 59  LEU A CA  1 
ATOM   323 C  C   . LEU A 1 41  ? 2.019   -1.906  4.808   1.00 15.85 ? 59  LEU A C   1 
ATOM   324 O  O   . LEU A 1 41  ? 1.547   -1.555  5.895   1.00 15.65 ? 59  LEU A O   1 
ATOM   325 C  CB  . LEU A 1 41  ? 0.587   -0.465  3.401   1.00 12.24 ? 59  LEU A CB  1 
ATOM   326 C  CG  . LEU A 1 41  ? 1.659   0.577   3.105   1.00 15.51 ? 59  LEU A CG  1 
ATOM   327 C  CD1 . LEU A 1 41  ? 2.094   0.442   1.669   1.00 17.30 ? 59  LEU A CD1 1 
ATOM   328 C  CD2 . LEU A 1 41  ? 1.049   1.987   3.405   1.00 16.38 ? 59  LEU A CD2 1 
ATOM   329 N  N   . GLN A 1 42  ? 3.288   -2.330  4.665   1.00 13.57 ? 60  GLN A N   1 
ATOM   330 C  CA  . GLN A 1 42  ? 4.147   -2.562  5.821   1.00 11.29 ? 60  GLN A CA  1 
ATOM   331 C  C   . GLN A 1 42  ? 5.308   -1.593  5.768   1.00 13.74 ? 60  GLN A C   1 
ATOM   332 O  O   . GLN A 1 42  ? 5.951   -1.493  4.743   1.00 16.63 ? 60  GLN A O   1 
ATOM   333 C  CB  . GLN A 1 42  ? 4.657   -4.011  5.785   1.00 16.31 ? 60  GLN A CB  1 
ATOM   334 C  CG  . GLN A 1 42  ? 3.451   -4.967  5.725   1.00 21.86 ? 60  GLN A CG  1 
ATOM   335 C  CD  . GLN A 1 42  ? 3.823   -6.418  5.815   1.00 28.85 ? 60  GLN A CD  1 
ATOM   336 O  OE1 . GLN A 1 42  ? 4.963   -6.781  5.542   1.00 25.73 ? 60  GLN A OE1 1 
ATOM   337 N  NE2 . GLN A 1 42  ? 2.841   -7.273  6.179   1.00 25.65 ? 60  GLN A NE2 1 
ATOM   338 N  N   . LYS A 1 43  ? 5.526   -0.836  6.842   1.00 13.52 ? 61  LYS A N   1 
ATOM   339 C  CA  . LYS A 1 43  ? 6.624   0.138   6.833   1.00 14.47 ? 61  LYS A CA  1 
ATOM   340 C  C   . LYS A 1 43  ? 7.948   -0.596  7.100   1.00 16.79 ? 61  LYS A C   1 
ATOM   341 O  O   . LYS A 1 43  ? 8.054   -1.409  8.018   1.00 16.67 ? 61  LYS A O   1 
ATOM   342 C  CB  . LYS A 1 43  ? 6.365   1.277   7.837   1.00 15.61 ? 61  LYS A CB  1 
ATOM   343 C  CG  . LYS A 1 43  ? 7.353   2.447   7.607   1.00 17.98 ? 61  LYS A CG  1 
ATOM   344 C  CD  . LYS A 1 43  ? 6.972   3.655   8.444   1.00 17.44 ? 61  LYS A CD  1 
ATOM   345 C  CE  . LYS A 1 43  ? 7.700   4.887   7.907   1.00 18.69 ? 61  LYS A CE  1 
ATOM   346 N  NZ  . LYS A 1 43  ? 9.203   4.816   8.089   1.00 18.77 ? 61  LYS A NZ  1 
ATOM   347 N  N   . VAL A 1 44  ? 8.951   -0.331  6.271   1.00 17.68 ? 62  VAL A N   1 
ATOM   348 C  CA  . VAL A 1 44  ? 10.197  -1.076  6.348   1.00 18.71 ? 62  VAL A CA  1 
ATOM   349 C  C   . VAL A 1 44  ? 11.010  -0.731  7.591   1.00 22.38 ? 62  VAL A C   1 
ATOM   350 O  O   . VAL A 1 44  ? 11.523  -1.635  8.267   1.00 19.99 ? 62  VAL A O   1 
ATOM   351 C  CB  . VAL A 1 44  ? 11.048  -0.893  5.067   1.00 17.23 ? 62  VAL A CB  1 
ATOM   352 C  CG1 . VAL A 1 44  ? 12.448  -1.533  5.259   1.00 20.31 ? 62  VAL A CG1 1 
ATOM   353 C  CG2 . VAL A 1 44  ? 10.346  -1.464  3.863   1.00 20.62 ? 62  VAL A CG2 1 
ATOM   354 N  N   . GLU A 1 45  ? 11.085  0.563   7.921   1.00 19.29 ? 63  GLU A N   1 
ATOM   355 C  CA  . GLU A 1 45  ? 11.940  1.022   9.005   1.00 21.77 ? 63  GLU A CA  1 
ATOM   356 C  C   . GLU A 1 45  ? 11.159  1.783   10.062  1.00 18.01 ? 63  GLU A C   1 
ATOM   357 O  O   . GLU A 1 45  ? 10.173  2.447   9.758   1.00 18.55 ? 63  GLU A O   1 
ATOM   358 C  CB  . GLU A 1 45  ? 13.035  1.941   8.471   1.00 25.14 ? 63  GLU A CB  1 
ATOM   359 C  CG  . GLU A 1 45  ? 13.906  1.321   7.390   1.00 35.49 ? 63  GLU A CG  1 
ATOM   360 C  CD  . GLU A 1 45  ? 15.011  0.436   7.938   1.00 46.08 ? 63  GLU A CD  1 
ATOM   361 O  OE1 . GLU A 1 45  ? 14.973  0.100   9.147   1.00 50.23 ? 63  GLU A OE1 1 
ATOM   362 O  OE2 . GLU A 1 45  ? 15.923  0.075   7.149   1.00 50.13 ? 63  GLU A OE2 1 
ATOM   363 N  N   . ASN A 1 46  ? 11.624  1.671   11.301  1.00 18.95 ? 64  ASN A N   1 
ATOM   364 C  CA  . ASN A 1 46  ? 11.109  2.473   12.408  1.00 22.99 ? 64  ASN A CA  1 
ATOM   365 C  C   . ASN A 1 46  ? 9.618   2.327   12.648  1.00 22.59 ? 64  ASN A C   1 
ATOM   366 O  O   . ASN A 1 46  ? 8.888   3.318   12.748  1.00 20.81 ? 64  ASN A O   1 
ATOM   367 C  CB  . ASN A 1 46  ? 11.490  3.948   12.242  1.00 27.59 ? 64  ASN A CB  1 
ATOM   368 C  CG  . ASN A 1 46  ? 12.994  4.154   12.278  1.00 32.28 ? 64  ASN A CG  1 
ATOM   369 O  OD1 . ASN A 1 46  ? 13.696  3.495   13.036  1.00 33.30 ? 64  ASN A OD1 1 
ATOM   370 N  ND2 . ASN A 1 46  ? 13.492  5.039   11.436  1.00 36.23 ? 64  ASN A ND2 1 
ATOM   371 N  N   . ASP A 1 47  ? 9.150   1.087   12.743  1.00 18.70 ? 65  ASP A N   1 
ATOM   372 C  CA  . ASP A 1 47  ? 7.732   0.879   13.093  1.00 16.78 ? 65  ASP A CA  1 
ATOM   373 C  C   . ASP A 1 47  ? 7.622   -0.416  13.874  1.00 22.28 ? 65  ASP A C   1 
ATOM   374 O  O   . ASP A 1 47  ? 8.179   -1.448  13.459  1.00 21.20 ? 65  ASP A O   1 
ATOM   375 C  CB  . ASP A 1 47  ? 6.866   0.813   11.835  1.00 16.13 ? 65  ASP A CB  1 
ATOM   376 C  CG  . ASP A 1 47  ? 5.350   1.042   12.116  1.00 21.12 ? 65  ASP A CG  1 
ATOM   377 O  OD1 . ASP A 1 47  ? 4.928   1.097   13.295  1.00 18.11 ? 65  ASP A OD1 1 
ATOM   378 O  OD2 . ASP A 1 47  ? 4.588   1.172   11.137  1.00 20.30 ? 65  ASP A OD2 1 
ATOM   379 N  N   . THR A 1 48  ? 6.929   -0.354  15.004  1.00 14.91 ? 66  THR A N   1 
ATOM   380 C  CA  . THR A 1 48  ? 6.716   -1.526  15.844  1.00 14.47 ? 66  THR A CA  1 
ATOM   381 C  C   . THR A 1 48  ? 5.472   -2.336  15.457  1.00 17.09 ? 66  THR A C   1 
ATOM   382 O  O   . THR A 1 48  ? 5.277   -3.439  15.973  1.00 17.04 ? 66  THR A O   1 
ATOM   383 C  CB  . THR A 1 48  ? 6.637   -1.165  17.306  1.00 15.90 ? 66  THR A CB  1 
ATOM   384 O  OG1 . THR A 1 48  ? 5.613   -0.170  17.495  1.00 16.54 ? 66  THR A OG1 1 
ATOM   385 C  CG2 . THR A 1 48  ? 7.992   -0.615  17.798  1.00 19.55 ? 66  THR A CG2 1 
ATOM   386 N  N   . SER A 1 49  ? 4.615   -1.793  14.592  1.00 16.93 ? 67  SER A N   1 
ATOM   387 C  CA  A SER A 1 49  ? 3.513   -2.603  14.083  0.50 14.82 ? 67  SER A CA  1 
ATOM   388 C  CA  B SER A 1 49  ? 3.487   -2.552  14.043  0.50 15.22 ? 67  SER A CA  1 
ATOM   389 C  C   . SER A 1 49  ? 3.894   -3.199  12.734  1.00 14.81 ? 67  SER A C   1 
ATOM   390 O  O   . SER A 1 49  ? 4.612   -2.595  11.930  1.00 17.58 ? 67  SER A O   1 
ATOM   391 C  CB  A SER A 1 49  ? 2.203   -1.810  14.002  0.50 18.30 ? 67  SER A CB  1 
ATOM   392 C  CB  B SER A 1 49  ? 2.283   -1.635  13.793  0.50 17.93 ? 67  SER A CB  1 
ATOM   393 O  OG  A SER A 1 49  ? 2.380   -0.644  13.240  0.50 16.34 ? 67  SER A OG  1 
ATOM   394 O  OG  B SER A 1 49  ? 1.828   -1.070  15.000  0.50 18.20 ? 67  SER A OG  1 
ATOM   395 N  N   . LEU A 1 50  ? 3.429   -4.411  12.492  1.00 12.56 ? 68  LEU A N   1 
ATOM   396 C  CA  . LEU A 1 50  ? 3.761   -5.086  11.246  1.00 12.01 ? 68  LEU A CA  1 
ATOM   397 C  C   . LEU A 1 50  ? 3.237   -4.326  10.029  1.00 18.15 ? 68  LEU A C   1 
ATOM   398 O  O   . LEU A 1 50  ? 3.967   -4.144  9.052   1.00 18.05 ? 68  LEU A O   1 
ATOM   399 C  CB  . LEU A 1 50  ? 3.247   -6.529  11.274  1.00 13.76 ? 68  LEU A CB  1 
ATOM   400 C  CG  . LEU A 1 50  ? 3.492   -7.262  9.958   1.00 20.05 ? 68  LEU A CG  1 
ATOM   401 C  CD1 . LEU A 1 50  ? 5.014   -7.397  9.740   1.00 23.02 ? 68  LEU A CD1 1 
ATOM   402 C  CD2 . LEU A 1 50  ? 2.846   -8.618  10.062  1.00 21.49 ? 68  LEU A CD2 1 
ATOM   403 N  N   . GLN A 1 51  ? 1.994   -3.836  10.125  1.00 15.19 ? 69  GLN A N   1 
ATOM   404 C  CA  . GLN A 1 51  ? 1.346   -3.092  9.066   1.00 16.30 ? 69  GLN A CA  1 
ATOM   405 C  C   . GLN A 1 51  ? 1.180   -1.646  9.538   1.00 13.63 ? 69  GLN A C   1 
ATOM   406 O  O   . GLN A 1 51  ? 0.974   -1.394  10.731  1.00 14.51 ? 69  GLN A O   1 
ATOM   407 C  CB  . GLN A 1 51  ? -0.050  -3.667  8.845   1.00 13.14 ? 69  GLN A CB  1 
ATOM   408 C  CG  . GLN A 1 51  ? -0.921  -2.954  7.825   1.00 16.47 ? 69  GLN A CG  1 
ATOM   409 C  CD  . GLN A 1 51  ? -2.294  -3.616  7.754   1.00 20.21 ? 69  GLN A CD  1 
ATOM   410 O  OE1 . GLN A 1 51  ? -3.318  -3.049  8.176   1.00 20.29 ? 69  GLN A OE1 1 
ATOM   411 N  NE2 . GLN A 1 51  ? -2.314  -4.838  7.249   1.00 10.90 ? 69  GLN A NE2 1 
ATOM   412 N  N   . SER A 1 52  ? 1.227   -0.735  8.579   1.00 14.17 ? 70  SER A N   1 
ATOM   413 C  CA  . SER A 1 52  ? 1.074   0.682   8.845   1.00 16.48 ? 70  SER A CA  1 
ATOM   414 C  C   . SER A 1 52  ? -0.259  0.982   9.558   1.00 15.18 ? 70  SER A C   1 
ATOM   415 O  O   . SER A 1 52  ? -1.315  0.564   9.103   1.00 17.83 ? 70  SER A O   1 
ATOM   416 C  CB  . SER A 1 52  ? 1.093   1.474   7.548   1.00 20.41 ? 70  SER A CB  1 
ATOM   417 O  OG  . SER A 1 52  ? 0.750   2.832   7.824   1.00 22.67 ? 70  SER A OG  1 
ATOM   418 N  N   . GLU A 1 53  ? -0.186  1.671   10.685  1.00 15.49 ? 71  GLU A N   1 
ATOM   419 C  CA  . GLU A 1 53  ? -1.398  2.016   11.416  1.00 17.76 ? 71  GLU A CA  1 
ATOM   420 C  C   . GLU A 1 53  ? -2.052  3.256   10.854  1.00 20.74 ? 71  GLU A C   1 
ATOM   421 O  O   . GLU A 1 53  ? -3.201  3.539   11.168  1.00 23.06 ? 71  GLU A O   1 
ATOM   422 C  CB  . GLU A 1 53  ? -1.086  2.250   12.871  1.00 17.43 ? 71  GLU A CB  1 
ATOM   423 C  CG  . GLU A 1 53  ? -0.618  0.979   13.526  1.00 22.76 ? 71  GLU A CG  1 
ATOM   424 C  CD  . GLU A 1 53  ? -0.211  1.216   14.928  1.00 24.18 ? 71  GLU A CD  1 
ATOM   425 O  OE1 . GLU A 1 53  ? 0.393   2.279   15.183  1.00 22.83 ? 71  GLU A OE1 1 
ATOM   426 O  OE2 . GLU A 1 53  ? -0.527  0.355   15.766  1.00 20.98 ? 71  GLU A OE2 1 
ATOM   427 N  N   . ARG A 1 54  ? -1.326  3.999   10.028  1.00 17.97 ? 72  ARG A N   1 
ATOM   428 C  CA  . ARG A 1 54  ? -1.873  5.287   9.574   1.00 20.19 ? 72  ARG A CA  1 
ATOM   429 C  C   . ARG A 1 54  ? -2.591  5.254   8.246   1.00 22.18 ? 72  ARG A C   1 
ATOM   430 O  O   . ARG A 1 54  ? -3.248  6.226   7.875   1.00 21.06 ? 72  ARG A O   1 
ATOM   431 C  CB  . ARG A 1 54  ? -0.775  6.333   9.584   1.00 25.50 ? 72  ARG A CB  1 
ATOM   432 C  CG  . ARG A 1 54  ? -0.336  6.556   11.029  1.00 27.43 ? 72  ARG A CG  1 
ATOM   433 C  CD  . ARG A 1 54  ? 0.755   7.523   11.177  1.00 25.81 ? 72  ARG A CD  1 
ATOM   434 N  NE  . ARG A 1 54  ? 0.605   8.658   10.284  1.00 20.19 ? 72  ARG A NE  1 
ATOM   435 C  CZ  . ARG A 1 54  ? -0.213  9.682   10.482  1.00 25.41 ? 72  ARG A CZ  1 
ATOM   436 N  NH1 . ARG A 1 54  ? -1.021  9.711   11.539  1.00 26.01 ? 72  ARG A NH1 1 
ATOM   437 N  NH2 . ARG A 1 54  ? -0.241  10.658  9.594   1.00 23.03 ? 72  ARG A NH2 1 
ATOM   438 N  N   . ALA A 1 55  ? -2.457  4.144   7.526   1.00 17.36 ? 73  ALA A N   1 
ATOM   439 C  CA  . ALA A 1 55  ? -3.105  3.972   6.252   1.00 15.76 ? 73  ALA A CA  1 
ATOM   440 C  C   . ALA A 1 55  ? -4.368  3.154   6.395   1.00 15.82 ? 73  ALA A C   1 
ATOM   441 O  O   . ALA A 1 55  ? -4.513  2.347   7.339   1.00 20.50 ? 73  ALA A O   1 
ATOM   442 C  CB  . ALA A 1 55  ? -2.143  3.310   5.260   1.00 18.32 ? 73  ALA A CB  1 
ATOM   443 N  N   . THR A 1 56  ? -5.321  3.391   5.510   1.00 16.17 ? 74  THR A N   1 
ATOM   444 C  CA  . THR A 1 56  ? -6.528  2.558   5.457   1.00 14.49 ? 74  THR A CA  1 
ATOM   445 C  C   . THR A 1 56  ? -6.726  2.073   4.042   1.00 13.35 ? 74  THR A C   1 
ATOM   446 O  O   . THR A 1 56  ? -6.600  2.827   3.105   1.00 15.79 ? 74  THR A O   1 
ATOM   447 C  CB  . THR A 1 56  ? -7.798  3.348   5.906   1.00 17.05 ? 74  THR A CB  1 
ATOM   448 O  OG1 . THR A 1 56  ? -7.578  3.847   7.235   1.00 20.85 ? 74  THR A OG1 1 
ATOM   449 C  CG2 . THR A 1 56  ? -9.016  2.421   5.912   1.00 20.42 ? 74  THR A CG2 1 
ATOM   450 N  N   . LEU A 1 57  ? -7.036  0.790   3.901   1.00 14.32 ? 75  LEU A N   1 
ATOM   451 C  CA  . LEU A 1 57  ? -7.282  0.224   2.584   1.00 13.42 ? 75  LEU A CA  1 
ATOM   452 C  C   . LEU A 1 57  ? -8.656  0.679   2.091   1.00 14.21 ? 75  LEU A C   1 
ATOM   453 O  O   . LEU A 1 57  ? -9.657  0.571   2.817   1.00 16.92 ? 75  LEU A O   1 
ATOM   454 C  CB  . LEU A 1 57  ? -7.220  -1.306  2.709   1.00 15.17 ? 75  LEU A CB  1 
ATOM   455 C  CG  . LEU A 1 57  ? -7.292  -2.140  1.434   1.00 15.83 ? 75  LEU A CG  1 
ATOM   456 C  CD1 . LEU A 1 57  ? -6.098  -1.865  0.471   1.00 15.30 ? 75  LEU A CD1 1 
ATOM   457 C  CD2 . LEU A 1 57  ? -7.361  -3.615  1.893   1.00 16.31 ? 75  LEU A CD2 1 
ATOM   458 N  N   . LEU A 1 58  ? -8.697  1.220   0.883   1.00 14.10 ? 76  LEU A N   1 
ATOM   459 C  CA  . LEU A 1 58  ? -9.955  1.609   0.255   1.00 17.51 ? 76  LEU A CA  1 
ATOM   460 C  C   . LEU A 1 58  ? -10.523 0.396   -0.489  1.00 17.79 ? 76  LEU A C   1 
ATOM   461 O  O   . LEU A 1 58  ? -10.237 0.174   -1.667  1.00 17.83 ? 76  LEU A O   1 
ATOM   462 C  CB  . LEU A 1 58  ? -9.732  2.798   -0.683  1.00 18.20 ? 76  LEU A CB  1 
ATOM   463 C  CG  . LEU A 1 58  ? -9.048  4.006   0.004   1.00 19.03 ? 76  LEU A CG  1 
ATOM   464 C  CD1 . LEU A 1 58  ? -8.904  5.164   -1.010  1.00 22.09 ? 76  LEU A CD1 1 
ATOM   465 C  CD2 . LEU A 1 58  ? -9.758  4.441   1.292   1.00 23.66 ? 76  LEU A CD2 1 
ATOM   466 N  N   . GLU A 1 59  ? -11.357 -0.362  0.230   1.00 19.17 ? 77  GLU A N   1 
ATOM   467 C  CA  . GLU A 1 59  ? -11.817 -1.681  -0.200  1.00 20.97 ? 77  GLU A CA  1 
ATOM   468 C  C   . GLU A 1 59  ? -12.587 -1.685  -1.482  1.00 19.72 ? 77  GLU A C   1 
ATOM   469 O  O   . GLU A 1 59  ? -12.598 -2.711  -2.192  1.00 22.45 ? 77  GLU A O   1 
ATOM   470 C  CB  . GLU A 1 59  ? -12.741 -2.274  0.868   1.00 23.03 ? 77  GLU A CB  1 
ATOM   471 C  CG  . GLU A 1 59  ? -12.003 -2.789  2.022   1.00 33.19 ? 77  GLU A CG  1 
ATOM   472 C  CD  . GLU A 1 59  ? -12.918 -3.547  2.934   1.00 34.06 ? 77  GLU A CD  1 
ATOM   473 O  OE1 . GLU A 1 59  ? -13.757 -2.906  3.600   1.00 34.62 ? 77  GLU A OE1 1 
ATOM   474 O  OE2 . GLU A 1 59  ? -12.809 -4.782  2.959   1.00 30.87 ? 77  GLU A OE2 1 
ATOM   475 N  N   . GLU A 1 60  ? -13.229 -0.568  -1.797  1.00 20.30 ? 78  GLU A N   1 
ATOM   476 C  CA  . GLU A 1 60  ? -14.063 -0.513  -2.995  1.00 23.50 ? 78  GLU A CA  1 
ATOM   477 C  C   . GLU A 1 60  ? -13.241 -0.707  -4.280  1.00 25.54 ? 78  GLU A C   1 
ATOM   478 O  O   . GLU A 1 60  ? -13.790 -1.087  -5.321  1.00 22.82 ? 78  GLU A O   1 
ATOM   479 C  CB  . GLU A 1 60  ? -14.918 0.770   -3.037  1.00 27.18 ? 78  GLU A CB  1 
ATOM   480 C  CG  . GLU A 1 60  ? -14.160 2.045   -3.316  1.00 31.46 ? 78  GLU A CG  1 
ATOM   481 C  CD  . GLU A 1 60  ? -13.760 2.834   -2.050  1.00 34.59 ? 78  GLU A CD  1 
ATOM   482 O  OE1 . GLU A 1 60  ? -13.776 2.296   -0.910  1.00 29.81 ? 78  GLU A OE1 1 
ATOM   483 O  OE2 . GLU A 1 60  ? -13.373 4.007   -2.226  1.00 39.55 ? 78  GLU A OE2 1 
ATOM   484 N  N   . GLN A 1 61  ? -11.923 -0.483  -4.201  1.00 19.09 ? 79  GLN A N   1 
ATOM   485 C  CA  . GLN A 1 61  ? -11.060 -0.668  -5.368  1.00 22.25 ? 79  GLN A CA  1 
ATOM   486 C  C   . GLN A 1 61  ? -10.563 -2.115  -5.534  1.00 19.41 ? 79  GLN A C   1 
ATOM   487 O  O   . GLN A 1 61  ? -10.017 -2.448  -6.573  1.00 17.38 ? 79  GLN A O   1 
ATOM   488 C  CB  . GLN A 1 61  ? -9.854  0.267   -5.294  1.00 24.07 ? 79  GLN A CB  1 
ATOM   489 C  CG  . GLN A 1 61  ? -10.252 1.736   -5.356  1.00 31.06 ? 79  GLN A CG  1 
ATOM   490 C  CD  . GLN A 1 61  ? -10.684 2.128   -6.741  1.00 36.05 ? 79  GLN A CD  1 
ATOM   491 O  OE1 . GLN A 1 61  ? -9.935  1.967   -7.706  1.00 37.20 ? 79  GLN A OE1 1 
ATOM   492 N  NE2 . GLN A 1 61  ? -11.900 2.636   -6.856  1.00 41.63 ? 79  GLN A NE2 1 
ATOM   493 N  N   . LEU A 1 62  ? -10.727 -2.950  -4.517  1.00 16.78 ? 80  LEU A N   1 
ATOM   494 C  CA  . LEU A 1 62  ? -10.154 -4.312  -4.566  1.00 17.76 ? 80  LEU A CA  1 
ATOM   495 C  C   . LEU A 1 62  ? -10.694 -5.171  -5.711  1.00 21.62 ? 80  LEU A C   1 
ATOM   496 O  O   . LEU A 1 62  ? -9.944  -5.956  -6.307  1.00 17.71 ? 80  LEU A O   1 
ATOM   497 C  CB  . LEU A 1 62  ? -10.342 -5.048  -3.226  1.00 20.15 ? 80  LEU A CB  1 
ATOM   498 C  CG  . LEU A 1 62  ? -9.534  -4.538  -2.029  1.00 22.79 ? 80  LEU A CG  1 
ATOM   499 C  CD1 . LEU A 1 62  ? -10.019 -5.223  -0.757  1.00 21.18 ? 80  LEU A CD1 1 
ATOM   500 C  CD2 . LEU A 1 62  ? -8.019  -4.755  -2.271  1.00 23.64 ? 80  LEU A CD2 1 
ATOM   501 N  N   . PRO A 1 63  ? -11.998 -5.047  -6.024  1.00 19.79 ? 81  PRO A N   1 
ATOM   502 C  CA  . PRO A 1 63  ? -12.504 -5.814  -7.165  1.00 19.65 ? 81  PRO A CA  1 
ATOM   503 C  C   . PRO A 1 63  ? -11.841 -5.424  -8.486  1.00 18.32 ? 81  PRO A C   1 
ATOM   504 O  O   . PRO A 1 63  ? -11.906 -6.199  -9.447  1.00 24.17 ? 81  PRO A O   1 
ATOM   505 C  CB  . PRO A 1 63  ? -13.994 -5.460  -7.195  1.00 19.90 ? 81  PRO A CB  1 
ATOM   506 C  CG  . PRO A 1 63  ? -14.302 -5.006  -5.800  1.00 24.43 ? 81  PRO A CG  1 
ATOM   507 C  CD  . PRO A 1 63  ? -13.073 -4.280  -5.357  1.00 18.33 ? 81  PRO A CD  1 
ATOM   508 N  N   . LEU A 1 64  ? -11.224 -4.235  -8.547  1.00 17.00 ? 82  LEU A N   1 
ATOM   509 C  CA  . LEU A 1 64  ? -10.482 -3.798  -9.741  1.00 19.40 ? 82  LEU A CA  1 
ATOM   510 C  C   . LEU A 1 64  ? -9.008  -4.240  -9.726  1.00 17.75 ? 82  LEU A C   1 
ATOM   511 O  O   . LEU A 1 64  ? -8.214  -3.856  -10.620 1.00 20.09 ? 82  LEU A O   1 
ATOM   512 C  CB  . LEU A 1 64  ? -10.542 -2.270  -9.916  1.00 23.18 ? 82  LEU A CB  1 
ATOM   513 C  CG  . LEU A 1 64  ? -11.926 -1.604  -9.943  1.00 26.04 ? 82  LEU A CG  1 
ATOM   514 C  CD1 . LEU A 1 64  ? -11.815 -0.074  -9.928  1.00 29.58 ? 82  LEU A CD1 1 
ATOM   515 C  CD2 . LEU A 1 64  ? -12.740 -2.099  -11.123 1.00 30.69 ? 82  LEU A CD2 1 
ATOM   516 N  N   . GLY A 1 65  ? -8.636  -5.045  -8.739  1.00 18.04 ? 83  GLY A N   1 
ATOM   517 C  CA  . GLY A 1 65  ? -7.241  -5.430  -8.603  1.00 16.07 ? 83  GLY A CA  1 
ATOM   518 C  C   . GLY A 1 65  ? -6.363  -4.257  -8.179  1.00 16.98 ? 83  GLY A C   1 
ATOM   519 O  O   . GLY A 1 65  ? -5.185  -4.200  -8.525  1.00 18.75 ? 83  GLY A O   1 
ATOM   520 N  N   A LYS A 1 66  ? -6.952  -3.333  -7.420  0.50 15.63 ? 84  LYS A N   1 
ATOM   521 N  N   B LYS A 1 66  ? -6.937  -3.309  -7.441  0.50 16.63 ? 84  LYS A N   1 
ATOM   522 C  CA  A LYS A 1 66  ? -6.226  -2.170  -6.914  0.50 15.83 ? 84  LYS A CA  1 
ATOM   523 C  CA  B LYS A 1 66  ? -6.157  -2.172  -6.948  0.50 17.27 ? 84  LYS A CA  1 
ATOM   524 C  C   A LYS A 1 66  ? -6.246  -2.210  -5.397  0.50 14.93 ? 84  LYS A C   1 
ATOM   525 C  C   B LYS A 1 66  ? -6.225  -2.139  -5.430  0.50 16.08 ? 84  LYS A C   1 
ATOM   526 O  O   A LYS A 1 66  ? -7.323  -2.282  -4.784  0.50 13.98 ? 84  LYS A O   1 
ATOM   527 O  O   B LYS A 1 66  ? -7.317  -2.102  -4.852  0.50 18.07 ? 84  LYS A O   1 
ATOM   528 C  CB  A LYS A 1 66  ? -6.844  -0.860  -7.438  0.50 14.61 ? 84  LYS A CB  1 
ATOM   529 C  CB  B LYS A 1 66  ? -6.627  -0.842  -7.576  0.50 16.98 ? 84  LYS A CB  1 
ATOM   530 C  CG  A LYS A 1 66  ? -6.996  -0.804  -8.968  0.50 18.09 ? 84  LYS A CG  1 
ATOM   531 C  CG  B LYS A 1 66  ? -6.492  -0.791  -9.118  0.50 18.37 ? 84  LYS A CG  1 
ATOM   532 C  CD  A LYS A 1 66  ? -7.529  0.548   -9.412  0.50 20.00 ? 84  LYS A CD  1 
ATOM   533 C  CD  B LYS A 1 66  ? -6.857  0.583   -9.676  0.50 21.18 ? 84  LYS A CD  1 
ATOM   534 C  CE  A LYS A 1 66  ? -7.708  0.617   -10.930 0.50 21.08 ? 84  LYS A CE  1 
ATOM   535 C  CE  B LYS A 1 66  ? -6.715  0.660   -11.210 0.50 19.97 ? 84  LYS A CE  1 
ATOM   536 N  NZ  A LYS A 1 66  ? -7.733  2.027   -11.403 0.50 21.07 ? 84  LYS A NZ  1 
ATOM   537 N  NZ  B LYS A 1 66  ? -5.374  0.219   -11.694 0.50 26.01 ? 84  LYS A NZ  1 
ATOM   538 N  N   . ALA A 1 67  ? -5.057  -2.221  -4.786  1.00 14.95 ? 85  ALA A N   1 
ATOM   539 C  CA  . ALA A 1 67  ? -4.959  -2.102  -3.333  1.00 15.06 ? 85  ALA A CA  1 
ATOM   540 C  C   . ALA A 1 67  ? -4.528  -0.647  -3.120  1.00 15.13 ? 85  ALA A C   1 
ATOM   541 O  O   . ALA A 1 67  ? -3.390  -0.271  -3.451  1.00 14.22 ? 85  ALA A O   1 
ATOM   542 C  CB  . ALA A 1 67  ? -3.913  -3.071  -2.752  1.00 15.28 ? 85  ALA A CB  1 
ATOM   543 N  N   . LEU A 1 68  ? -5.446  0.170   -2.612  1.00 14.68 ? 86  LEU A N   1 
ATOM   544 C  CA  . LEU A 1 68  ? -5.175  1.603   -2.416  1.00 17.67 ? 86  LEU A CA  1 
ATOM   545 C  C   . LEU A 1 68  ? -5.135  1.864   -0.925  1.00 15.42 ? 86  LEU A C   1 
ATOM   546 O  O   . LEU A 1 68  ? -6.127  1.633   -0.223  1.00 15.55 ? 86  LEU A O   1 
ATOM   547 C  CB  . LEU A 1 68  ? -6.270  2.466   -3.036  1.00 24.30 ? 86  LEU A CB  1 
ATOM   548 C  CG  . LEU A 1 68  ? -6.019  3.187   -4.347  1.00 32.37 ? 86  LEU A CG  1 
ATOM   549 C  CD1 . LEU A 1 68  ? -5.648  2.186   -5.445  1.00 30.52 ? 86  LEU A CD1 1 
ATOM   550 C  CD2 . LEU A 1 68  ? -7.248  4.029   -4.722  1.00 29.38 ? 86  LEU A CD2 1 
ATOM   551 N  N   . PHE A 1 69  ? -3.993  2.332   -0.441  1.00 13.46 ? 87  PHE A N   1 
ATOM   552 C  CA  . PHE A 1 69  ? -3.770  2.551   0.980   1.00 11.82 ? 87  PHE A CA  1 
ATOM   553 C  C   . PHE A 1 69  ? -3.723  4.054   1.199   1.00 13.61 ? 87  PHE A C   1 
ATOM   554 O  O   . PHE A 1 69  ? -2.809  4.738   0.695   1.00 15.61 ? 87  PHE A O   1 
ATOM   555 C  CB  . PHE A 1 69  ? -2.418  1.979   1.375   1.00 14.39 ? 87  PHE A CB  1 
ATOM   556 C  CG  . PHE A 1 69  ? -2.272  0.505   1.063   1.00 16.73 ? 87  PHE A CG  1 
ATOM   557 C  CD1 . PHE A 1 69  ? -2.774  -0.443  1.936   1.00 18.98 ? 87  PHE A CD1 1 
ATOM   558 C  CD2 . PHE A 1 69  ? -1.633  0.088   -0.091  1.00 16.56 ? 87  PHE A CD2 1 
ATOM   559 C  CE1 . PHE A 1 69  ? -2.634  -1.820  1.640   1.00 17.66 ? 87  PHE A CE1 1 
ATOM   560 C  CE2 . PHE A 1 69  ? -1.506  -1.296  -0.388  1.00 16.50 ? 87  PHE A CE2 1 
ATOM   561 C  CZ  . PHE A 1 69  ? -2.005  -2.218  0.502   1.00 17.30 ? 87  PHE A CZ  1 
ATOM   562 N  N   . HIS A 1 70  ? -4.708  4.552   1.944   1.00 14.28 ? 88  HIS A N   1 
ATOM   563 C  CA  . HIS A 1 70  ? -4.920  5.991   2.009   1.00 14.95 ? 88  HIS A CA  1 
ATOM   564 C  C   . HIS A 1 70  ? -4.454  6.538   3.351   1.00 12.76 ? 88  HIS A C   1 
ATOM   565 O  O   . HIS A 1 70  ? -4.808  6.011   4.403   1.00 14.93 ? 88  HIS A O   1 
ATOM   566 C  CB  . HIS A 1 70  ? -6.417  6.265   1.798   1.00 16.65 ? 88  HIS A CB  1 
ATOM   567 C  CG  . HIS A 1 70  ? -6.765  7.720   1.726   1.00 16.57 ? 88  HIS A CG  1 
ATOM   568 N  ND1 . HIS A 1 70  ? -7.310  8.401   2.792   1.00 19.78 ? 88  HIS A ND1 1 
ATOM   569 C  CD2 . HIS A 1 70  ? -6.716  8.598   0.700   1.00 20.62 ? 88  HIS A CD2 1 
ATOM   570 C  CE1 . HIS A 1 70  ? -7.524  9.661   2.443   1.00 17.85 ? 88  HIS A CE1 1 
ATOM   571 N  NE2 . HIS A 1 70  ? -7.188  9.805   1.174   1.00 17.94 ? 88  HIS A NE2 1 
ATOM   572 N  N   . ILE A 1 71  ? -3.652  7.601   3.317   1.00 15.88 ? 89  ILE A N   1 
ATOM   573 C  CA  . ILE A 1 71  ? -3.282  8.335   4.517   1.00 12.33 ? 89  ILE A CA  1 
ATOM   574 C  C   . ILE A 1 71  ? -3.801  9.779   4.342   1.00 14.89 ? 89  ILE A C   1 
ATOM   575 O  O   . ILE A 1 71  ? -3.405  10.471  3.404   1.00 16.74 ? 89  ILE A O   1 
ATOM   576 C  CB  . ILE A 1 71  ? -1.766  8.415   4.721   1.00 16.98 ? 89  ILE A CB  1 
ATOM   577 C  CG1 . ILE A 1 71  ? -1.156  6.997   4.724   1.00 16.97 ? 89  ILE A CG1 1 
ATOM   578 C  CG2 . ILE A 1 71  ? -1.447  9.227   6.005   1.00 17.41 ? 89  ILE A CG2 1 
ATOM   579 C  CD1 . ILE A 1 71  ? 0.372   7.018   4.565   1.00 21.41 ? 89  ILE A CD1 1 
ATOM   580 N  N   . PRO A 1 72  ? -4.757  10.181  5.190   1.00 17.28 ? 90  PRO A N   1 
ATOM   581 C  CA  . PRO A 1 72  ? -5.457  11.445  4.915   1.00 18.18 ? 90  PRO A CA  1 
ATOM   582 C  C   . PRO A 1 72  ? -4.662  12.692  5.275   1.00 19.30 ? 90  PRO A C   1 
ATOM   583 O  O   . PRO A 1 72  ? -4.901  13.759  4.687   1.00 19.75 ? 90  PRO A O   1 
ATOM   584 C  CB  . PRO A 1 72  ? -6.724  11.331  5.765   1.00 20.32 ? 90  PRO A CB  1 
ATOM   585 C  CG  . PRO A 1 72  ? -6.317  10.462  6.918   1.00 18.06 ? 90  PRO A CG  1 
ATOM   586 C  CD  . PRO A 1 72  ? -5.315  9.473   6.351   1.00 18.18 ? 90  PRO A CD  1 
ATOM   587 N  N   . SER A 1 73  ? -3.727  12.569  6.215   1.00 19.65 ? 91  SER A N   1 
ATOM   588 C  CA  . SER A 1 73  ? -2.897  13.717  6.621   1.00 16.23 ? 91  SER A CA  1 
ATOM   589 C  C   . SER A 1 73  ? -1.461  13.249  6.880   1.00 17.04 ? 91  SER A C   1 
ATOM   590 O  O   . SER A 1 73  ? -1.116  12.834  7.973   1.00 23.65 ? 91  SER A O   1 
ATOM   591 C  CB  . SER A 1 73  ? -3.496  14.429  7.839   1.00 24.64 ? 91  SER A CB  1 
ATOM   592 O  OG  . SER A 1 73  ? -2.771  15.625  8.094   1.00 27.29 ? 91  SER A OG  1 
ATOM   593 N  N   . VAL A 1 74  ? -0.652  13.305  5.839   1.00 18.16 ? 92  VAL A N   1 
ATOM   594 C  CA  . VAL A 1 74  ? 0.703   12.745  5.875   1.00 17.52 ? 92  VAL A CA  1 
ATOM   595 C  C   . VAL A 1 74  ? 1.623   13.561  6.793   1.00 22.70 ? 92  VAL A C   1 
ATOM   596 O  O   . VAL A 1 74  ? 1.613   14.794  6.749   1.00 25.70 ? 92  VAL A O   1 
ATOM   597 C  CB  . VAL A 1 74  ? 1.266   12.660  4.475   1.00 23.01 ? 92  VAL A CB  1 
ATOM   598 C  CG1 . VAL A 1 74  ? 2.769   12.322  4.514   1.00 27.64 ? 92  VAL A CG1 1 
ATOM   599 C  CG2 . VAL A 1 74  ? 0.505   11.582  3.692   1.00 23.90 ? 92  VAL A CG2 1 
ATOM   600 N  N   . GLN A 1 75  ? 2.377   12.867  7.640   1.00 21.86 ? 93  GLN A N   1 
ATOM   601 C  CA  . GLN A 1 75  ? 3.282   13.510  8.597   1.00 21.15 ? 93  GLN A CA  1 
ATOM   602 C  C   . GLN A 1 75  ? 4.724   13.098  8.320   1.00 24.83 ? 93  GLN A C   1 
ATOM   603 O  O   . GLN A 1 75  ? 4.967   12.113  7.646   1.00 20.22 ? 93  GLN A O   1 
ATOM   604 C  CB  . GLN A 1 75  ? 2.878   13.181  10.018  1.00 26.36 ? 93  GLN A CB  1 
ATOM   605 C  CG  . GLN A 1 75  ? 1.556   13.835  10.420  1.00 30.99 ? 93  GLN A CG  1 
ATOM   606 C  CD  . GLN A 1 75  ? 1.550   15.354  10.207  1.00 38.37 ? 93  GLN A CD  1 
ATOM   607 O  OE1 . GLN A 1 75  ? 0.651   15.910  9.549   1.00 37.27 ? 93  GLN A OE1 1 
ATOM   608 N  NE2 . GLN A 1 75  ? 2.555   16.029  10.765  1.00 38.13 ? 93  GLN A NE2 1 
ATOM   609 N  N   . VAL A 1 76  ? 5.680   13.871  8.822   1.00 22.20 ? 94  VAL A N   1 
ATOM   610 C  CA  . VAL A 1 76  ? 7.087   13.633  8.502   1.00 21.16 ? 94  VAL A CA  1 
ATOM   611 C  C   . VAL A 1 76  ? 7.483   12.193  8.826   1.00 20.07 ? 94  VAL A C   1 
ATOM   612 O  O   . VAL A 1 76  ? 8.255   11.576  8.088   1.00 22.13 ? 94  VAL A O   1 
ATOM   613 C  CB  . VAL A 1 76  ? 8.007   14.657  9.234   1.00 26.79 ? 94  VAL A CB  1 
ATOM   614 C  CG1 . VAL A 1 76  ? 9.459   14.203  9.248   1.00 30.28 ? 94  VAL A CG1 1 
ATOM   615 C  CG2 . VAL A 1 76  ? 7.862   16.030  8.582   1.00 24.99 ? 94  VAL A CG2 1 
ATOM   616 N  N   . ARG A 1 77  ? 6.945   11.645  9.906   1.00 20.52 ? 95  ARG A N   1 
ATOM   617 C  CA  . ARG A 1 77  ? 7.323   10.278  10.281  1.00 25.24 ? 95  ARG A CA  1 
ATOM   618 C  C   . ARG A 1 77  ? 6.663   9.189   9.412   1.00 20.96 ? 95  ARG A C   1 
ATOM   619 O  O   . ARG A 1 77  ? 6.980   8.007   9.546   1.00 23.09 ? 95  ARG A O   1 
ATOM   620 C  CB  . ARG A 1 77  ? 7.136   10.039  11.774  1.00 27.96 ? 95  ARG A CB  1 
ATOM   621 C  CG  . ARG A 1 77  ? 8.073   10.932  12.621  1.00 29.46 ? 95  ARG A CG  1 
ATOM   622 C  CD  . ARG A 1 77  ? 8.295   10.392  14.024  1.00 36.31 ? 95  ARG A CD  1 
ATOM   623 N  NE  . ARG A 1 77  ? 9.105   11.301  14.837  1.00 40.32 ? 95  ARG A NE  1 
ATOM   624 C  CZ  . ARG A 1 77  ? 9.816   10.923  15.898  1.00 42.34 ? 95  ARG A CZ  1 
ATOM   625 N  NH1 . ARG A 1 77  ? 9.821   9.649   16.273  1.00 46.92 ? 95  ARG A NH1 1 
ATOM   626 N  NH2 . ARG A 1 77  ? 10.520  11.815  16.585  1.00 42.91 ? 95  ARG A NH2 1 
ATOM   627 N  N   . ASP A 1 78  ? 5.777   9.590   8.501   1.00 20.57 ? 96  ASP A N   1 
ATOM   628 C  CA  . ASP A 1 78  ? 5.300   8.658   7.472   1.00 20.38 ? 96  ASP A CA  1 
ATOM   629 C  C   . ASP A 1 78  ? 6.314   8.446   6.345   1.00 19.50 ? 96  ASP A C   1 
ATOM   630 O  O   . ASP A 1 78  ? 6.110   7.582   5.486   1.00 17.89 ? 96  ASP A O   1 
ATOM   631 C  CB  . ASP A 1 78  ? 4.007   9.144   6.840   1.00 19.87 ? 96  ASP A CB  1 
ATOM   632 C  CG  . ASP A 1 78  ? 2.875   9.199   7.822   1.00 21.40 ? 96  ASP A CG  1 
ATOM   633 O  OD1 . ASP A 1 78  ? 2.829   8.355   8.732   1.00 25.32 ? 96  ASP A OD1 1 
ATOM   634 O  OD2 . ASP A 1 78  ? 2.041   10.114  7.683   1.00 22.17 ? 96  ASP A OD2 1 
ATOM   635 N  N   . SER A 1 79  ? 7.387   9.243   6.326   1.00 17.91 ? 97  SER A N   1 
ATOM   636 C  CA  . SER A 1 79  ? 8.343   9.160   5.226   1.00 18.23 ? 97  SER A CA  1 
ATOM   637 C  C   . SER A 1 79  ? 9.048   7.831   5.272   1.00 17.30 ? 97  SER A C   1 
ATOM   638 O  O   . SER A 1 79  ? 9.285   7.303   6.366   1.00 17.97 ? 97  SER A O   1 
ATOM   639 C  CB  . SER A 1 79  ? 9.416   10.257  5.321   1.00 19.12 ? 97  SER A CB  1 
ATOM   640 O  OG  . SER A 1 79  ? 10.115  10.172  6.558   1.00 20.34 ? 97  SER A OG  1 
ATOM   641 N  N   . GLY A 1 80  ? 9.434   7.336   4.098   1.00 17.01 ? 98  GLY A N   1 
ATOM   642 C  CA  . GLY A 1 80  ? 10.351  6.182   4.058   1.00 17.22 ? 98  GLY A CA  1 
ATOM   643 C  C   . GLY A 1 80  ? 9.795   5.066   3.182   1.00 16.34 ? 98  GLY A C   1 
ATOM   644 O  O   . GLY A 1 80  ? 8.820   5.252   2.463   1.00 16.15 ? 98  GLY A O   1 
ATOM   645 N  N   . GLN A 1 81  ? 10.449  3.911   3.232   1.00 16.41 ? 99  GLN A N   1 
ATOM   646 C  CA  . GLN A 1 81  ? 10.064  2.794   2.358   1.00 15.41 ? 99  GLN A CA  1 
ATOM   647 C  C   . GLN A 1 81  ? 8.974   1.934   3.016   1.00 14.51 ? 99  GLN A C   1 
ATOM   648 O  O   . GLN A 1 81  ? 8.991   1.731   4.222   1.00 14.18 ? 99  GLN A O   1 
ATOM   649 C  CB  . GLN A 1 81  ? 11.301  1.933   2.069   1.00 19.20 ? 99  GLN A CB  1 
ATOM   650 C  CG  . GLN A 1 81  ? 11.125  1.042   0.849   1.00 25.73 ? 99  GLN A CG  1 
ATOM   651 C  CD  . GLN A 1 81  ? 12.401  0.341   0.454   1.00 31.87 ? 99  GLN A CD  1 
ATOM   652 O  OE1 . GLN A 1 81  ? 13.210  -0.011  1.311   1.00 36.00 ? 99  GLN A OE1 1 
ATOM   653 N  NE2 . GLN A 1 81  ? 12.584  0.126   -0.843  1.00 34.75 ? 99  GLN A NE2 1 
ATOM   654 N  N   . TYR A 1 82  ? 8.085   1.397   2.182   1.00 16.59 ? 100 TYR A N   1 
ATOM   655 C  CA  . TYR A 1 82  ? 7.022   0.478   2.598   1.00 15.29 ? 100 TYR A CA  1 
ATOM   656 C  C   . TYR A 1 82  ? 7.024   -0.688  1.629   1.00 14.60 ? 100 TYR A C   1 
ATOM   657 O  O   . TYR A 1 82  ? 7.475   -0.565  0.484   1.00 16.50 ? 100 TYR A O   1 
ATOM   658 C  CB  . TYR A 1 82  ? 5.664   1.155   2.427   1.00 15.28 ? 100 TYR A CB  1 
ATOM   659 C  CG  . TYR A 1 82  ? 5.431   2.307   3.375   1.00 16.96 ? 100 TYR A CG  1 
ATOM   660 C  CD1 . TYR A 1 82  ? 4.669   2.125   4.532   1.00 16.61 ? 100 TYR A CD1 1 
ATOM   661 C  CD2 . TYR A 1 82  ? 5.967   3.578   3.118   1.00 16.80 ? 100 TYR A CD2 1 
ATOM   662 C  CE1 . TYR A 1 82  ? 4.436   3.166   5.421   1.00 15.03 ? 100 TYR A CE1 1 
ATOM   663 C  CE2 . TYR A 1 82  ? 5.724   4.653   4.014   1.00 15.62 ? 100 TYR A CE2 1 
ATOM   664 C  CZ  . TYR A 1 82  ? 4.965   4.410   5.170   1.00 18.00 ? 100 TYR A CZ  1 
ATOM   665 O  OH  . TYR A 1 82  ? 4.685   5.430   6.057   1.00 17.75 ? 100 TYR A OH  1 
ATOM   666 N  N   . ARG A 1 83  ? 6.507   -1.810  2.077   1.00 14.54 ? 101 ARG A N   1 
ATOM   667 C  CA  . ARG A 1 83  ? 6.270   -2.934  1.182   1.00 13.19 ? 101 ARG A CA  1 
ATOM   668 C  C   . ARG A 1 83  ? 4.758   -3.057  1.065   1.00 13.07 ? 101 ARG A C   1 
ATOM   669 O  O   . ARG A 1 83  ? 4.053   -3.012  2.086   1.00 17.55 ? 101 ARG A O   1 
ATOM   670 C  CB  . ARG A 1 83  ? 6.881   -4.178  1.854   1.00 20.67 ? 101 ARG A CB  1 
ATOM   671 C  CG  . ARG A 1 83  ? 6.485   -5.526  1.334   1.00 32.71 ? 101 ARG A CG  1 
ATOM   672 C  CD  . ARG A 1 83  ? 6.986   -6.593  2.343   1.00 32.45 ? 101 ARG A CD  1 
ATOM   673 N  NE  . ARG A 1 83  ? 8.230   -6.154  2.993   1.00 39.67 ? 101 ARG A NE  1 
ATOM   674 C  CZ  . ARG A 1 83  ? 8.367   -5.898  4.297   1.00 44.21 ? 101 ARG A CZ  1 
ATOM   675 N  NH1 . ARG A 1 83  ? 7.338   -6.040  5.123   1.00 45.43 ? 101 ARG A NH1 1 
ATOM   676 N  NH2 . ARG A 1 83  ? 9.540   -5.492  4.784   1.00 42.75 ? 101 ARG A NH2 1 
ATOM   677 N  N   . CYS A 1 84  ? 4.243   -3.134  -0.155  1.00 12.84 ? 102 CYS A N   1 
ATOM   678 C  CA  . CYS A 1 84  ? 2.819   -3.440  -0.332  1.00 18.57 ? 102 CYS A CA  1 
ATOM   679 C  C   . CYS A 1 84  ? 2.684   -4.917  -0.671  1.00 20.32 ? 102 CYS A C   1 
ATOM   680 O  O   . CYS A 1 84  ? 3.245   -5.391  -1.662  1.00 20.53 ? 102 CYS A O   1 
ATOM   681 C  CB  . CYS A 1 84  ? 2.167   -2.595  -1.409  1.00 21.96 ? 102 CYS A CB  1 
ATOM   682 S  SG  . CYS A 1 84  ? 2.822   -2.864  -3.074  1.00 26.28 ? 102 CYS A SG  1 
ATOM   683 N  N   . LEU A 1 85  ? 1.948   -5.628  0.167   1.00 15.80 ? 103 LEU A N   1 
ATOM   684 C  CA  . LEU A 1 85  ? 1.800   -7.074  0.042   1.00 14.55 ? 103 LEU A CA  1 
ATOM   685 C  C   . LEU A 1 85  ? 0.356   -7.442  -0.262  1.00 18.06 ? 103 LEU A C   1 
ATOM   686 O  O   . LEU A 1 85  ? -0.572  -6.913  0.380   1.00 16.30 ? 103 LEU A O   1 
ATOM   687 C  CB  . LEU A 1 85  ? 2.223   -7.727  1.354   1.00 15.94 ? 103 LEU A CB  1 
ATOM   688 C  CG  . LEU A 1 85  ? 1.925   -9.226  1.514   1.00 18.25 ? 103 LEU A CG  1 
ATOM   689 C  CD1 . LEU A 1 85  ? 2.826   -10.055 0.615   1.00 21.22 ? 103 LEU A CD1 1 
ATOM   690 C  CD2 . LEU A 1 85  ? 2.073   -9.642  2.960   1.00 24.57 ? 103 LEU A CD2 1 
ATOM   691 N  N   . VAL A 1 86  ? 0.132   -8.324  -1.231  1.00 15.20 ? 104 VAL A N   1 
ATOM   692 C  CA  . VAL A 1 86  ? -1.227  -8.820  -1.432  1.00 13.05 ? 104 VAL A CA  1 
ATOM   693 C  C   . VAL A 1 86  ? -1.159  -10.349 -1.399  1.00 17.76 ? 104 VAL A C   1 
ATOM   694 O  O   . VAL A 1 86  ? -0.263  -10.949 -1.994  1.00 16.01 ? 104 VAL A O   1 
ATOM   695 C  CB  . VAL A 1 86  ? -1.863  -8.335  -2.754  1.00 15.10 ? 104 VAL A CB  1 
ATOM   696 C  CG1 . VAL A 1 86  ? -3.330  -8.739  -2.831  1.00 16.25 ? 104 VAL A CG1 1 
ATOM   697 C  CG2 . VAL A 1 86  ? -1.708  -6.783  -2.878  1.00 19.42 ? 104 VAL A CG2 1 
ATOM   698 N  N   . ILE A 1 87  ? -2.120  -10.947 -0.719  1.00 14.83 ? 105 ILE A N   1 
ATOM   699 C  CA  . ILE A 1 87  ? -2.202  -12.407 -0.594  1.00 18.94 ? 105 ILE A CA  1 
ATOM   700 C  C   . ILE A 1 87  ? -3.569  -12.828 -1.107  1.00 25.06 ? 105 ILE A C   1 
ATOM   701 O  O   . ILE A 1 87  ? -4.601  -12.218 -0.770  1.00 19.31 ? 105 ILE A O   1 
ATOM   702 C  CB  . ILE A 1 87  ? -2.046  -12.839 0.871   1.00 18.34 ? 105 ILE A CB  1 
ATOM   703 C  CG1 . ILE A 1 87  ? -0.714  -12.335 1.454   1.00 21.70 ? 105 ILE A CG1 1 
ATOM   704 C  CG2 . ILE A 1 87  ? -2.161  -14.377 1.013   1.00 22.26 ? 105 ILE A CG2 1 
ATOM   705 C  CD1 . ILE A 1 87  ? -0.692  -12.320 2.971   1.00 25.20 ? 105 ILE A CD1 1 
ATOM   706 N  N   . CYS A 1 88  ? -3.588  -13.861 -1.942  1.00 21.38 ? 106 CYS A N   1 
ATOM   707 C  CA  . CYS A 1 88  ? -4.842  -14.460 -2.347  1.00 23.40 ? 106 CYS A CA  1 
ATOM   708 C  C   . CYS A 1 88  ? -4.663  -15.946 -2.130  1.00 25.38 ? 106 CYS A C   1 
ATOM   709 O  O   . CYS A 1 88  ? -3.940  -16.593 -2.873  1.00 21.40 ? 106 CYS A O   1 
ATOM   710 C  CB  . CYS A 1 88  ? -5.148  -14.120 -3.797  1.00 27.78 ? 106 CYS A CB  1 
ATOM   711 S  SG  . CYS A 1 88  ? -5.752  -12.385 -3.869  1.00 36.35 ? 106 CYS A SG  1 
ATOM   712 N  N   . GLY A 1 89  ? -5.261  -16.463 -1.068  1.00 25.31 ? 107 GLY A N   1 
ATOM   713 C  CA  . GLY A 1 89  ? -5.014  -17.856 -0.701  1.00 29.74 ? 107 GLY A CA  1 
ATOM   714 C  C   . GLY A 1 89  ? -3.551  -18.033 -0.354  1.00 28.01 ? 107 GLY A C   1 
ATOM   715 O  O   . GLY A 1 89  ? -3.011  -17.316 0.491   1.00 25.91 ? 107 GLY A O   1 
ATOM   716 N  N   . ALA A 1 90  ? -2.894  -18.987 -1.021  1.00 26.70 ? 108 ALA A N   1 
ATOM   717 C  CA  . ALA A 1 90  ? -1.487  -19.230 -0.786  1.00 24.84 ? 108 ALA A CA  1 
ATOM   718 C  C   . ALA A 1 90  ? -0.599  -18.396 -1.709  1.00 19.26 ? 108 ALA A C   1 
ATOM   719 O  O   . ALA A 1 90  ? 0.597   -18.308 -1.467  1.00 23.16 ? 108 ALA A O   1 
ATOM   720 C  CB  . ALA A 1 90  ? -1.155  -20.711 -0.955  1.00 26.52 ? 108 ALA A CB  1 
ATOM   721 N  N   . ALA A 1 91  ? -1.197  -17.813 -2.739  1.00 18.55 ? 109 ALA A N   1 
ATOM   722 C  CA  . ALA A 1 91  ? -0.509  -16.905 -3.652  1.00 17.96 ? 109 ALA A CA  1 
ATOM   723 C  C   . ALA A 1 91  ? -0.257  -15.533 -3.036  1.00 23.16 ? 109 ALA A C   1 
ATOM   724 O  O   . ALA A 1 91  ? -1.125  -14.989 -2.350  1.00 19.98 ? 109 ALA A O   1 
ATOM   725 C  CB  . ALA A 1 91  ? -1.286  -16.745 -4.930  1.00 16.56 ? 109 ALA A CB  1 
ATOM   726 N  N   . TRP A 1 92  ? 0.901   -14.958 -3.338  1.00 19.76 ? 110 TRP A N   1 
ATOM   727 C  CA  . TRP A 1 92  ? 1.248   -13.653 -2.781  1.00 18.43 ? 110 TRP A CA  1 
ATOM   728 C  C   . TRP A 1 92  ? 2.323   -13.024 -3.641  1.00 22.35 ? 110 TRP A C   1 
ATOM   729 O  O   . TRP A 1 92  ? 3.029   -13.719 -4.402  1.00 21.07 ? 110 TRP A O   1 
ATOM   730 C  CB  . TRP A 1 92  ? 1.786   -13.842 -1.367  1.00 19.79 ? 110 TRP A CB  1 
ATOM   731 C  CG  . TRP A 1 92  ? 2.981   -14.769 -1.349  1.00 25.06 ? 110 TRP A CG  1 
ATOM   732 C  CD1 . TRP A 1 92  ? 2.954   -16.137 -1.294  1.00 25.68 ? 110 TRP A CD1 1 
ATOM   733 C  CD2 . TRP A 1 92  ? 4.363   -14.400 -1.455  1.00 29.60 ? 110 TRP A CD2 1 
ATOM   734 N  NE1 . TRP A 1 92  ? 4.234   -16.638 -1.315  1.00 26.42 ? 110 TRP A NE1 1 
ATOM   735 C  CE2 . TRP A 1 92  ? 5.119   -15.600 -1.422  1.00 29.23 ? 110 TRP A CE2 1 
ATOM   736 C  CE3 . TRP A 1 92  ? 5.039   -13.178 -1.555  1.00 29.77 ? 110 TRP A CE3 1 
ATOM   737 C  CZ2 . TRP A 1 92  ? 6.512   -15.609 -1.491  1.00 28.43 ? 110 TRP A CZ2 1 
ATOM   738 C  CZ3 . TRP A 1 92  ? 6.438   -13.187 -1.625  1.00 28.56 ? 110 TRP A CZ3 1 
ATOM   739 C  CH2 . TRP A 1 92  ? 7.151   -14.397 -1.604  1.00 30.70 ? 110 TRP A CH2 1 
ATOM   740 N  N   . ASP A 1 93  ? 2.453   -11.701 -3.529  1.00 15.03 ? 111 ASP A N   1 
ATOM   741 C  CA  . ASP A 1 93  ? 3.577   -10.994 -4.108  1.00 15.94 ? 111 ASP A CA  1 
ATOM   742 C  C   . ASP A 1 93  ? 3.631   -9.658  -3.401  1.00 20.05 ? 111 ASP A C   1 
ATOM   743 O  O   . ASP A 1 93  ? 2.700   -9.294  -2.644  1.00 16.20 ? 111 ASP A O   1 
ATOM   744 C  CB  . ASP A 1 93  ? 3.385   -10.814 -5.610  1.00 16.18 ? 111 ASP A CB  1 
ATOM   745 C  CG  . ASP A 1 93  ? 4.672   -10.410 -6.332  1.00 16.84 ? 111 ASP A CG  1 
ATOM   746 O  OD1 . ASP A 1 93  ? 5.774   -10.569 -5.766  1.00 16.10 ? 111 ASP A OD1 1 
ATOM   747 O  OD2 . ASP A 1 93  ? 4.549   -9.937  -7.460  1.00 19.57 ? 111 ASP A OD2 1 
ATOM   748 N  N   . TYR A 1 94  ? 4.741   -8.957  -3.585  1.00 19.50 ? 112 TYR A N   1 
ATOM   749 C  CA  . TYR A 1 94  ? 4.876   -7.643  -2.957  1.00 16.98 ? 112 TYR A CA  1 
ATOM   750 C  C   . TYR A 1 94  ? 5.797   -6.760  -3.766  1.00 19.92 ? 112 TYR A C   1 
ATOM   751 O  O   . TYR A 1 94  ? 6.545   -7.236  -4.628  1.00 17.45 ? 112 TYR A O   1 
ATOM   752 C  CB  . TYR A 1 94  ? 5.277   -7.737  -1.474  1.00 20.56 ? 112 TYR A CB  1 
ATOM   753 C  CG  . TYR A 1 94  ? 6.665   -8.270  -1.148  1.00 28.14 ? 112 TYR A CG  1 
ATOM   754 C  CD1 . TYR A 1 94  ? 7.807   -7.512  -1.401  1.00 32.25 ? 112 TYR A CD1 1 
ATOM   755 C  CD2 . TYR A 1 94  ? 6.819   -9.499  -0.504  1.00 31.96 ? 112 TYR A CD2 1 
ATOM   756 C  CE1 . TYR A 1 94  ? 9.071   -7.984  -1.062  1.00 35.65 ? 112 TYR A CE1 1 
ATOM   757 C  CE2 . TYR A 1 94  ? 8.075   -9.984  -0.160  1.00 35.57 ? 112 TYR A CE2 1 
ATOM   758 C  CZ  . TYR A 1 94  ? 9.203   -9.220  -0.439  1.00 34.65 ? 112 TYR A CZ  1 
ATOM   759 O  OH  . TYR A 1 94  ? 10.463  -9.711  -0.100  1.00 36.43 ? 112 TYR A OH  1 
ATOM   760 N  N   . LYS A 1 95  ? 5.694   -5.460  -3.540  1.00 14.61 ? 113 LYS A N   1 
ATOM   761 C  CA  . LYS A 1 95  ? 6.584   -4.533  -4.189  1.00 14.06 ? 113 LYS A CA  1 
ATOM   762 C  C   . LYS A 1 95  ? 6.940   -3.468  -3.155  1.00 18.67 ? 113 LYS A C   1 
ATOM   763 O  O   . LYS A 1 95  ? 6.300   -3.381  -2.107  1.00 18.47 ? 113 LYS A O   1 
ATOM   764 C  CB  . LYS A 1 95  ? 5.949   -3.911  -5.437  1.00 17.31 ? 113 LYS A CB  1 
ATOM   765 C  CG  . LYS A 1 95  ? 5.738   -4.865  -6.623  1.00 20.53 ? 113 LYS A CG  1 
ATOM   766 C  CD  . LYS A 1 95  ? 7.076   -5.326  -7.202  1.00 22.96 ? 113 LYS A CD  1 
ATOM   767 C  CE  . LYS A 1 95  ? 6.886   -6.305  -8.369  1.00 24.61 ? 113 LYS A CE  1 
ATOM   768 N  NZ  . LYS A 1 95  ? 6.248   -7.568  -7.914  1.00 26.99 ? 113 LYS A NZ  1 
ATOM   769 N  N   . TYR A 1 96  ? 7.986   -2.693  -3.429  1.00 15.42 ? 114 TYR A N   1 
ATOM   770 C  CA  . TYR A 1 96  ? 8.369   -1.607  -2.532  1.00 16.77 ? 114 TYR A CA  1 
ATOM   771 C  C   . TYR A 1 96  ? 7.935   -0.258  -3.092  1.00 16.61 ? 114 TYR A C   1 
ATOM   772 O  O   . TYR A 1 96  ? 8.017   -0.019  -4.299  1.00 18.13 ? 114 TYR A O   1 
ATOM   773 C  CB  . TYR A 1 96  ? 9.889   -1.611  -2.325  1.00 20.32 ? 114 TYR A CB  1 
ATOM   774 C  CG  . TYR A 1 96  ? 10.352  -2.778  -1.498  1.00 22.88 ? 114 TYR A CG  1 
ATOM   775 C  CD1 . TYR A 1 96  ? 10.209  -2.764  -0.136  1.00 22.35 ? 114 TYR A CD1 1 
ATOM   776 C  CD2 . TYR A 1 96  ? 10.914  -3.912  -2.091  1.00 26.19 ? 114 TYR A CD2 1 
ATOM   777 C  CE1 . TYR A 1 96  ? 10.618  -3.829  0.642   1.00 28.35 ? 114 TYR A CE1 1 
ATOM   778 C  CE2 . TYR A 1 96  ? 11.323  -4.984  -1.319  1.00 27.40 ? 114 TYR A CE2 1 
ATOM   779 C  CZ  . TYR A 1 96  ? 11.171  -4.936  0.041   1.00 28.18 ? 114 TYR A CZ  1 
ATOM   780 O  OH  . TYR A 1 96  ? 11.558  -5.982  0.843   1.00 30.17 ? 114 TYR A OH  1 
ATOM   781 N  N   . LEU A 1 97  ? 7.477   0.632   -2.213  1.00 17.16 ? 115 LEU A N   1 
ATOM   782 C  CA  A LEU A 1 97  ? 7.340   2.021   -2.655  0.50 16.78 ? 115 LEU A CA  1 
ATOM   783 C  CA  B LEU A 1 97  ? 7.116   2.029   -2.527  0.50 17.68 ? 115 LEU A CA  1 
ATOM   784 C  C   . LEU A 1 97  ? 7.905   2.934   -1.594  1.00 16.76 ? 115 LEU A C   1 
ATOM   785 O  O   . LEU A 1 97  ? 8.161   2.531   -0.465  1.00 18.55 ? 115 LEU A O   1 
ATOM   786 C  CB  A LEU A 1 97  ? 5.904   2.401   -3.041  0.50 18.14 ? 115 LEU A CB  1 
ATOM   787 C  CB  B LEU A 1 97  ? 5.634   2.260   -2.205  0.50 18.44 ? 115 LEU A CB  1 
ATOM   788 C  CG  A LEU A 1 97  ? 4.803   2.186   -2.001  0.50 18.26 ? 115 LEU A CG  1 
ATOM   789 C  CG  B LEU A 1 97  ? 4.590   1.327   -2.820  0.50 18.48 ? 115 LEU A CG  1 
ATOM   790 C  CD1 A LEU A 1 97  ? 4.824   3.303   -0.971  0.50 22.95 ? 115 LEU A CD1 1 
ATOM   791 C  CD1 B LEU A 1 97  ? 3.199   1.669   -2.295  0.50 19.83 ? 115 LEU A CD1 1 
ATOM   792 C  CD2 A LEU A 1 97  ? 3.428   2.121   -2.694  0.50 17.89 ? 115 LEU A CD2 1 
ATOM   793 C  CD2 B LEU A 1 97  ? 4.624   1.426   -4.328  0.50 20.33 ? 115 LEU A CD2 1 
ATOM   794 N  N   . THR A 1 98  ? 8.186   4.165   -1.999  1.00 19.31 ? 116 THR A N   1 
ATOM   795 C  CA  . THR A 1 98  ? 8.819   5.108   -1.069  1.00 18.32 ? 116 THR A CA  1 
ATOM   796 C  C   . THR A 1 98  ? 7.958   6.359   -0.958  1.00 13.92 ? 116 THR A C   1 
ATOM   797 O  O   . THR A 1 98  ? 7.424   6.836   -1.967  1.00 20.69 ? 116 THR A O   1 
ATOM   798 C  CB  . THR A 1 98  ? 10.229  5.497   -1.554  1.00 24.13 ? 116 THR A CB  1 
ATOM   799 O  OG1 . THR A 1 98  ? 11.096  4.363   -1.406  1.00 26.66 ? 116 THR A OG1 1 
ATOM   800 C  CG2 . THR A 1 98  ? 10.765  6.656   -0.735  1.00 21.54 ? 116 THR A CG2 1 
ATOM   801 N  N   . VAL A 1 99  ? 7.754   6.831   0.267   1.00 17.55 ? 117 VAL A N   1 
ATOM   802 C  CA  . VAL A 1 99  ? 7.059   8.093   0.486   1.00 17.30 ? 117 VAL A CA  1 
ATOM   803 C  C   . VAL A 1 99  ? 8.101   9.136   0.888   1.00 17.43 ? 117 VAL A C   1 
ATOM   804 O  O   . VAL A 1 99  ? 8.851   8.926   1.836   1.00 18.08 ? 117 VAL A O   1 
ATOM   805 C  CB  . VAL A 1 99  ? 6.004   7.976   1.602   1.00 18.18 ? 117 VAL A CB  1 
ATOM   806 C  CG1 . VAL A 1 99  ? 5.371   9.330   1.888   1.00 19.66 ? 117 VAL A CG1 1 
ATOM   807 C  CG2 . VAL A 1 99  ? 4.942   6.941   1.243   1.00 17.86 ? 117 VAL A CG2 1 
ATOM   808 N  N   . LYS A 1 100 ? 8.161   10.223  0.129   1.00 20.52 ? 118 LYS A N   1 
ATOM   809 C  CA  . LYS A 1 100 ? 9.031   11.349  0.454   1.00 18.97 ? 118 LYS A CA  1 
ATOM   810 C  C   . LYS A 1 100 ? 8.132   12.484  0.920   1.00 19.71 ? 118 LYS A C   1 
ATOM   811 O  O   . LYS A 1 100 ? 7.204   12.872  0.217   1.00 22.49 ? 118 LYS A O   1 
ATOM   812 C  CB  . LYS A 1 100 ? 9.820   11.782  -0.782  1.00 22.15 ? 118 LYS A CB  1 
ATOM   813 C  CG  . LYS A 1 100 ? 10.870  10.814  -1.261  1.00 29.84 ? 118 LYS A CG  1 
ATOM   814 C  CD  . LYS A 1 100 ? 11.597  11.427  -2.450  1.00 40.26 ? 118 LYS A CD  1 
ATOM   815 C  CE  . LYS A 1 100 ? 12.113  12.815  -2.079  1.00 43.84 ? 118 LYS A CE  1 
ATOM   816 N  NZ  . LYS A 1 100 ? 12.378  13.682  -3.267  1.00 50.51 ? 118 LYS A NZ  1 
ATOM   817 N  N   . VAL A 1 101 ? 8.378   12.995  2.119   1.00 19.41 ? 119 VAL A N   1 
ATOM   818 C  CA  . VAL A 1 101 ? 7.477   13.986  2.688   1.00 20.63 ? 119 VAL A CA  1 
ATOM   819 C  C   . VAL A 1 101 ? 8.191   15.329  2.593   1.00 22.65 ? 119 VAL A C   1 
ATOM   820 O  O   . VAL A 1 101 ? 9.344   15.439  3.013   1.00 22.45 ? 119 VAL A O   1 
ATOM   821 C  CB  . VAL A 1 101 ? 7.141   13.668  4.148   1.00 20.90 ? 119 VAL A CB  1 
ATOM   822 C  CG1 . VAL A 1 101 ? 6.278   14.779  4.778   1.00 22.71 ? 119 VAL A CG1 1 
ATOM   823 C  CG2 . VAL A 1 101 ? 6.366   12.315  4.242   1.00 20.74 ? 119 VAL A CG2 1 
ATOM   824 N  N   . LYS A 1 102 ? 7.500   16.316  2.033   1.00 22.68 ? 120 LYS A N   1 
ATOM   825 C  CA  . LYS A 1 102 ? 8.066   17.660  1.835   1.00 25.41 ? 120 LYS A CA  1 
ATOM   826 C  C   . LYS A 1 102 ? 7.501   18.592  2.886   1.00 20.42 ? 120 LYS A C   1 
ATOM   827 O  O   . LYS A 1 102 ? 6.290   18.675  3.058   1.00 22.52 ? 120 LYS A O   1 
ATOM   828 C  CB  . LYS A 1 102 ? 7.680   18.213  0.464   1.00 27.04 ? 120 LYS A CB  1 
ATOM   829 C  CG  . LYS A 1 102 ? 8.049   17.337  -0.719  1.00 33.86 ? 120 LYS A CG  1 
ATOM   830 C  CD  . LYS A 1 102 ? 9.551   17.189  -0.861  1.00 40.38 ? 120 LYS A CD  1 
ATOM   831 C  CE  . LYS A 1 102 ? 9.916   16.309  -2.059  1.00 46.48 ? 120 LYS A CE  1 
ATOM   832 N  NZ  . LYS A 1 102 ? 11.388  16.275  -2.313  1.00 48.28 ? 120 LYS A NZ  1 
ATOM   833 N  N   . ALA A 1 103 ? 8.363   19.336  3.576   1.00 19.61 ? 121 ALA A N   1 
ATOM   834 C  CA  . ALA A 1 103 ? 7.861   20.303  4.534   1.00 19.67 ? 121 ALA A CA  1 
ATOM   835 C  C   . ALA A 1 103 ? 8.482   21.633  4.206   1.00 20.45 ? 121 ALA A C   1 
ATOM   836 O  O   . ALA A 1 103 ? 9.589   21.680  3.678   1.00 20.81 ? 121 ALA A O   1 
ATOM   837 C  CB  . ALA A 1 103 ? 8.201   19.896  5.923   1.00 22.01 ? 121 ALA A CB  1 
ATOM   838 N  N   . SER A 1 104 ? 7.748   22.707  4.466   1.00 23.16 ? 122 SER A N   1 
ATOM   839 C  CA  . SER A 1 104 ? 8.366   24.018  4.385   1.00 25.11 ? 122 SER A CA  1 
ATOM   840 C  C   . SER A 1 104 ? 8.137   24.721  5.710   1.00 26.19 ? 122 SER A C   1 
ATOM   841 O  O   . SER A 1 104 ? 7.075   24.599  6.338   1.00 26.21 ? 122 SER A O   1 
ATOM   842 C  CB  . SER A 1 104 ? 7.884   24.816  3.179   1.00 32.62 ? 122 SER A CB  1 
ATOM   843 O  OG  . SER A 1 104 ? 6.638   25.419  3.424   1.00 41.57 ? 122 SER A OG  1 
ATOM   844 N  N   . TYR A 1 105 ? 9.167   25.406  6.178   1.00 23.23 ? 123 TYR A N   1 
ATOM   845 C  CA  . TYR A 1 105 ? 9.130   26.005  7.483   1.00 22.38 ? 123 TYR A CA  1 
ATOM   846 C  C   . TYR A 1 105 ? 9.345   27.501  7.326   1.00 25.92 ? 123 TYR A C   1 
ATOM   847 O  O   . TYR A 1 105 ? 8.822   28.321  8.084   1.00 25.19 ? 123 TYR A O   1 
ATOM   848 C  CB  . TYR A 1 105 ? 10.234  25.431  8.359   1.00 26.44 ? 123 TYR A CB  1 
ATOM   849 C  CG  . TYR A 1 105 ? 10.150  23.947  8.566   1.00 26.04 ? 123 TYR A CG  1 
ATOM   850 C  CD1 . TYR A 1 105 ? 9.365   23.419  9.584   1.00 27.90 ? 123 TYR A CD1 1 
ATOM   851 C  CD2 . TYR A 1 105 ? 10.864  23.071  7.754   1.00 25.50 ? 123 TYR A CD2 1 
ATOM   852 C  CE1 . TYR A 1 105 ? 9.291   22.049  9.793   1.00 28.28 ? 123 TYR A CE1 1 
ATOM   853 C  CE2 . TYR A 1 105 ? 10.787  21.707  7.950   1.00 23.59 ? 123 TYR A CE2 1 
ATOM   854 C  CZ  . TYR A 1 105 ? 9.995   21.205  8.980   1.00 25.35 ? 123 TYR A CZ  1 
ATOM   855 O  OH  . TYR A 1 105 ? 9.907   19.850  9.198   1.00 24.86 ? 123 TYR A OH  1 
ATOM   856 O  OXT . TYR A 1 105 ? 10.062  27.905  6.424   1.00 24.87 ? 123 TYR A OXT 1 
HETATM 857 NA NA  . NA  B 2 .   ? 11.259  8.249   7.480   1.00 33.16 ? 1   NA  A NA  1 
HETATM 858 C  C   A FMT C 3 .   ? -0.810  -3.630  15.311  0.50 10.55 ? 124 FMT A C   1 
HETATM 859 C  C   B FMT C 3 .   ? -2.751  -2.612  15.089  0.50 13.40 ? 124 FMT A C   1 
HETATM 860 O  O1  A FMT C 3 .   ? -1.762  -4.403  15.161  0.50 10.40 ? 124 FMT A O1  1 
HETATM 861 O  O1  B FMT C 3 .   ? -3.042  -3.796  15.127  0.50 15.94 ? 124 FMT A O1  1 
HETATM 862 O  O2  A FMT C 3 .   ? -0.891  -2.403  15.213  0.50 20.07 ? 124 FMT A O2  1 
HETATM 863 O  O2  B FMT C 3 .   ? -1.708  -2.183  15.552  0.50 16.88 ? 124 FMT A O2  1 
HETATM 864 O  O   . HOH D 4 .   ? -7.970  -1.183  -2.323  1.00 16.91 ? 125 HOH A O   1 
HETATM 865 O  O   . HOH D 4 .   ? 4.379   -0.990  9.418   1.00 19.08 ? 126 HOH A O   1 
HETATM 866 O  O   . HOH D 4 .   ? 3.412   0.880   16.266  1.00 21.31 ? 127 HOH A O   1 
HETATM 867 O  O   . HOH D 4 .   ? 10.345  2.797   6.234   1.00 20.31 ? 128 HOH A O   1 
HETATM 868 O  O   . HOH D 4 .   ? 12.816  3.682   4.997   1.00 25.83 ? 129 HOH A O   1 
HETATM 869 O  O   . HOH D 4 .   ? -5.145  1.984   11.680  0.50 31.33 ? 130 HOH A O   1 
HETATM 870 O  O   . HOH D 4 .   ? 2.247   2.961   -6.875  1.00 21.49 ? 131 HOH A O   1 
HETATM 871 O  O   . HOH D 4 .   ? -10.486 -0.924  4.895   1.00 19.58 ? 132 HOH A O   1 
HETATM 872 O  O   . HOH D 4 .   ? -8.062  7.131   5.312   1.00 26.85 ? 133 HOH A O   1 
HETATM 873 O  O   . HOH D 4 .   ? 5.697   13.114  12.050  1.00 25.15 ? 134 HOH A O   1 
HETATM 874 O  O   . HOH D 4 .   ? 2.840   -16.620 -4.964  0.50 22.71 ? 135 HOH A O   1 
HETATM 875 O  O   . HOH D 4 .   ? -5.189  16.336  5.048   1.00 24.39 ? 136 HOH A O   1 
HETATM 876 O  O   . HOH D 4 .   ? 6.143   -2.869  -9.964  1.00 26.31 ? 137 HOH A O   1 
HETATM 877 O  O   . HOH D 4 .   ? -3.219  10.877  8.659   1.00 20.51 ? 138 HOH A O   1 
HETATM 878 O  O   . HOH D 4 .   ? -13.102 -0.994  4.735   1.00 31.44 ? 139 HOH A O   1 
HETATM 879 O  O   . HOH D 4 .   ? 2.277   2.258   11.760  1.00 22.14 ? 140 HOH A O   1 
HETATM 880 O  O   . HOH D 4 .   ? 9.646   -3.388  -5.727  1.00 30.56 ? 141 HOH A O   1 
HETATM 881 O  O   . HOH D 4 .   ? 3.714   5.833   8.554   1.00 29.11 ? 142 HOH A O   1 
HETATM 882 O  O   . HOH D 4 .   ? 11.710  9.134   2.090   1.00 25.28 ? 143 HOH A O   1 
HETATM 883 O  O   . HOH D 4 .   ? -3.751  -0.078  9.362   1.00 27.16 ? 144 HOH A O   1 
HETATM 884 O  O   . HOH D 4 .   ? 10.930  1.981   -2.860  1.00 32.34 ? 145 HOH A O   1 
HETATM 885 O  O   . HOH D 4 .   ? 4.880   15.950  10.728  1.00 26.89 ? 146 HOH A O   1 
HETATM 886 O  O   . HOH D 4 .   ? -5.486  10.643  -3.033  1.00 40.05 ? 147 HOH A O   1 
HETATM 887 O  O   . HOH D 4 .   ? -7.233  11.713  -0.881  1.00 25.39 ? 148 HOH A O   1 
HETATM 888 O  O   . HOH D 4 .   ? -12.695 -5.722  5.143   1.00 29.50 ? 149 HOH A O   1 
HETATM 889 O  O   . HOH D 4 .   ? -6.230  6.218   7.281   1.00 26.18 ? 150 HOH A O   1 
HETATM 890 O  O   . HOH D 4 .   ? -1.978  9.973   -4.258  1.00 39.59 ? 151 HOH A O   1 
HETATM 891 O  O   . HOH D 4 .   ? 11.434  -1.041  12.988  1.00 40.40 ? 152 HOH A O   1 
HETATM 892 O  O   . HOH D 4 .   ? 0.939   12.040  13.116  0.50 38.23 ? 153 HOH A O   1 
HETATM 893 O  O   . HOH D 4 .   ? 1.089   16.666  -1.715  1.00 36.75 ? 154 HOH A O   1 
HETATM 894 O  O   . HOH D 4 .   ? 14.241  1.314   3.683   1.00 37.40 ? 155 HOH A O   1 
HETATM 895 O  O   . HOH D 4 .   ? 5.724   5.821   11.033  1.00 34.59 ? 156 HOH A O   1 
HETATM 896 O  O   . HOH D 4 .   ? 4.789   22.273  4.795   1.00 46.76 ? 157 HOH A O   1 
HETATM 897 O  O   . HOH D 4 .   ? 9.989   8.049   9.400   1.00 32.18 ? 158 HOH A O   1 
HETATM 898 O  O   . HOH D 4 .   ? -3.680  8.195   9.575   1.00 28.15 ? 159 HOH A O   1 
HETATM 899 O  O   . HOH D 4 .   ? 5.132   2.682   -13.918 1.00 31.78 ? 160 HOH A O   1 
HETATM 900 O  O   . HOH D 4 .   ? 11.949  5.846   8.349   1.00 32.05 ? 161 HOH A O   1 
HETATM 901 O  O   . HOH D 4 .   ? 0.955   9.131   14.610  1.00 45.61 ? 162 HOH A O   1 
HETATM 902 O  O   . HOH D 4 .   ? 8.523   5.597   10.952  1.00 30.21 ? 163 HOH A O   1 
HETATM 903 O  O   . HOH D 4 .   ? 5.195   21.511  1.664   1.00 42.16 ? 164 HOH A O   1 
HETATM 904 O  O   . HOH D 4 .   ? -11.877 5.283   -4.072  1.00 48.44 ? 165 HOH A O   1 
HETATM 905 O  O   . HOH D 4 .   ? 8.447   6.702   -9.211  1.00 35.82 ? 166 HOH A O   1 
HETATM 906 O  O   . HOH D 4 .   ? 8.736   14.118  14.586  1.00 39.45 ? 167 HOH A O   1 
HETATM 907 O  O   . HOH D 4 .   ? -0.107  -6.824  -11.062 1.00 38.97 ? 168 HOH A O   1 
HETATM 908 O  O   . HOH D 4 .   ? 4.313   11.808  -6.209  1.00 44.76 ? 169 HOH A O   1 
HETATM 909 O  O   . HOH D 4 .   ? 7.304   11.438  -6.901  1.00 42.27 ? 170 HOH A O   1 
HETATM 910 O  O   . HOH D 4 .   ? 3.529   -10.133 6.343   1.00 50.65 ? 171 HOH A O   1 
HETATM 911 O  O   . HOH D 4 .   ? -5.234  -9.641  -14.336 1.00 52.57 ? 172 HOH A O   1 
HETATM 912 O  O   . HOH D 4 .   ? 0.561   14.500  13.536  1.00 48.19 ? 173 HOH A O   1 
HETATM 913 O  O   . HOH D 4 .   ? 1.319   21.584  6.539   1.00 43.30 ? 174 HOH A O   1 
HETATM 914 O  O   . HOH D 4 .   ? 14.520  -1.431  -2.228  1.00 48.52 ? 175 HOH A O   1 
HETATM 915 O  O   . HOH D 4 .   ? 10.903  7.470   12.361  1.00 40.40 ? 176 HOH A O   1 
HETATM 916 O  O   . HOH D 4 .   ? 6.407   -9.932  -9.183  1.00 36.70 ? 177 HOH A O   1 
HETATM 917 O  O   . HOH D 4 .   ? -9.029  3.339   9.571   1.00 43.00 ? 178 HOH A O   1 
HETATM 918 O  O   . HOH D 4 .   ? 13.371  6.924   2.083   1.00 42.19 ? 179 HOH A O   1 
HETATM 919 O  O   . HOH D 4 .   ? 9.884   2.396   15.923  1.00 44.47 ? 180 HOH A O   1 
HETATM 920 O  O   . HOH D 4 .   ? 6.123   4.024   13.098  1.00 39.45 ? 181 HOH A O   1 
HETATM 921 O  O   . HOH D 4 .   ? -15.955 -4.446  4.697   1.00 40.10 ? 182 HOH A O   1 
HETATM 922 O  O   . HOH D 4 .   ? -3.655  -23.480 -1.562  1.00 47.74 ? 183 HOH A O   1 
HETATM 923 O  O   . HOH D 4 .   ? 0.043   5.151   15.158  1.00 45.49 ? 184 HOH A O   1 
HETATM 924 O  O   . HOH D 4 .   ? -1.709  8.062   14.003  1.00 45.96 ? 185 HOH A O   1 
HETATM 925 O  O   . HOH D 4 .   ? 13.767  -0.018  11.978  1.00 38.22 ? 186 HOH A O   1 
HETATM 926 O  O   . HOH D 4 .   ? 0.087   18.881  9.432   1.00 49.83 ? 187 HOH A O   1 
HETATM 927 O  O   . HOH D 4 .   ? -5.019  -5.352  -11.590 1.00 36.85 ? 188 HOH A O   1 
HETATM 928 O  O   . HOH D 4 .   ? -9.970  10.713  -2.080  0.50 31.48 ? 189 HOH A O   1 
HETATM 929 O  O   . HOH D 4 .   ? -7.145  -7.244  -11.876 1.00 40.94 ? 190 HOH A O   1 
HETATM 930 O  O   . HOH D 4 .   ? 8.071   -9.243  -6.713  1.00 43.97 ? 191 HOH A O   1 
HETATM 931 O  O   . HOH D 4 .   ? 1.929   11.769  -4.911  1.00 53.55 ? 192 HOH A O   1 
HETATM 932 O  O   . HOH D 4 .   ? -3.878  7.458   12.223  1.00 41.37 ? 193 HOH A O   1 
HETATM 933 O  O   . HOH D 4 .   ? 11.730  10.787  19.437  1.00 42.39 ? 194 HOH A O   1 
HETATM 934 O  O   . HOH D 4 .   ? 12.896  -8.076  -0.800  1.00 47.49 ? 195 HOH A O   1 
HETATM 935 O  O   . HOH D 4 .   ? 0.542   -11.657 -12.852 1.00 35.67 ? 196 HOH A O   1 
HETATM 936 O  O   . HOH D 4 .   ? -0.277  13.298  -2.382  1.00 42.23 ? 197 HOH A O   1 
HETATM 937 O  O   . HOH D 4 .   ? -6.861  -9.790  -12.575 1.00 42.85 ? 198 HOH A O   1 
HETATM 938 O  O   . HOH D 4 .   ? -8.267  -15.517 -2.962  1.00 38.66 ? 199 HOH A O   1 
HETATM 939 O  O   . HOH D 4 .   ? -9.789  -11.753 3.802   1.00 33.40 ? 200 HOH A O   1 
HETATM 940 O  O   . HOH D 4 .   ? 12.540  8.486   5.619   1.00 31.13 ? 201 HOH A O   1 
HETATM 941 O  O   . HOH D 4 .   ? 8.124   4.400   15.167  1.00 49.74 ? 202 HOH A O   1 
HETATM 942 O  O   . HOH D 4 .   ? 4.647   2.704   14.797  1.00 23.43 ? 203 HOH A O   1 
HETATM 943 O  O   . HOH D 4 .   ? -4.465  -20.836 -2.584  1.00 42.38 ? 204 HOH A O   1 
HETATM 944 O  O   . HOH D 4 .   ? -12.792 -8.006  -4.180  1.00 51.09 ? 205 HOH A O   1 
# 
